data_1MIL
# 
_entry.id   1MIL 
# 
_audit_conform.dict_name       mmcif_pdbx.dic 
_audit_conform.dict_version    5.386 
_audit_conform.dict_location   http://mmcif.pdb.org/dictionaries/ascii/mmcif_pdbx.dic 
# 
loop_
_database_2.database_id 
_database_2.database_code 
_database_2.pdbx_database_accession 
_database_2.pdbx_DOI 
PDB   1MIL         pdb_00001mil 10.2210/pdb1mil/pdb 
WWPDB D_1000175016 ?            ?                   
# 
loop_
_pdbx_audit_revision_history.ordinal 
_pdbx_audit_revision_history.data_content_type 
_pdbx_audit_revision_history.major_revision 
_pdbx_audit_revision_history.minor_revision 
_pdbx_audit_revision_history.revision_date 
1 'Structure model' 1 0 1996-11-08 
2 'Structure model' 1 1 2008-03-24 
3 'Structure model' 1 2 2011-07-13 
4 'Structure model' 1 3 2024-02-14 
# 
_pdbx_audit_revision_details.ordinal             1 
_pdbx_audit_revision_details.revision_ordinal    1 
_pdbx_audit_revision_details.data_content_type   'Structure model' 
_pdbx_audit_revision_details.provider            repository 
_pdbx_audit_revision_details.type                'Initial release' 
_pdbx_audit_revision_details.description         ? 
_pdbx_audit_revision_details.details             ? 
# 
loop_
_pdbx_audit_revision_group.ordinal 
_pdbx_audit_revision_group.revision_ordinal 
_pdbx_audit_revision_group.data_content_type 
_pdbx_audit_revision_group.group 
1 2 'Structure model' 'Version format compliance' 
2 3 'Structure model' 'Version format compliance' 
3 4 'Structure model' 'Data collection'           
4 4 'Structure model' 'Database references'       
5 4 'Structure model' Other                       
# 
loop_
_pdbx_audit_revision_category.ordinal 
_pdbx_audit_revision_category.revision_ordinal 
_pdbx_audit_revision_category.data_content_type 
_pdbx_audit_revision_category.category 
1 4 'Structure model' chem_comp_atom       
2 4 'Structure model' chem_comp_bond       
3 4 'Structure model' database_2           
4 4 'Structure model' pdbx_database_status 
# 
loop_
_pdbx_audit_revision_item.ordinal 
_pdbx_audit_revision_item.revision_ordinal 
_pdbx_audit_revision_item.data_content_type 
_pdbx_audit_revision_item.item 
1 4 'Structure model' '_database_2.pdbx_DOI'                
2 4 'Structure model' '_database_2.pdbx_database_accession' 
3 4 'Structure model' '_pdbx_database_status.process_site'  
# 
_pdbx_database_status.status_code                     REL 
_pdbx_database_status.entry_id                        1MIL 
_pdbx_database_status.recvd_initial_deposition_date   1995-09-20 
_pdbx_database_status.deposit_site                    ? 
_pdbx_database_status.process_site                    BNL 
_pdbx_database_status.SG_entry                        . 
_pdbx_database_status.pdb_format_compatible           Y 
_pdbx_database_status.status_code_mr                  ? 
_pdbx_database_status.status_code_sf                  ? 
_pdbx_database_status.status_code_cs                  ? 
_pdbx_database_status.status_code_nmr_data            ? 
_pdbx_database_status.methods_development_category    ? 
# 
_audit_author.name           'Mikol, V.' 
_audit_author.pdbx_ordinal   1 
# 
loop_
_citation.id 
_citation.title 
_citation.journal_abbrev 
_citation.journal_volume 
_citation.page_first 
_citation.page_last 
_citation.year 
_citation.journal_id_ASTM 
_citation.country 
_citation.journal_id_ISSN 
_citation.journal_id_CSD 
_citation.book_publisher 
_citation.pdbx_database_id_PubMed 
_citation.pdbx_database_id_DOI 
primary 
'Crystal structure of the SH2 domain from the adaptor protein SHC: a model for peptide binding based on X-ray and NMR data.' 
J.Mol.Biol.                254 86   95 1995 JMOBAK UK 0022-2836 0070 ? 7473762 10.1006/jmbi.1995.0601 
1       'Crystallization of the Complex between Cyclophilin a and Cyclosporin Derivatives: The Use of Cross-Seeding' 
'Acta Crystallogr.,Sect.D' 50  543  ?  1994 ABCRE6 DK 0907-4449 0766 ? ?       ?                      
2       'X-Ray Structure of a Monomeric Cyclophilin A-Cyclosporin a Crystal Complex at 2.1 A Resolution' J.Mol.Biol. 234 1119 ?  
1993 JMOBAK UK 0022-2836 0070 ? ?       ?                      
3       'A Novel Transforming Protein (Shc) with an Sh2 Domain is Implicated in Mitogenic Signal Transduction' 
'Cell(Cambridge,Mass.)'    70  93   ?  1992 CELLB5 US 0092-8674 0998 ? ?       ?                      
# 
loop_
_citation_author.citation_id 
_citation_author.name 
_citation_author.ordinal 
_citation_author.identifier_ORCID 
primary 'Mikol, V.'        1  ? 
primary 'Baumann, G.'      2  ? 
primary 'Zurini, M.G.'     3  ? 
primary 'Hommel, U.'       4  ? 
1       'Mikol, V.'        5  ? 
1       'Duc, D.'          6  ? 
2       'Mikol, V.'        7  ? 
2       'Kallen, J.'       8  ? 
2       'Pflugl, G.'       9  ? 
2       'Walkinshaw, M.D.' 10 ? 
3       'Pelicci, G.'      11 ? 
3       'Lanfrancone, L.'  12 ? 
3       'Grignani, F.'     13 ? 
3       'Mcglade, J.'      14 ? 
3       'Cavallo, F.'      15 ? 
3       'Forni, G.'        16 ? 
3       'Nicoletti, I.'    17 ? 
3       'Grignani, F.'     18 ? 
3       'Pawson, T.'       19 ? 
3       'Pelicci, P.G.'    20 ? 
# 
loop_
_entity.id 
_entity.type 
_entity.src_method 
_entity.pdbx_description 
_entity.formula_weight 
_entity.pdbx_number_of_molecules 
_entity.pdbx_ec 
_entity.pdbx_mutation 
_entity.pdbx_fragment 
_entity.details 
1 polymer man 'SHC ADAPTOR PROTEIN' 11713.277 1  ? ? 'PHOSPHOTYROSINE RECOGNITION DOMAIN SH2' ? 
2 water   nat water                 18.015    85 ? ? ?                                        ? 
# 
_entity_poly.entity_id                      1 
_entity_poly.type                           'polypeptide(L)' 
_entity_poly.nstd_linkage                   no 
_entity_poly.nstd_monomer                   no 
_entity_poly.pdbx_seq_one_letter_code       
;GSQLRGEPWFHGKLSRREAEALLQLNGDFLVRESTTTPGQYVLTGLQSGQPKHLLLVDPEGVVRTKDHRFESVSHLISYH
MDNHLPIISAGSELCLQQPVERKL
;
_entity_poly.pdbx_seq_one_letter_code_can   
;GSQLRGEPWFHGKLSRREAEALLQLNGDFLVRESTTTPGQYVLTGLQSGQPKHLLLVDPEGVVRTKDHRFESVSHLISYH
MDNHLPIISAGSELCLQQPVERKL
;
_entity_poly.pdbx_strand_id                 A 
_entity_poly.pdbx_target_identifier         ? 
# 
_pdbx_entity_nonpoly.entity_id   2 
_pdbx_entity_nonpoly.name        water 
_pdbx_entity_nonpoly.comp_id     HOH 
# 
loop_
_entity_poly_seq.entity_id 
_entity_poly_seq.num 
_entity_poly_seq.mon_id 
_entity_poly_seq.hetero 
1 1   GLY n 
1 2   SER n 
1 3   GLN n 
1 4   LEU n 
1 5   ARG n 
1 6   GLY n 
1 7   GLU n 
1 8   PRO n 
1 9   TRP n 
1 10  PHE n 
1 11  HIS n 
1 12  GLY n 
1 13  LYS n 
1 14  LEU n 
1 15  SER n 
1 16  ARG n 
1 17  ARG n 
1 18  GLU n 
1 19  ALA n 
1 20  GLU n 
1 21  ALA n 
1 22  LEU n 
1 23  LEU n 
1 24  GLN n 
1 25  LEU n 
1 26  ASN n 
1 27  GLY n 
1 28  ASP n 
1 29  PHE n 
1 30  LEU n 
1 31  VAL n 
1 32  ARG n 
1 33  GLU n 
1 34  SER n 
1 35  THR n 
1 36  THR n 
1 37  THR n 
1 38  PRO n 
1 39  GLY n 
1 40  GLN n 
1 41  TYR n 
1 42  VAL n 
1 43  LEU n 
1 44  THR n 
1 45  GLY n 
1 46  LEU n 
1 47  GLN n 
1 48  SER n 
1 49  GLY n 
1 50  GLN n 
1 51  PRO n 
1 52  LYS n 
1 53  HIS n 
1 54  LEU n 
1 55  LEU n 
1 56  LEU n 
1 57  VAL n 
1 58  ASP n 
1 59  PRO n 
1 60  GLU n 
1 61  GLY n 
1 62  VAL n 
1 63  VAL n 
1 64  ARG n 
1 65  THR n 
1 66  LYS n 
1 67  ASP n 
1 68  HIS n 
1 69  ARG n 
1 70  PHE n 
1 71  GLU n 
1 72  SER n 
1 73  VAL n 
1 74  SER n 
1 75  HIS n 
1 76  LEU n 
1 77  ILE n 
1 78  SER n 
1 79  TYR n 
1 80  HIS n 
1 81  MET n 
1 82  ASP n 
1 83  ASN n 
1 84  HIS n 
1 85  LEU n 
1 86  PRO n 
1 87  ILE n 
1 88  ILE n 
1 89  SER n 
1 90  ALA n 
1 91  GLY n 
1 92  SER n 
1 93  GLU n 
1 94  LEU n 
1 95  CYS n 
1 96  LEU n 
1 97  GLN n 
1 98  GLN n 
1 99  PRO n 
1 100 VAL n 
1 101 GLU n 
1 102 ARG n 
1 103 LYS n 
1 104 LEU n 
# 
_entity_src_gen.entity_id                          1 
_entity_src_gen.pdbx_src_id                        1 
_entity_src_gen.pdbx_alt_source_flag               sample 
_entity_src_gen.pdbx_seq_type                      ? 
_entity_src_gen.pdbx_beg_seq_num                   ? 
_entity_src_gen.pdbx_end_seq_num                   ? 
_entity_src_gen.gene_src_common_name               human 
_entity_src_gen.gene_src_genus                     Homo 
_entity_src_gen.pdbx_gene_src_gene                 T7 
_entity_src_gen.gene_src_species                   ? 
_entity_src_gen.gene_src_strain                    ? 
_entity_src_gen.gene_src_tissue                    ? 
_entity_src_gen.gene_src_tissue_fraction           ? 
_entity_src_gen.gene_src_details                   ? 
_entity_src_gen.pdbx_gene_src_fragment             ? 
_entity_src_gen.pdbx_gene_src_scientific_name      'Homo sapiens' 
_entity_src_gen.pdbx_gene_src_ncbi_taxonomy_id     9606 
_entity_src_gen.pdbx_gene_src_variant              ? 
_entity_src_gen.pdbx_gene_src_cell_line            ? 
_entity_src_gen.pdbx_gene_src_atcc                 ? 
_entity_src_gen.pdbx_gene_src_organ                ? 
_entity_src_gen.pdbx_gene_src_organelle            ? 
_entity_src_gen.pdbx_gene_src_cell                 ? 
_entity_src_gen.pdbx_gene_src_cellular_location    ? 
_entity_src_gen.host_org_common_name               ? 
_entity_src_gen.pdbx_host_org_scientific_name      'Escherichia coli' 
_entity_src_gen.pdbx_host_org_ncbi_taxonomy_id     562 
_entity_src_gen.host_org_genus                     Escherichia 
_entity_src_gen.pdbx_host_org_gene                 T7 
_entity_src_gen.pdbx_host_org_organ                ? 
_entity_src_gen.host_org_species                   ? 
_entity_src_gen.pdbx_host_org_tissue               ? 
_entity_src_gen.pdbx_host_org_tissue_fraction      ? 
_entity_src_gen.pdbx_host_org_strain               ? 
_entity_src_gen.pdbx_host_org_variant              ? 
_entity_src_gen.pdbx_host_org_cell_line            ? 
_entity_src_gen.pdbx_host_org_atcc                 ? 
_entity_src_gen.pdbx_host_org_culture_collection   ? 
_entity_src_gen.pdbx_host_org_cell                 ? 
_entity_src_gen.pdbx_host_org_organelle            ? 
_entity_src_gen.pdbx_host_org_cellular_location    ? 
_entity_src_gen.pdbx_host_org_vector_type          T7 
_entity_src_gen.pdbx_host_org_vector               ? 
_entity_src_gen.host_org_details                   ? 
_entity_src_gen.expression_system_id               ? 
_entity_src_gen.plasmid_name                       T7 
_entity_src_gen.plasmid_details                    ? 
_entity_src_gen.pdbx_description                   ? 
# 
loop_
_chem_comp.id 
_chem_comp.type 
_chem_comp.mon_nstd_flag 
_chem_comp.name 
_chem_comp.pdbx_synonyms 
_chem_comp.formula 
_chem_comp.formula_weight 
ALA 'L-peptide linking' y ALANINE         ? 'C3 H7 N O2'     89.093  
ARG 'L-peptide linking' y ARGININE        ? 'C6 H15 N4 O2 1' 175.209 
ASN 'L-peptide linking' y ASPARAGINE      ? 'C4 H8 N2 O3'    132.118 
ASP 'L-peptide linking' y 'ASPARTIC ACID' ? 'C4 H7 N O4'     133.103 
CYS 'L-peptide linking' y CYSTEINE        ? 'C3 H7 N O2 S'   121.158 
GLN 'L-peptide linking' y GLUTAMINE       ? 'C5 H10 N2 O3'   146.144 
GLU 'L-peptide linking' y 'GLUTAMIC ACID' ? 'C5 H9 N O4'     147.129 
GLY 'peptide linking'   y GLYCINE         ? 'C2 H5 N O2'     75.067  
HIS 'L-peptide linking' y HISTIDINE       ? 'C6 H10 N3 O2 1' 156.162 
HOH non-polymer         . WATER           ? 'H2 O'           18.015  
ILE 'L-peptide linking' y ISOLEUCINE      ? 'C6 H13 N O2'    131.173 
LEU 'L-peptide linking' y LEUCINE         ? 'C6 H13 N O2'    131.173 
LYS 'L-peptide linking' y LYSINE          ? 'C6 H15 N2 O2 1' 147.195 
MET 'L-peptide linking' y METHIONINE      ? 'C5 H11 N O2 S'  149.211 
PHE 'L-peptide linking' y PHENYLALANINE   ? 'C9 H11 N O2'    165.189 
PRO 'L-peptide linking' y PROLINE         ? 'C5 H9 N O2'     115.130 
SER 'L-peptide linking' y SERINE          ? 'C3 H7 N O3'     105.093 
THR 'L-peptide linking' y THREONINE       ? 'C4 H9 N O3'     119.119 
TRP 'L-peptide linking' y TRYPTOPHAN      ? 'C11 H12 N2 O2'  204.225 
TYR 'L-peptide linking' y TYROSINE        ? 'C9 H11 N O3'    181.189 
VAL 'L-peptide linking' y VALINE          ? 'C5 H11 N O2'    117.146 
# 
loop_
_pdbx_poly_seq_scheme.asym_id 
_pdbx_poly_seq_scheme.entity_id 
_pdbx_poly_seq_scheme.seq_id 
_pdbx_poly_seq_scheme.mon_id 
_pdbx_poly_seq_scheme.ndb_seq_num 
_pdbx_poly_seq_scheme.pdb_seq_num 
_pdbx_poly_seq_scheme.auth_seq_num 
_pdbx_poly_seq_scheme.pdb_mon_id 
_pdbx_poly_seq_scheme.auth_mon_id 
_pdbx_poly_seq_scheme.pdb_strand_id 
_pdbx_poly_seq_scheme.pdb_ins_code 
_pdbx_poly_seq_scheme.hetero 
A 1 1   GLY 1   1   1   GLY GLY A . n 
A 1 2   SER 2   2   2   SER SER A . n 
A 1 3   GLN 3   3   3   GLN GLN A . n 
A 1 4   LEU 4   4   4   LEU LEU A . n 
A 1 5   ARG 5   5   5   ARG ARG A . n 
A 1 6   GLY 6   6   6   GLY GLY A . n 
A 1 7   GLU 7   7   7   GLU GLU A . n 
A 1 8   PRO 8   8   8   PRO PRO A . n 
A 1 9   TRP 9   9   9   TRP TRP A . n 
A 1 10  PHE 10  10  10  PHE PHE A . n 
A 1 11  HIS 11  11  11  HIS HIS A . n 
A 1 12  GLY 12  12  12  GLY GLY A . n 
A 1 13  LYS 13  13  13  LYS LYS A . n 
A 1 14  LEU 14  14  14  LEU LEU A . n 
A 1 15  SER 15  15  15  SER SER A . n 
A 1 16  ARG 16  16  16  ARG ARG A . n 
A 1 17  ARG 17  17  17  ARG ARG A . n 
A 1 18  GLU 18  18  18  GLU GLU A . n 
A 1 19  ALA 19  19  19  ALA ALA A . n 
A 1 20  GLU 20  20  20  GLU GLU A . n 
A 1 21  ALA 21  21  21  ALA ALA A . n 
A 1 22  LEU 22  22  22  LEU LEU A . n 
A 1 23  LEU 23  23  23  LEU LEU A . n 
A 1 24  GLN 24  24  24  GLN GLN A . n 
A 1 25  LEU 25  25  25  LEU LEU A . n 
A 1 26  ASN 26  26  26  ASN ASN A . n 
A 1 27  GLY 27  27  27  GLY GLY A . n 
A 1 28  ASP 28  28  28  ASP ASP A . n 
A 1 29  PHE 29  29  29  PHE PHE A . n 
A 1 30  LEU 30  30  30  LEU LEU A . n 
A 1 31  VAL 31  31  31  VAL VAL A . n 
A 1 32  ARG 32  32  32  ARG ARG A . n 
A 1 33  GLU 33  33  33  GLU GLU A . n 
A 1 34  SER 34  34  34  SER SER A . n 
A 1 35  THR 35  35  35  THR THR A . n 
A 1 36  THR 36  36  36  THR THR A . n 
A 1 37  THR 37  37  37  THR THR A . n 
A 1 38  PRO 38  38  38  PRO PRO A . n 
A 1 39  GLY 39  39  39  GLY GLY A . n 
A 1 40  GLN 40  40  40  GLN GLN A . n 
A 1 41  TYR 41  41  41  TYR TYR A . n 
A 1 42  VAL 42  42  42  VAL VAL A . n 
A 1 43  LEU 43  43  43  LEU LEU A . n 
A 1 44  THR 44  44  44  THR THR A . n 
A 1 45  GLY 45  45  45  GLY GLY A . n 
A 1 46  LEU 46  46  46  LEU LEU A . n 
A 1 47  GLN 47  47  47  GLN GLN A . n 
A 1 48  SER 48  48  48  SER SER A . n 
A 1 49  GLY 49  49  49  GLY GLY A . n 
A 1 50  GLN 50  50  50  GLN GLN A . n 
A 1 51  PRO 51  51  51  PRO PRO A . n 
A 1 52  LYS 52  52  52  LYS LYS A . n 
A 1 53  HIS 53  53  53  HIS HIS A . n 
A 1 54  LEU 54  54  54  LEU LEU A . n 
A 1 55  LEU 55  55  55  LEU LEU A . n 
A 1 56  LEU 56  56  56  LEU LEU A . n 
A 1 57  VAL 57  57  57  VAL VAL A . n 
A 1 58  ASP 58  58  58  ASP ASP A . n 
A 1 59  PRO 59  59  59  PRO PRO A . n 
A 1 60  GLU 60  60  60  GLU GLU A . n 
A 1 61  GLY 61  61  61  GLY GLY A . n 
A 1 62  VAL 62  62  62  VAL VAL A . n 
A 1 63  VAL 63  63  63  VAL VAL A . n 
A 1 64  ARG 64  64  64  ARG ARG A . n 
A 1 65  THR 65  65  65  THR THR A . n 
A 1 66  LYS 66  66  66  LYS LYS A . n 
A 1 67  ASP 67  67  67  ASP ASP A . n 
A 1 68  HIS 68  68  68  HIS HIS A . n 
A 1 69  ARG 69  69  69  ARG ARG A . n 
A 1 70  PHE 70  70  70  PHE PHE A . n 
A 1 71  GLU 71  71  71  GLU GLU A . n 
A 1 72  SER 72  72  72  SER SER A . n 
A 1 73  VAL 73  73  73  VAL VAL A . n 
A 1 74  SER 74  74  74  SER SER A . n 
A 1 75  HIS 75  75  75  HIS HIS A . n 
A 1 76  LEU 76  76  76  LEU LEU A . n 
A 1 77  ILE 77  77  77  ILE ILE A . n 
A 1 78  SER 78  78  78  SER SER A . n 
A 1 79  TYR 79  79  79  TYR TYR A . n 
A 1 80  HIS 80  80  80  HIS HIS A . n 
A 1 81  MET 81  81  81  MET MET A . n 
A 1 82  ASP 82  82  82  ASP ASP A . n 
A 1 83  ASN 83  83  83  ASN ASN A . n 
A 1 84  HIS 84  84  84  HIS HIS A . n 
A 1 85  LEU 85  85  85  LEU LEU A . n 
A 1 86  PRO 86  86  86  PRO PRO A . n 
A 1 87  ILE 87  87  87  ILE ILE A . n 
A 1 88  ILE 88  88  88  ILE ILE A . n 
A 1 89  SER 89  89  89  SER SER A . n 
A 1 90  ALA 90  90  90  ALA ALA A . n 
A 1 91  GLY 91  91  91  GLY GLY A . n 
A 1 92  SER 92  92  92  SER SER A . n 
A 1 93  GLU 93  93  93  GLU GLU A . n 
A 1 94  LEU 94  94  94  LEU LEU A . n 
A 1 95  CYS 95  95  95  CYS CYS A . n 
A 1 96  LEU 96  96  96  LEU LEU A . n 
A 1 97  GLN 97  97  97  GLN GLN A . n 
A 1 98  GLN 98  98  98  GLN GLN A . n 
A 1 99  PRO 99  99  99  PRO PRO A . n 
A 1 100 VAL 100 100 100 VAL VAL A . n 
A 1 101 GLU 101 101 101 GLU GLU A . n 
A 1 102 ARG 102 102 102 ARG ARG A . n 
A 1 103 LYS 103 103 103 LYS LYS A . n 
A 1 104 LEU 104 104 104 LEU LEU A . n 
# 
loop_
_pdbx_nonpoly_scheme.asym_id 
_pdbx_nonpoly_scheme.entity_id 
_pdbx_nonpoly_scheme.mon_id 
_pdbx_nonpoly_scheme.ndb_seq_num 
_pdbx_nonpoly_scheme.pdb_seq_num 
_pdbx_nonpoly_scheme.auth_seq_num 
_pdbx_nonpoly_scheme.pdb_mon_id 
_pdbx_nonpoly_scheme.auth_mon_id 
_pdbx_nonpoly_scheme.pdb_strand_id 
_pdbx_nonpoly_scheme.pdb_ins_code 
B 2 HOH 1  105 1  HOH HOH A . 
B 2 HOH 2  106 2  HOH HOH A . 
B 2 HOH 3  107 3  HOH HOH A . 
B 2 HOH 4  108 4  HOH HOH A . 
B 2 HOH 5  109 5  HOH HOH A . 
B 2 HOH 6  110 6  HOH HOH A . 
B 2 HOH 7  111 7  HOH HOH A . 
B 2 HOH 8  112 8  HOH HOH A . 
B 2 HOH 9  113 9  HOH HOH A . 
B 2 HOH 10 114 10 HOH HOH A . 
B 2 HOH 11 115 11 HOH HOH A . 
B 2 HOH 12 116 12 HOH HOH A . 
B 2 HOH 13 117 13 HOH HOH A . 
B 2 HOH 14 118 14 HOH HOH A . 
B 2 HOH 15 119 15 HOH HOH A . 
B 2 HOH 16 120 16 HOH HOH A . 
B 2 HOH 17 121 17 HOH HOH A . 
B 2 HOH 18 122 18 HOH HOH A . 
B 2 HOH 19 123 19 HOH HOH A . 
B 2 HOH 20 124 20 HOH HOH A . 
B 2 HOH 21 125 21 HOH HOH A . 
B 2 HOH 22 126 22 HOH HOH A . 
B 2 HOH 23 127 23 HOH HOH A . 
B 2 HOH 24 128 24 HOH HOH A . 
B 2 HOH 25 129 25 HOH HOH A . 
B 2 HOH 26 130 26 HOH HOH A . 
B 2 HOH 27 131 27 HOH HOH A . 
B 2 HOH 28 132 28 HOH HOH A . 
B 2 HOH 29 133 29 HOH HOH A . 
B 2 HOH 30 134 30 HOH HOH A . 
B 2 HOH 31 135 31 HOH HOH A . 
B 2 HOH 32 136 32 HOH HOH A . 
B 2 HOH 33 137 33 HOH HOH A . 
B 2 HOH 34 138 34 HOH HOH A . 
B 2 HOH 35 139 35 HOH HOH A . 
B 2 HOH 36 140 36 HOH HOH A . 
B 2 HOH 37 141 37 HOH HOH A . 
B 2 HOH 38 142 38 HOH HOH A . 
B 2 HOH 39 143 39 HOH HOH A . 
B 2 HOH 40 144 40 HOH HOH A . 
B 2 HOH 41 145 41 HOH HOH A . 
B 2 HOH 42 146 42 HOH HOH A . 
B 2 HOH 43 147 43 HOH HOH A . 
B 2 HOH 44 148 44 HOH HOH A . 
B 2 HOH 45 149 45 HOH HOH A . 
B 2 HOH 46 150 46 HOH HOH A . 
B 2 HOH 47 151 47 HOH HOH A . 
B 2 HOH 48 152 48 HOH HOH A . 
B 2 HOH 49 153 49 HOH HOH A . 
B 2 HOH 50 154 50 HOH HOH A . 
B 2 HOH 51 155 51 HOH HOH A . 
B 2 HOH 52 156 52 HOH HOH A . 
B 2 HOH 53 157 53 HOH HOH A . 
B 2 HOH 54 158 54 HOH HOH A . 
B 2 HOH 55 159 55 HOH HOH A . 
B 2 HOH 56 160 56 HOH HOH A . 
B 2 HOH 57 161 57 HOH HOH A . 
B 2 HOH 58 162 58 HOH HOH A . 
B 2 HOH 59 163 59 HOH HOH A . 
B 2 HOH 60 164 60 HOH HOH A . 
B 2 HOH 61 165 61 HOH HOH A . 
B 2 HOH 62 166 62 HOH HOH A . 
B 2 HOH 63 167 63 HOH HOH A . 
B 2 HOH 64 168 64 HOH HOH A . 
B 2 HOH 65 169 65 HOH HOH A . 
B 2 HOH 66 170 66 HOH HOH A . 
B 2 HOH 67 171 67 HOH HOH A . 
B 2 HOH 68 172 68 HOH HOH A . 
B 2 HOH 69 173 69 HOH HOH A . 
B 2 HOH 70 174 70 HOH HOH A . 
B 2 HOH 71 175 71 HOH HOH A . 
B 2 HOH 72 176 72 HOH HOH A . 
B 2 HOH 73 177 73 HOH HOH A . 
B 2 HOH 74 178 74 HOH HOH A . 
B 2 HOH 75 179 75 HOH HOH A . 
B 2 HOH 76 180 76 HOH HOH A . 
B 2 HOH 77 181 77 HOH HOH A . 
B 2 HOH 78 182 78 HOH HOH A . 
B 2 HOH 79 183 79 HOH HOH A . 
B 2 HOH 80 184 80 HOH HOH A . 
B 2 HOH 81 185 81 HOH HOH A . 
B 2 HOH 82 186 82 HOH HOH A . 
B 2 HOH 83 187 83 HOH HOH A . 
B 2 HOH 84 188 84 HOH HOH A . 
B 2 HOH 85 189 85 HOH HOH A . 
# 
loop_
_pdbx_unobs_or_zero_occ_atoms.id 
_pdbx_unobs_or_zero_occ_atoms.PDB_model_num 
_pdbx_unobs_or_zero_occ_atoms.polymer_flag 
_pdbx_unobs_or_zero_occ_atoms.occupancy_flag 
_pdbx_unobs_or_zero_occ_atoms.auth_asym_id 
_pdbx_unobs_or_zero_occ_atoms.auth_comp_id 
_pdbx_unobs_or_zero_occ_atoms.auth_seq_id 
_pdbx_unobs_or_zero_occ_atoms.PDB_ins_code 
_pdbx_unobs_or_zero_occ_atoms.auth_atom_id 
_pdbx_unobs_or_zero_occ_atoms.label_alt_id 
_pdbx_unobs_or_zero_occ_atoms.label_asym_id 
_pdbx_unobs_or_zero_occ_atoms.label_comp_id 
_pdbx_unobs_or_zero_occ_atoms.label_seq_id 
_pdbx_unobs_or_zero_occ_atoms.label_atom_id 
1  1 Y 1 A GLN 3  ? CB  ? A GLN 3  CB  
2  1 Y 1 A GLN 3  ? CG  ? A GLN 3  CG  
3  1 Y 1 A GLN 3  ? CD  ? A GLN 3  CD  
4  1 Y 1 A GLN 3  ? OE1 ? A GLN 3  OE1 
5  1 Y 1 A GLN 3  ? NE2 ? A GLN 3  NE2 
6  1 Y 1 A ARG 5  ? CG  ? A ARG 5  CG  
7  1 Y 1 A ARG 5  ? CD  ? A ARG 5  CD  
8  1 Y 1 A ARG 5  ? NE  ? A ARG 5  NE  
9  1 Y 1 A ARG 5  ? CZ  ? A ARG 5  CZ  
10 1 Y 1 A ARG 5  ? NH1 ? A ARG 5  NH1 
11 1 Y 1 A ARG 5  ? NH2 ? A ARG 5  NH2 
12 1 Y 1 A GLU 60 ? CB  ? A GLU 60 CB  
13 1 Y 1 A GLU 60 ? CG  ? A GLU 60 CG  
14 1 Y 1 A GLU 60 ? CD  ? A GLU 60 CD  
15 1 Y 1 A GLU 60 ? OE1 ? A GLU 60 OE1 
16 1 Y 1 A GLU 60 ? OE2 ? A GLU 60 OE2 
17 1 Y 1 A VAL 62 ? CB  ? A VAL 62 CB  
18 1 Y 1 A VAL 62 ? CG1 ? A VAL 62 CG1 
19 1 Y 1 A VAL 62 ? CG2 ? A VAL 62 CG2 
20 1 Y 1 A ASP 67 ? CG  ? A ASP 67 CG  
21 1 Y 1 A ASP 67 ? OD1 ? A ASP 67 OD1 
22 1 Y 1 A ASP 67 ? OD2 ? A ASP 67 OD2 
# 
loop_
_software.name 
_software.classification 
_software.version 
_software.citation_id 
_software.pdbx_ordinal 
X-PLOR 'model building' . ? 1 
X-PLOR refinement       . ? 2 
X-PLOR phasing          . ? 3 
# 
_cell.entry_id           1MIL 
_cell.length_a           26.370 
_cell.length_b           41.550 
_cell.length_c           97.540 
_cell.angle_alpha        90.00 
_cell.angle_beta         90.00 
_cell.angle_gamma        90.00 
_cell.Z_PDB              4 
_cell.pdbx_unique_axis   ? 
# 
_symmetry.entry_id                         1MIL 
_symmetry.space_group_name_H-M             'P 21 21 21' 
_symmetry.pdbx_full_space_group_name_H-M   ? 
_symmetry.cell_setting                     ? 
_symmetry.Int_Tables_number                19 
# 
_exptl.entry_id          1MIL 
_exptl.method            'X-RAY DIFFRACTION' 
_exptl.crystals_number   ? 
# 
_exptl_crystal.id                    1 
_exptl_crystal.density_meas          ? 
_exptl_crystal.density_Matthews      2.28 
_exptl_crystal.density_percent_sol   46.05 
_exptl_crystal.description           ? 
# 
_diffrn.id                     1 
_diffrn.ambient_temp           ? 
_diffrn.ambient_temp_details   ? 
_diffrn.crystal_id             1 
# 
_diffrn_radiation.diffrn_id                        1 
_diffrn_radiation.wavelength_id                    1 
_diffrn_radiation.pdbx_monochromatic_or_laue_m_l   ? 
_diffrn_radiation.monochromator                    ? 
_diffrn_radiation.pdbx_diffrn_protocol             ? 
_diffrn_radiation.pdbx_scattering_type             x-ray 
# 
_diffrn_radiation_wavelength.id           1 
_diffrn_radiation_wavelength.wavelength   . 
_diffrn_radiation_wavelength.wt           1.0 
# 
_reflns.entry_id                     1MIL 
_reflns.observed_criterion_sigma_I   2.0 
_reflns.observed_criterion_sigma_F   ? 
_reflns.d_resolution_low             10.0 
_reflns.d_resolution_high            2.7 
_reflns.number_obs                   3028 
_reflns.number_all                   ? 
_reflns.percent_possible_obs         94.0 
_reflns.pdbx_Rmerge_I_obs            ? 
_reflns.pdbx_Rsym_value              ? 
_reflns.pdbx_netI_over_sigmaI        ? 
_reflns.B_iso_Wilson_estimate        ? 
_reflns.pdbx_redundancy              ? 
_reflns.pdbx_diffrn_id               1 
_reflns.pdbx_ordinal                 1 
# 
_refine.entry_id                                 1MIL 
_refine.ls_number_reflns_obs                     2943 
_refine.ls_number_reflns_all                     ? 
_refine.pdbx_ls_sigma_I                          ? 
_refine.pdbx_ls_sigma_F                          2.0 
_refine.pdbx_data_cutoff_high_absF               ? 
_refine.pdbx_data_cutoff_low_absF                ? 
_refine.pdbx_data_cutoff_high_rms_absF           ? 
_refine.ls_d_res_low                             8.0 
_refine.ls_d_res_high                            2.7 
_refine.ls_percent_reflns_obs                    ? 
_refine.ls_R_factor_obs                          0.1730000 
_refine.ls_R_factor_all                          ? 
_refine.ls_R_factor_R_work                       0.1730000 
_refine.ls_R_factor_R_free                       ? 
_refine.ls_R_factor_R_free_error                 ? 
_refine.ls_R_factor_R_free_error_details         ? 
_refine.ls_percent_reflns_R_free                 ? 
_refine.ls_number_reflns_R_free                  ? 
_refine.ls_number_parameters                     ? 
_refine.ls_number_restraints                     ? 
_refine.occupancy_min                            ? 
_refine.occupancy_max                            ? 
_refine.B_iso_mean                               ? 
_refine.aniso_B[1][1]                            ? 
_refine.aniso_B[2][2]                            ? 
_refine.aniso_B[3][3]                            ? 
_refine.aniso_B[1][2]                            ? 
_refine.aniso_B[1][3]                            ? 
_refine.aniso_B[2][3]                            ? 
_refine.solvent_model_details                    ? 
_refine.solvent_model_param_ksol                 ? 
_refine.solvent_model_param_bsol                 ? 
_refine.pdbx_ls_cross_valid_method               ? 
_refine.details                                  ? 
_refine.pdbx_starting_model                      ? 
_refine.pdbx_method_to_determine_struct          ? 
_refine.pdbx_isotropic_thermal_model             ? 
_refine.pdbx_stereochemistry_target_values       ? 
_refine.pdbx_stereochem_target_val_spec_case     ? 
_refine.pdbx_R_Free_selection_details            ? 
_refine.pdbx_overall_ESU_R                       ? 
_refine.pdbx_overall_ESU_R_Free                  ? 
_refine.overall_SU_ML                            ? 
_refine.overall_SU_B                             ? 
_refine.pdbx_refine_id                           'X-RAY DIFFRACTION' 
_refine.pdbx_diffrn_id                           1 
_refine.pdbx_TLS_residual_ADP_flag               ? 
_refine.correlation_coeff_Fo_to_Fc               ? 
_refine.correlation_coeff_Fo_to_Fc_free          ? 
_refine.pdbx_solvent_vdw_probe_radii             ? 
_refine.pdbx_solvent_ion_probe_radii             ? 
_refine.pdbx_solvent_shrinkage_radii             ? 
_refine.pdbx_overall_phase_error                 ? 
_refine.overall_SU_R_Cruickshank_DPI             ? 
_refine.pdbx_overall_SU_R_free_Cruickshank_DPI   ? 
_refine.pdbx_overall_SU_R_Blow_DPI               ? 
_refine.pdbx_overall_SU_R_free_Blow_DPI          ? 
# 
_refine_hist.pdbx_refine_id                   'X-RAY DIFFRACTION' 
_refine_hist.cycle_id                         LAST 
_refine_hist.pdbx_number_atoms_protein        796 
_refine_hist.pdbx_number_atoms_nucleic_acid   0 
_refine_hist.pdbx_number_atoms_ligand         0 
_refine_hist.number_atoms_solvent             85 
_refine_hist.number_atoms_total               881 
_refine_hist.d_res_high                       2.7 
_refine_hist.d_res_low                        8.0 
# 
loop_
_refine_ls_restr.type 
_refine_ls_restr.dev_ideal 
_refine_ls_restr.dev_ideal_target 
_refine_ls_restr.weight 
_refine_ls_restr.number 
_refine_ls_restr.pdbx_refine_id 
_refine_ls_restr.pdbx_restraint_function 
x_bond_d                0.012 ? ? ? 'X-RAY DIFFRACTION' ? 
x_bond_d_na             ?     ? ? ? 'X-RAY DIFFRACTION' ? 
x_bond_d_prot           ?     ? ? ? 'X-RAY DIFFRACTION' ? 
x_angle_d               ?     ? ? ? 'X-RAY DIFFRACTION' ? 
x_angle_d_na            ?     ? ? ? 'X-RAY DIFFRACTION' ? 
x_angle_d_prot          ?     ? ? ? 'X-RAY DIFFRACTION' ? 
x_angle_deg             1.87  ? ? ? 'X-RAY DIFFRACTION' ? 
x_angle_deg_na          ?     ? ? ? 'X-RAY DIFFRACTION' ? 
x_angle_deg_prot        ?     ? ? ? 'X-RAY DIFFRACTION' ? 
x_dihedral_angle_d      ?     ? ? ? 'X-RAY DIFFRACTION' ? 
x_dihedral_angle_d_na   ?     ? ? ? 'X-RAY DIFFRACTION' ? 
x_dihedral_angle_d_prot ?     ? ? ? 'X-RAY DIFFRACTION' ? 
x_improper_angle_d      ?     ? ? ? 'X-RAY DIFFRACTION' ? 
x_improper_angle_d_na   ?     ? ? ? 'X-RAY DIFFRACTION' ? 
x_improper_angle_d_prot ?     ? ? ? 'X-RAY DIFFRACTION' ? 
x_mcbond_it             ?     ? ? ? 'X-RAY DIFFRACTION' ? 
x_mcangle_it            ?     ? ? ? 'X-RAY DIFFRACTION' ? 
x_scbond_it             ?     ? ? ? 'X-RAY DIFFRACTION' ? 
x_scangle_it            ?     ? ? ? 'X-RAY DIFFRACTION' ? 
# 
_struct.entry_id                  1MIL 
_struct.title                     'TRANSFORMING PROTEIN' 
_struct.pdbx_model_details        ? 
_struct.pdbx_CASP_flag            ? 
_struct.pdbx_model_type_details   ? 
# 
_struct_keywords.entry_id        1MIL 
_struct_keywords.pdbx_keywords   'TRANSFORMING PROTEIN' 
_struct_keywords.text            
'SH2 DOMAIN, PHOSPHORYLATION, COLLAGEN, GROWTH REGULATION, TRANSFORMING PROTEIN, ALTERNATIVE INITIATION' 
# 
loop_
_struct_asym.id 
_struct_asym.pdbx_blank_PDB_chainid_flag 
_struct_asym.pdbx_modified 
_struct_asym.entity_id 
_struct_asym.details 
A N N 1 ? 
B N N 2 ? 
# 
_struct_ref.id                         1 
_struct_ref.db_name                    UNP 
_struct_ref.db_code                    SHC1_HUMAN 
_struct_ref.entity_id                  1 
_struct_ref.pdbx_db_accession          P29353 
_struct_ref.pdbx_align_begin           1 
_struct_ref.pdbx_seq_one_letter_code   
;MNLLPPKPKYNPLRNESLSSMEEGASGSTPPEELPSPPASSLGPILPPLPGDDSPTTLCSFFPRMSNLRLANPAGGRPGS
KGEPGRAADDGEGIVGAAMPDSGPLPLLQDMNKLSGGGGRRTRVEGGQLGGEEWTRHGSFVNKPTRGWLHPNDKVMGPGV
SYLVRYMGCVEVLQSMRALDFNTRTQVTREAISLVCEAVPGAKGATRRRKPCSRPLSSILGRSNLKFAGMPITLTVSTSS
LNLMAADCKQIIANHHMQSISFASGGDPDTAEYVAYVAKDPVNQRACHILECPEGLAQDVISTIGQAFELRFKQYLRNPP
KLVTPHDRMAGFDGSAWDEEEEEPPDHQYYNDFPGKEPPLGGVVDMRLREGAAPGAARPTAPNAQTPSHLGATLPVGQPV
GGDPEVRKQMPPPPPCPGRELFDDPSYVNVQNLDKARQAVGGAGPPNPAINGSAPRDLFDMKPFEDALRVPPPPQSVSMA
EQLRGEPWFHGKLSRREAEALLQLNGDFLVRESTTTPGQYVLTGLQSGQPKHLLLVDPEGVVRTKDHRFESVSHLISYHM
DNHLPIISAGSELCLQQPVERKL
;
_struct_ref.pdbx_db_isoform            ? 
# 
_struct_ref_seq.align_id                      1 
_struct_ref_seq.ref_id                        1 
_struct_ref_seq.pdbx_PDB_id_code              1MIL 
_struct_ref_seq.pdbx_strand_id                A 
_struct_ref_seq.seq_align_beg                 3 
_struct_ref_seq.pdbx_seq_align_beg_ins_code   ? 
_struct_ref_seq.seq_align_end                 104 
_struct_ref_seq.pdbx_seq_align_end_ins_code   ? 
_struct_ref_seq.pdbx_db_accession             P29353 
_struct_ref_seq.db_align_beg                  482 
_struct_ref_seq.pdbx_db_align_beg_ins_code    ? 
_struct_ref_seq.db_align_end                  583 
_struct_ref_seq.pdbx_db_align_end_ins_code    ? 
_struct_ref_seq.pdbx_auth_seq_align_beg       3 
_struct_ref_seq.pdbx_auth_seq_align_end       104 
# 
_pdbx_struct_assembly.id                   1 
_pdbx_struct_assembly.details              author_defined_assembly 
_pdbx_struct_assembly.method_details       ? 
_pdbx_struct_assembly.oligomeric_details   monomeric 
_pdbx_struct_assembly.oligomeric_count     1 
# 
_pdbx_struct_assembly_gen.assembly_id       1 
_pdbx_struct_assembly_gen.oper_expression   1 
_pdbx_struct_assembly_gen.asym_id_list      A,B 
# 
_pdbx_struct_oper_list.id                   1 
_pdbx_struct_oper_list.type                 'identity operation' 
_pdbx_struct_oper_list.name                 1_555 
_pdbx_struct_oper_list.symmetry_operation   x,y,z 
_pdbx_struct_oper_list.matrix[1][1]         1.0000000000 
_pdbx_struct_oper_list.matrix[1][2]         0.0000000000 
_pdbx_struct_oper_list.matrix[1][3]         0.0000000000 
_pdbx_struct_oper_list.vector[1]            0.0000000000 
_pdbx_struct_oper_list.matrix[2][1]         0.0000000000 
_pdbx_struct_oper_list.matrix[2][2]         1.0000000000 
_pdbx_struct_oper_list.matrix[2][3]         0.0000000000 
_pdbx_struct_oper_list.vector[2]            0.0000000000 
_pdbx_struct_oper_list.matrix[3][1]         0.0000000000 
_pdbx_struct_oper_list.matrix[3][2]         0.0000000000 
_pdbx_struct_oper_list.matrix[3][3]         1.0000000000 
_pdbx_struct_oper_list.vector[3]            0.0000000000 
# 
_struct_biol.id   1 
# 
loop_
_struct_conf.conf_type_id 
_struct_conf.id 
_struct_conf.pdbx_PDB_helix_id 
_struct_conf.beg_label_comp_id 
_struct_conf.beg_label_asym_id 
_struct_conf.beg_label_seq_id 
_struct_conf.pdbx_beg_PDB_ins_code 
_struct_conf.end_label_comp_id 
_struct_conf.end_label_asym_id 
_struct_conf.end_label_seq_id 
_struct_conf.pdbx_end_PDB_ins_code 
_struct_conf.beg_auth_comp_id 
_struct_conf.beg_auth_asym_id 
_struct_conf.beg_auth_seq_id 
_struct_conf.end_auth_comp_id 
_struct_conf.end_auth_asym_id 
_struct_conf.end_auth_seq_id 
_struct_conf.pdbx_PDB_helix_class 
_struct_conf.details 
_struct_conf.pdbx_PDB_helix_length 
HELX_P HELX_P1 1 ARG A 16 ? GLU A 20 ? ARG A 16 GLU A 20 1 ? 5  
HELX_P HELX_P2 2 VAL A 73 ? ASN A 83 ? VAL A 73 ASN A 83 1 ? 11 
# 
_struct_conf_type.id          HELX_P 
_struct_conf_type.criteria    ? 
_struct_conf_type.reference   ? 
# 
_struct_sheet.id               A 
_struct_sheet.type             ? 
_struct_sheet.number_strands   5 
_struct_sheet.details          ? 
# 
loop_
_struct_sheet_order.sheet_id 
_struct_sheet_order.range_id_1 
_struct_sheet_order.range_id_2 
_struct_sheet_order.offset 
_struct_sheet_order.sense 
A 1 2 ? anti-parallel 
A 2 3 ? anti-parallel 
A 3 4 ? anti-parallel 
A 4 5 ? anti-parallel 
# 
loop_
_struct_sheet_range.sheet_id 
_struct_sheet_range.id 
_struct_sheet_range.beg_label_comp_id 
_struct_sheet_range.beg_label_asym_id 
_struct_sheet_range.beg_label_seq_id 
_struct_sheet_range.pdbx_beg_PDB_ins_code 
_struct_sheet_range.end_label_comp_id 
_struct_sheet_range.end_label_asym_id 
_struct_sheet_range.end_label_seq_id 
_struct_sheet_range.pdbx_end_PDB_ins_code 
_struct_sheet_range.beg_auth_comp_id 
_struct_sheet_range.beg_auth_asym_id 
_struct_sheet_range.beg_auth_seq_id 
_struct_sheet_range.end_auth_comp_id 
_struct_sheet_range.end_auth_asym_id 
_struct_sheet_range.end_auth_seq_id 
A 1 PHE A 29 ? SER A 34 ? PHE A 29 SER A 34 
A 2 TYR A 41 ? LEU A 46 ? TYR A 41 LEU A 46 
A 3 GLN A 50 ? LEU A 56 ? GLN A 50 LEU A 56 
A 4 VAL A 63 ? ARG A 64 ? VAL A 63 ARG A 64 
A 5 ARG A 69 ? PHE A 70 ? ARG A 69 PHE A 70 
# 
loop_
_pdbx_struct_sheet_hbond.sheet_id 
_pdbx_struct_sheet_hbond.range_id_1 
_pdbx_struct_sheet_hbond.range_id_2 
_pdbx_struct_sheet_hbond.range_1_label_atom_id 
_pdbx_struct_sheet_hbond.range_1_label_comp_id 
_pdbx_struct_sheet_hbond.range_1_label_asym_id 
_pdbx_struct_sheet_hbond.range_1_label_seq_id 
_pdbx_struct_sheet_hbond.range_1_PDB_ins_code 
_pdbx_struct_sheet_hbond.range_1_auth_atom_id 
_pdbx_struct_sheet_hbond.range_1_auth_comp_id 
_pdbx_struct_sheet_hbond.range_1_auth_asym_id 
_pdbx_struct_sheet_hbond.range_1_auth_seq_id 
_pdbx_struct_sheet_hbond.range_2_label_atom_id 
_pdbx_struct_sheet_hbond.range_2_label_comp_id 
_pdbx_struct_sheet_hbond.range_2_label_asym_id 
_pdbx_struct_sheet_hbond.range_2_label_seq_id 
_pdbx_struct_sheet_hbond.range_2_PDB_ins_code 
_pdbx_struct_sheet_hbond.range_2_auth_atom_id 
_pdbx_struct_sheet_hbond.range_2_auth_comp_id 
_pdbx_struct_sheet_hbond.range_2_auth_asym_id 
_pdbx_struct_sheet_hbond.range_2_auth_seq_id 
A 1 2 O LEU A 30 ? O LEU A 30 N THR A 44 ? N THR A 44 
A 2 3 O TYR A 41 ? O TYR A 41 N LEU A 56 ? N LEU A 56 
# 
_pdbx_validate_rmsd_angle.id                         1 
_pdbx_validate_rmsd_angle.PDB_model_num              1 
_pdbx_validate_rmsd_angle.auth_atom_id_1             C 
_pdbx_validate_rmsd_angle.auth_asym_id_1             A 
_pdbx_validate_rmsd_angle.auth_comp_id_1             THR 
_pdbx_validate_rmsd_angle.auth_seq_id_1              37 
_pdbx_validate_rmsd_angle.PDB_ins_code_1             ? 
_pdbx_validate_rmsd_angle.label_alt_id_1             ? 
_pdbx_validate_rmsd_angle.auth_atom_id_2             N 
_pdbx_validate_rmsd_angle.auth_asym_id_2             A 
_pdbx_validate_rmsd_angle.auth_comp_id_2             PRO 
_pdbx_validate_rmsd_angle.auth_seq_id_2              38 
_pdbx_validate_rmsd_angle.PDB_ins_code_2             ? 
_pdbx_validate_rmsd_angle.label_alt_id_2             ? 
_pdbx_validate_rmsd_angle.auth_atom_id_3             CA 
_pdbx_validate_rmsd_angle.auth_asym_id_3             A 
_pdbx_validate_rmsd_angle.auth_comp_id_3             PRO 
_pdbx_validate_rmsd_angle.auth_seq_id_3              38 
_pdbx_validate_rmsd_angle.PDB_ins_code_3             ? 
_pdbx_validate_rmsd_angle.label_alt_id_3             ? 
_pdbx_validate_rmsd_angle.angle_value                132.70 
_pdbx_validate_rmsd_angle.angle_target_value         119.30 
_pdbx_validate_rmsd_angle.angle_deviation            13.40 
_pdbx_validate_rmsd_angle.angle_standard_deviation   1.50 
_pdbx_validate_rmsd_angle.linker_flag                Y 
# 
loop_
_pdbx_validate_torsion.id 
_pdbx_validate_torsion.PDB_model_num 
_pdbx_validate_torsion.auth_comp_id 
_pdbx_validate_torsion.auth_asym_id 
_pdbx_validate_torsion.auth_seq_id 
_pdbx_validate_torsion.PDB_ins_code 
_pdbx_validate_torsion.label_alt_id 
_pdbx_validate_torsion.phi 
_pdbx_validate_torsion.psi 
1  1 SER A 2  ? ? -68.50  58.64   
2  1 GLN A 3  ? ? 175.20  -146.96 
3  1 SER A 34 ? ? -17.31  122.58  
4  1 THR A 37 ? ? -162.56 78.28   
5  1 PRO A 38 ? ? -15.88  130.01  
6  1 GLN A 40 ? ? -101.45 -159.25 
7  1 GLU A 60 ? ? -155.15 68.23   
8  1 VAL A 62 ? ? -100.37 -105.23 
9  1 VAL A 63 ? ? 171.24  120.53  
10 1 ASP A 67 ? ? -167.57 11.16   
11 1 HIS A 84 ? ? 73.22   33.66   
# 
_pdbx_entry_details.entry_id                 1MIL 
_pdbx_entry_details.compound_details         'RESIDUE ARG 16 OF SHC ADOPTS ALTERNATE CONFORMATIONS.' 
_pdbx_entry_details.source_details           ? 
_pdbx_entry_details.nonpolymer_details       ? 
_pdbx_entry_details.sequence_details         
;RESIDUES 1 AND 2 CORRESPOND TO RESIDUES OF THE T7 GENE
LEADER SEQUENCE REQUIRED FOR EXPRESSION AND RESIDUES
3 - 104 CORRESPOND TO RESIDUES 372 - 473 IN THE FULL
LENGTH PROTEIN.
;
_pdbx_entry_details.has_ligand_of_interest   ? 
# 
loop_
_chem_comp_atom.comp_id 
_chem_comp_atom.atom_id 
_chem_comp_atom.type_symbol 
_chem_comp_atom.pdbx_aromatic_flag 
_chem_comp_atom.pdbx_stereo_config 
_chem_comp_atom.pdbx_ordinal 
ALA N    N N N 1   
ALA CA   C N S 2   
ALA C    C N N 3   
ALA O    O N N 4   
ALA CB   C N N 5   
ALA OXT  O N N 6   
ALA H    H N N 7   
ALA H2   H N N 8   
ALA HA   H N N 9   
ALA HB1  H N N 10  
ALA HB2  H N N 11  
ALA HB3  H N N 12  
ALA HXT  H N N 13  
ARG N    N N N 14  
ARG CA   C N S 15  
ARG C    C N N 16  
ARG O    O N N 17  
ARG CB   C N N 18  
ARG CG   C N N 19  
ARG CD   C N N 20  
ARG NE   N N N 21  
ARG CZ   C N N 22  
ARG NH1  N N N 23  
ARG NH2  N N N 24  
ARG OXT  O N N 25  
ARG H    H N N 26  
ARG H2   H N N 27  
ARG HA   H N N 28  
ARG HB2  H N N 29  
ARG HB3  H N N 30  
ARG HG2  H N N 31  
ARG HG3  H N N 32  
ARG HD2  H N N 33  
ARG HD3  H N N 34  
ARG HE   H N N 35  
ARG HH11 H N N 36  
ARG HH12 H N N 37  
ARG HH21 H N N 38  
ARG HH22 H N N 39  
ARG HXT  H N N 40  
ASN N    N N N 41  
ASN CA   C N S 42  
ASN C    C N N 43  
ASN O    O N N 44  
ASN CB   C N N 45  
ASN CG   C N N 46  
ASN OD1  O N N 47  
ASN ND2  N N N 48  
ASN OXT  O N N 49  
ASN H    H N N 50  
ASN H2   H N N 51  
ASN HA   H N N 52  
ASN HB2  H N N 53  
ASN HB3  H N N 54  
ASN HD21 H N N 55  
ASN HD22 H N N 56  
ASN HXT  H N N 57  
ASP N    N N N 58  
ASP CA   C N S 59  
ASP C    C N N 60  
ASP O    O N N 61  
ASP CB   C N N 62  
ASP CG   C N N 63  
ASP OD1  O N N 64  
ASP OD2  O N N 65  
ASP OXT  O N N 66  
ASP H    H N N 67  
ASP H2   H N N 68  
ASP HA   H N N 69  
ASP HB2  H N N 70  
ASP HB3  H N N 71  
ASP HD2  H N N 72  
ASP HXT  H N N 73  
CYS N    N N N 74  
CYS CA   C N R 75  
CYS C    C N N 76  
CYS O    O N N 77  
CYS CB   C N N 78  
CYS SG   S N N 79  
CYS OXT  O N N 80  
CYS H    H N N 81  
CYS H2   H N N 82  
CYS HA   H N N 83  
CYS HB2  H N N 84  
CYS HB3  H N N 85  
CYS HG   H N N 86  
CYS HXT  H N N 87  
GLN N    N N N 88  
GLN CA   C N S 89  
GLN C    C N N 90  
GLN O    O N N 91  
GLN CB   C N N 92  
GLN CG   C N N 93  
GLN CD   C N N 94  
GLN OE1  O N N 95  
GLN NE2  N N N 96  
GLN OXT  O N N 97  
GLN H    H N N 98  
GLN H2   H N N 99  
GLN HA   H N N 100 
GLN HB2  H N N 101 
GLN HB3  H N N 102 
GLN HG2  H N N 103 
GLN HG3  H N N 104 
GLN HE21 H N N 105 
GLN HE22 H N N 106 
GLN HXT  H N N 107 
GLU N    N N N 108 
GLU CA   C N S 109 
GLU C    C N N 110 
GLU O    O N N 111 
GLU CB   C N N 112 
GLU CG   C N N 113 
GLU CD   C N N 114 
GLU OE1  O N N 115 
GLU OE2  O N N 116 
GLU OXT  O N N 117 
GLU H    H N N 118 
GLU H2   H N N 119 
GLU HA   H N N 120 
GLU HB2  H N N 121 
GLU HB3  H N N 122 
GLU HG2  H N N 123 
GLU HG3  H N N 124 
GLU HE2  H N N 125 
GLU HXT  H N N 126 
GLY N    N N N 127 
GLY CA   C N N 128 
GLY C    C N N 129 
GLY O    O N N 130 
GLY OXT  O N N 131 
GLY H    H N N 132 
GLY H2   H N N 133 
GLY HA2  H N N 134 
GLY HA3  H N N 135 
GLY HXT  H N N 136 
HIS N    N N N 137 
HIS CA   C N S 138 
HIS C    C N N 139 
HIS O    O N N 140 
HIS CB   C N N 141 
HIS CG   C Y N 142 
HIS ND1  N Y N 143 
HIS CD2  C Y N 144 
HIS CE1  C Y N 145 
HIS NE2  N Y N 146 
HIS OXT  O N N 147 
HIS H    H N N 148 
HIS H2   H N N 149 
HIS HA   H N N 150 
HIS HB2  H N N 151 
HIS HB3  H N N 152 
HIS HD1  H N N 153 
HIS HD2  H N N 154 
HIS HE1  H N N 155 
HIS HE2  H N N 156 
HIS HXT  H N N 157 
HOH O    O N N 158 
HOH H1   H N N 159 
HOH H2   H N N 160 
ILE N    N N N 161 
ILE CA   C N S 162 
ILE C    C N N 163 
ILE O    O N N 164 
ILE CB   C N S 165 
ILE CG1  C N N 166 
ILE CG2  C N N 167 
ILE CD1  C N N 168 
ILE OXT  O N N 169 
ILE H    H N N 170 
ILE H2   H N N 171 
ILE HA   H N N 172 
ILE HB   H N N 173 
ILE HG12 H N N 174 
ILE HG13 H N N 175 
ILE HG21 H N N 176 
ILE HG22 H N N 177 
ILE HG23 H N N 178 
ILE HD11 H N N 179 
ILE HD12 H N N 180 
ILE HD13 H N N 181 
ILE HXT  H N N 182 
LEU N    N N N 183 
LEU CA   C N S 184 
LEU C    C N N 185 
LEU O    O N N 186 
LEU CB   C N N 187 
LEU CG   C N N 188 
LEU CD1  C N N 189 
LEU CD2  C N N 190 
LEU OXT  O N N 191 
LEU H    H N N 192 
LEU H2   H N N 193 
LEU HA   H N N 194 
LEU HB2  H N N 195 
LEU HB3  H N N 196 
LEU HG   H N N 197 
LEU HD11 H N N 198 
LEU HD12 H N N 199 
LEU HD13 H N N 200 
LEU HD21 H N N 201 
LEU HD22 H N N 202 
LEU HD23 H N N 203 
LEU HXT  H N N 204 
LYS N    N N N 205 
LYS CA   C N S 206 
LYS C    C N N 207 
LYS O    O N N 208 
LYS CB   C N N 209 
LYS CG   C N N 210 
LYS CD   C N N 211 
LYS CE   C N N 212 
LYS NZ   N N N 213 
LYS OXT  O N N 214 
LYS H    H N N 215 
LYS H2   H N N 216 
LYS HA   H N N 217 
LYS HB2  H N N 218 
LYS HB3  H N N 219 
LYS HG2  H N N 220 
LYS HG3  H N N 221 
LYS HD2  H N N 222 
LYS HD3  H N N 223 
LYS HE2  H N N 224 
LYS HE3  H N N 225 
LYS HZ1  H N N 226 
LYS HZ2  H N N 227 
LYS HZ3  H N N 228 
LYS HXT  H N N 229 
MET N    N N N 230 
MET CA   C N S 231 
MET C    C N N 232 
MET O    O N N 233 
MET CB   C N N 234 
MET CG   C N N 235 
MET SD   S N N 236 
MET CE   C N N 237 
MET OXT  O N N 238 
MET H    H N N 239 
MET H2   H N N 240 
MET HA   H N N 241 
MET HB2  H N N 242 
MET HB3  H N N 243 
MET HG2  H N N 244 
MET HG3  H N N 245 
MET HE1  H N N 246 
MET HE2  H N N 247 
MET HE3  H N N 248 
MET HXT  H N N 249 
PHE N    N N N 250 
PHE CA   C N S 251 
PHE C    C N N 252 
PHE O    O N N 253 
PHE CB   C N N 254 
PHE CG   C Y N 255 
PHE CD1  C Y N 256 
PHE CD2  C Y N 257 
PHE CE1  C Y N 258 
PHE CE2  C Y N 259 
PHE CZ   C Y N 260 
PHE OXT  O N N 261 
PHE H    H N N 262 
PHE H2   H N N 263 
PHE HA   H N N 264 
PHE HB2  H N N 265 
PHE HB3  H N N 266 
PHE HD1  H N N 267 
PHE HD2  H N N 268 
PHE HE1  H N N 269 
PHE HE2  H N N 270 
PHE HZ   H N N 271 
PHE HXT  H N N 272 
PRO N    N N N 273 
PRO CA   C N S 274 
PRO C    C N N 275 
PRO O    O N N 276 
PRO CB   C N N 277 
PRO CG   C N N 278 
PRO CD   C N N 279 
PRO OXT  O N N 280 
PRO H    H N N 281 
PRO HA   H N N 282 
PRO HB2  H N N 283 
PRO HB3  H N N 284 
PRO HG2  H N N 285 
PRO HG3  H N N 286 
PRO HD2  H N N 287 
PRO HD3  H N N 288 
PRO HXT  H N N 289 
SER N    N N N 290 
SER CA   C N S 291 
SER C    C N N 292 
SER O    O N N 293 
SER CB   C N N 294 
SER OG   O N N 295 
SER OXT  O N N 296 
SER H    H N N 297 
SER H2   H N N 298 
SER HA   H N N 299 
SER HB2  H N N 300 
SER HB3  H N N 301 
SER HG   H N N 302 
SER HXT  H N N 303 
THR N    N N N 304 
THR CA   C N S 305 
THR C    C N N 306 
THR O    O N N 307 
THR CB   C N R 308 
THR OG1  O N N 309 
THR CG2  C N N 310 
THR OXT  O N N 311 
THR H    H N N 312 
THR H2   H N N 313 
THR HA   H N N 314 
THR HB   H N N 315 
THR HG1  H N N 316 
THR HG21 H N N 317 
THR HG22 H N N 318 
THR HG23 H N N 319 
THR HXT  H N N 320 
TRP N    N N N 321 
TRP CA   C N S 322 
TRP C    C N N 323 
TRP O    O N N 324 
TRP CB   C N N 325 
TRP CG   C Y N 326 
TRP CD1  C Y N 327 
TRP CD2  C Y N 328 
TRP NE1  N Y N 329 
TRP CE2  C Y N 330 
TRP CE3  C Y N 331 
TRP CZ2  C Y N 332 
TRP CZ3  C Y N 333 
TRP CH2  C Y N 334 
TRP OXT  O N N 335 
TRP H    H N N 336 
TRP H2   H N N 337 
TRP HA   H N N 338 
TRP HB2  H N N 339 
TRP HB3  H N N 340 
TRP HD1  H N N 341 
TRP HE1  H N N 342 
TRP HE3  H N N 343 
TRP HZ2  H N N 344 
TRP HZ3  H N N 345 
TRP HH2  H N N 346 
TRP HXT  H N N 347 
TYR N    N N N 348 
TYR CA   C N S 349 
TYR C    C N N 350 
TYR O    O N N 351 
TYR CB   C N N 352 
TYR CG   C Y N 353 
TYR CD1  C Y N 354 
TYR CD2  C Y N 355 
TYR CE1  C Y N 356 
TYR CE2  C Y N 357 
TYR CZ   C Y N 358 
TYR OH   O N N 359 
TYR OXT  O N N 360 
TYR H    H N N 361 
TYR H2   H N N 362 
TYR HA   H N N 363 
TYR HB2  H N N 364 
TYR HB3  H N N 365 
TYR HD1  H N N 366 
TYR HD2  H N N 367 
TYR HE1  H N N 368 
TYR HE2  H N N 369 
TYR HH   H N N 370 
TYR HXT  H N N 371 
VAL N    N N N 372 
VAL CA   C N S 373 
VAL C    C N N 374 
VAL O    O N N 375 
VAL CB   C N N 376 
VAL CG1  C N N 377 
VAL CG2  C N N 378 
VAL OXT  O N N 379 
VAL H    H N N 380 
VAL H2   H N N 381 
VAL HA   H N N 382 
VAL HB   H N N 383 
VAL HG11 H N N 384 
VAL HG12 H N N 385 
VAL HG13 H N N 386 
VAL HG21 H N N 387 
VAL HG22 H N N 388 
VAL HG23 H N N 389 
VAL HXT  H N N 390 
# 
loop_
_chem_comp_bond.comp_id 
_chem_comp_bond.atom_id_1 
_chem_comp_bond.atom_id_2 
_chem_comp_bond.value_order 
_chem_comp_bond.pdbx_aromatic_flag 
_chem_comp_bond.pdbx_stereo_config 
_chem_comp_bond.pdbx_ordinal 
ALA N   CA   sing N N 1   
ALA N   H    sing N N 2   
ALA N   H2   sing N N 3   
ALA CA  C    sing N N 4   
ALA CA  CB   sing N N 5   
ALA CA  HA   sing N N 6   
ALA C   O    doub N N 7   
ALA C   OXT  sing N N 8   
ALA CB  HB1  sing N N 9   
ALA CB  HB2  sing N N 10  
ALA CB  HB3  sing N N 11  
ALA OXT HXT  sing N N 12  
ARG N   CA   sing N N 13  
ARG N   H    sing N N 14  
ARG N   H2   sing N N 15  
ARG CA  C    sing N N 16  
ARG CA  CB   sing N N 17  
ARG CA  HA   sing N N 18  
ARG C   O    doub N N 19  
ARG C   OXT  sing N N 20  
ARG CB  CG   sing N N 21  
ARG CB  HB2  sing N N 22  
ARG CB  HB3  sing N N 23  
ARG CG  CD   sing N N 24  
ARG CG  HG2  sing N N 25  
ARG CG  HG3  sing N N 26  
ARG CD  NE   sing N N 27  
ARG CD  HD2  sing N N 28  
ARG CD  HD3  sing N N 29  
ARG NE  CZ   sing N N 30  
ARG NE  HE   sing N N 31  
ARG CZ  NH1  sing N N 32  
ARG CZ  NH2  doub N N 33  
ARG NH1 HH11 sing N N 34  
ARG NH1 HH12 sing N N 35  
ARG NH2 HH21 sing N N 36  
ARG NH2 HH22 sing N N 37  
ARG OXT HXT  sing N N 38  
ASN N   CA   sing N N 39  
ASN N   H    sing N N 40  
ASN N   H2   sing N N 41  
ASN CA  C    sing N N 42  
ASN CA  CB   sing N N 43  
ASN CA  HA   sing N N 44  
ASN C   O    doub N N 45  
ASN C   OXT  sing N N 46  
ASN CB  CG   sing N N 47  
ASN CB  HB2  sing N N 48  
ASN CB  HB3  sing N N 49  
ASN CG  OD1  doub N N 50  
ASN CG  ND2  sing N N 51  
ASN ND2 HD21 sing N N 52  
ASN ND2 HD22 sing N N 53  
ASN OXT HXT  sing N N 54  
ASP N   CA   sing N N 55  
ASP N   H    sing N N 56  
ASP N   H2   sing N N 57  
ASP CA  C    sing N N 58  
ASP CA  CB   sing N N 59  
ASP CA  HA   sing N N 60  
ASP C   O    doub N N 61  
ASP C   OXT  sing N N 62  
ASP CB  CG   sing N N 63  
ASP CB  HB2  sing N N 64  
ASP CB  HB3  sing N N 65  
ASP CG  OD1  doub N N 66  
ASP CG  OD2  sing N N 67  
ASP OD2 HD2  sing N N 68  
ASP OXT HXT  sing N N 69  
CYS N   CA   sing N N 70  
CYS N   H    sing N N 71  
CYS N   H2   sing N N 72  
CYS CA  C    sing N N 73  
CYS CA  CB   sing N N 74  
CYS CA  HA   sing N N 75  
CYS C   O    doub N N 76  
CYS C   OXT  sing N N 77  
CYS CB  SG   sing N N 78  
CYS CB  HB2  sing N N 79  
CYS CB  HB3  sing N N 80  
CYS SG  HG   sing N N 81  
CYS OXT HXT  sing N N 82  
GLN N   CA   sing N N 83  
GLN N   H    sing N N 84  
GLN N   H2   sing N N 85  
GLN CA  C    sing N N 86  
GLN CA  CB   sing N N 87  
GLN CA  HA   sing N N 88  
GLN C   O    doub N N 89  
GLN C   OXT  sing N N 90  
GLN CB  CG   sing N N 91  
GLN CB  HB2  sing N N 92  
GLN CB  HB3  sing N N 93  
GLN CG  CD   sing N N 94  
GLN CG  HG2  sing N N 95  
GLN CG  HG3  sing N N 96  
GLN CD  OE1  doub N N 97  
GLN CD  NE2  sing N N 98  
GLN NE2 HE21 sing N N 99  
GLN NE2 HE22 sing N N 100 
GLN OXT HXT  sing N N 101 
GLU N   CA   sing N N 102 
GLU N   H    sing N N 103 
GLU N   H2   sing N N 104 
GLU CA  C    sing N N 105 
GLU CA  CB   sing N N 106 
GLU CA  HA   sing N N 107 
GLU C   O    doub N N 108 
GLU C   OXT  sing N N 109 
GLU CB  CG   sing N N 110 
GLU CB  HB2  sing N N 111 
GLU CB  HB3  sing N N 112 
GLU CG  CD   sing N N 113 
GLU CG  HG2  sing N N 114 
GLU CG  HG3  sing N N 115 
GLU CD  OE1  doub N N 116 
GLU CD  OE2  sing N N 117 
GLU OE2 HE2  sing N N 118 
GLU OXT HXT  sing N N 119 
GLY N   CA   sing N N 120 
GLY N   H    sing N N 121 
GLY N   H2   sing N N 122 
GLY CA  C    sing N N 123 
GLY CA  HA2  sing N N 124 
GLY CA  HA3  sing N N 125 
GLY C   O    doub N N 126 
GLY C   OXT  sing N N 127 
GLY OXT HXT  sing N N 128 
HIS N   CA   sing N N 129 
HIS N   H    sing N N 130 
HIS N   H2   sing N N 131 
HIS CA  C    sing N N 132 
HIS CA  CB   sing N N 133 
HIS CA  HA   sing N N 134 
HIS C   O    doub N N 135 
HIS C   OXT  sing N N 136 
HIS CB  CG   sing N N 137 
HIS CB  HB2  sing N N 138 
HIS CB  HB3  sing N N 139 
HIS CG  ND1  sing Y N 140 
HIS CG  CD2  doub Y N 141 
HIS ND1 CE1  doub Y N 142 
HIS ND1 HD1  sing N N 143 
HIS CD2 NE2  sing Y N 144 
HIS CD2 HD2  sing N N 145 
HIS CE1 NE2  sing Y N 146 
HIS CE1 HE1  sing N N 147 
HIS NE2 HE2  sing N N 148 
HIS OXT HXT  sing N N 149 
HOH O   H1   sing N N 150 
HOH O   H2   sing N N 151 
ILE N   CA   sing N N 152 
ILE N   H    sing N N 153 
ILE N   H2   sing N N 154 
ILE CA  C    sing N N 155 
ILE CA  CB   sing N N 156 
ILE CA  HA   sing N N 157 
ILE C   O    doub N N 158 
ILE C   OXT  sing N N 159 
ILE CB  CG1  sing N N 160 
ILE CB  CG2  sing N N 161 
ILE CB  HB   sing N N 162 
ILE CG1 CD1  sing N N 163 
ILE CG1 HG12 sing N N 164 
ILE CG1 HG13 sing N N 165 
ILE CG2 HG21 sing N N 166 
ILE CG2 HG22 sing N N 167 
ILE CG2 HG23 sing N N 168 
ILE CD1 HD11 sing N N 169 
ILE CD1 HD12 sing N N 170 
ILE CD1 HD13 sing N N 171 
ILE OXT HXT  sing N N 172 
LEU N   CA   sing N N 173 
LEU N   H    sing N N 174 
LEU N   H2   sing N N 175 
LEU CA  C    sing N N 176 
LEU CA  CB   sing N N 177 
LEU CA  HA   sing N N 178 
LEU C   O    doub N N 179 
LEU C   OXT  sing N N 180 
LEU CB  CG   sing N N 181 
LEU CB  HB2  sing N N 182 
LEU CB  HB3  sing N N 183 
LEU CG  CD1  sing N N 184 
LEU CG  CD2  sing N N 185 
LEU CG  HG   sing N N 186 
LEU CD1 HD11 sing N N 187 
LEU CD1 HD12 sing N N 188 
LEU CD1 HD13 sing N N 189 
LEU CD2 HD21 sing N N 190 
LEU CD2 HD22 sing N N 191 
LEU CD2 HD23 sing N N 192 
LEU OXT HXT  sing N N 193 
LYS N   CA   sing N N 194 
LYS N   H    sing N N 195 
LYS N   H2   sing N N 196 
LYS CA  C    sing N N 197 
LYS CA  CB   sing N N 198 
LYS CA  HA   sing N N 199 
LYS C   O    doub N N 200 
LYS C   OXT  sing N N 201 
LYS CB  CG   sing N N 202 
LYS CB  HB2  sing N N 203 
LYS CB  HB3  sing N N 204 
LYS CG  CD   sing N N 205 
LYS CG  HG2  sing N N 206 
LYS CG  HG3  sing N N 207 
LYS CD  CE   sing N N 208 
LYS CD  HD2  sing N N 209 
LYS CD  HD3  sing N N 210 
LYS CE  NZ   sing N N 211 
LYS CE  HE2  sing N N 212 
LYS CE  HE3  sing N N 213 
LYS NZ  HZ1  sing N N 214 
LYS NZ  HZ2  sing N N 215 
LYS NZ  HZ3  sing N N 216 
LYS OXT HXT  sing N N 217 
MET N   CA   sing N N 218 
MET N   H    sing N N 219 
MET N   H2   sing N N 220 
MET CA  C    sing N N 221 
MET CA  CB   sing N N 222 
MET CA  HA   sing N N 223 
MET C   O    doub N N 224 
MET C   OXT  sing N N 225 
MET CB  CG   sing N N 226 
MET CB  HB2  sing N N 227 
MET CB  HB3  sing N N 228 
MET CG  SD   sing N N 229 
MET CG  HG2  sing N N 230 
MET CG  HG3  sing N N 231 
MET SD  CE   sing N N 232 
MET CE  HE1  sing N N 233 
MET CE  HE2  sing N N 234 
MET CE  HE3  sing N N 235 
MET OXT HXT  sing N N 236 
PHE N   CA   sing N N 237 
PHE N   H    sing N N 238 
PHE N   H2   sing N N 239 
PHE CA  C    sing N N 240 
PHE CA  CB   sing N N 241 
PHE CA  HA   sing N N 242 
PHE C   O    doub N N 243 
PHE C   OXT  sing N N 244 
PHE CB  CG   sing N N 245 
PHE CB  HB2  sing N N 246 
PHE CB  HB3  sing N N 247 
PHE CG  CD1  doub Y N 248 
PHE CG  CD2  sing Y N 249 
PHE CD1 CE1  sing Y N 250 
PHE CD1 HD1  sing N N 251 
PHE CD2 CE2  doub Y N 252 
PHE CD2 HD2  sing N N 253 
PHE CE1 CZ   doub Y N 254 
PHE CE1 HE1  sing N N 255 
PHE CE2 CZ   sing Y N 256 
PHE CE2 HE2  sing N N 257 
PHE CZ  HZ   sing N N 258 
PHE OXT HXT  sing N N 259 
PRO N   CA   sing N N 260 
PRO N   CD   sing N N 261 
PRO N   H    sing N N 262 
PRO CA  C    sing N N 263 
PRO CA  CB   sing N N 264 
PRO CA  HA   sing N N 265 
PRO C   O    doub N N 266 
PRO C   OXT  sing N N 267 
PRO CB  CG   sing N N 268 
PRO CB  HB2  sing N N 269 
PRO CB  HB3  sing N N 270 
PRO CG  CD   sing N N 271 
PRO CG  HG2  sing N N 272 
PRO CG  HG3  sing N N 273 
PRO CD  HD2  sing N N 274 
PRO CD  HD3  sing N N 275 
PRO OXT HXT  sing N N 276 
SER N   CA   sing N N 277 
SER N   H    sing N N 278 
SER N   H2   sing N N 279 
SER CA  C    sing N N 280 
SER CA  CB   sing N N 281 
SER CA  HA   sing N N 282 
SER C   O    doub N N 283 
SER C   OXT  sing N N 284 
SER CB  OG   sing N N 285 
SER CB  HB2  sing N N 286 
SER CB  HB3  sing N N 287 
SER OG  HG   sing N N 288 
SER OXT HXT  sing N N 289 
THR N   CA   sing N N 290 
THR N   H    sing N N 291 
THR N   H2   sing N N 292 
THR CA  C    sing N N 293 
THR CA  CB   sing N N 294 
THR CA  HA   sing N N 295 
THR C   O    doub N N 296 
THR C   OXT  sing N N 297 
THR CB  OG1  sing N N 298 
THR CB  CG2  sing N N 299 
THR CB  HB   sing N N 300 
THR OG1 HG1  sing N N 301 
THR CG2 HG21 sing N N 302 
THR CG2 HG22 sing N N 303 
THR CG2 HG23 sing N N 304 
THR OXT HXT  sing N N 305 
TRP N   CA   sing N N 306 
TRP N   H    sing N N 307 
TRP N   H2   sing N N 308 
TRP CA  C    sing N N 309 
TRP CA  CB   sing N N 310 
TRP CA  HA   sing N N 311 
TRP C   O    doub N N 312 
TRP C   OXT  sing N N 313 
TRP CB  CG   sing N N 314 
TRP CB  HB2  sing N N 315 
TRP CB  HB3  sing N N 316 
TRP CG  CD1  doub Y N 317 
TRP CG  CD2  sing Y N 318 
TRP CD1 NE1  sing Y N 319 
TRP CD1 HD1  sing N N 320 
TRP CD2 CE2  doub Y N 321 
TRP CD2 CE3  sing Y N 322 
TRP NE1 CE2  sing Y N 323 
TRP NE1 HE1  sing N N 324 
TRP CE2 CZ2  sing Y N 325 
TRP CE3 CZ3  doub Y N 326 
TRP CE3 HE3  sing N N 327 
TRP CZ2 CH2  doub Y N 328 
TRP CZ2 HZ2  sing N N 329 
TRP CZ3 CH2  sing Y N 330 
TRP CZ3 HZ3  sing N N 331 
TRP CH2 HH2  sing N N 332 
TRP OXT HXT  sing N N 333 
TYR N   CA   sing N N 334 
TYR N   H    sing N N 335 
TYR N   H2   sing N N 336 
TYR CA  C    sing N N 337 
TYR CA  CB   sing N N 338 
TYR CA  HA   sing N N 339 
TYR C   O    doub N N 340 
TYR C   OXT  sing N N 341 
TYR CB  CG   sing N N 342 
TYR CB  HB2  sing N N 343 
TYR CB  HB3  sing N N 344 
TYR CG  CD1  doub Y N 345 
TYR CG  CD2  sing Y N 346 
TYR CD1 CE1  sing Y N 347 
TYR CD1 HD1  sing N N 348 
TYR CD2 CE2  doub Y N 349 
TYR CD2 HD2  sing N N 350 
TYR CE1 CZ   doub Y N 351 
TYR CE1 HE1  sing N N 352 
TYR CE2 CZ   sing Y N 353 
TYR CE2 HE2  sing N N 354 
TYR CZ  OH   sing N N 355 
TYR OH  HH   sing N N 356 
TYR OXT HXT  sing N N 357 
VAL N   CA   sing N N 358 
VAL N   H    sing N N 359 
VAL N   H2   sing N N 360 
VAL CA  C    sing N N 361 
VAL CA  CB   sing N N 362 
VAL CA  HA   sing N N 363 
VAL C   O    doub N N 364 
VAL C   OXT  sing N N 365 
VAL CB  CG1  sing N N 366 
VAL CB  CG2  sing N N 367 
VAL CB  HB   sing N N 368 
VAL CG1 HG11 sing N N 369 
VAL CG1 HG12 sing N N 370 
VAL CG1 HG13 sing N N 371 
VAL CG2 HG21 sing N N 372 
VAL CG2 HG22 sing N N 373 
VAL CG2 HG23 sing N N 374 
VAL OXT HXT  sing N N 375 
# 
_atom_sites.entry_id                    1MIL 
_atom_sites.fract_transf_matrix[1][1]   0.01499791 
_atom_sites.fract_transf_matrix[1][2]   0.02295438 
_atom_sites.fract_transf_matrix[1][3]   -0.02619613 
_atom_sites.fract_transf_matrix[2][1]   0.00716040 
_atom_sites.fract_transf_matrix[2][2]   -0.01915704 
_atom_sites.fract_transf_matrix[2][3]   -0.01268688 
_atom_sites.fract_transf_matrix[3][1]   -0.00890843 
_atom_sites.fract_transf_matrix[3][2]   0.00003035 
_atom_sites.fract_transf_matrix[3][3]   -0.00507370 
_atom_sites.fract_transf_vector[1]      0.321471 
_atom_sites.fract_transf_vector[2]      0.430128 
_atom_sites.fract_transf_vector[3]      0.138108 
# 
loop_
_atom_type.symbol 
C 
N 
O 
S 
# 
loop_
_atom_site.group_PDB 
_atom_site.id 
_atom_site.type_symbol 
_atom_site.label_atom_id 
_atom_site.label_alt_id 
_atom_site.label_comp_id 
_atom_site.label_asym_id 
_atom_site.label_entity_id 
_atom_site.label_seq_id 
_atom_site.pdbx_PDB_ins_code 
_atom_site.Cartn_x 
_atom_site.Cartn_y 
_atom_site.Cartn_z 
_atom_site.occupancy 
_atom_site.B_iso_or_equiv 
_atom_site.pdbx_formal_charge 
_atom_site.auth_seq_id 
_atom_site.auth_comp_id 
_atom_site.auth_asym_id 
_atom_site.auth_atom_id 
_atom_site.pdbx_PDB_model_num 
ATOM   1   N N   . GLY A 1 1   ? 15.131  -4.673  -7.463  1.00 35.98 ? 1   GLY A N   1 
ATOM   2   C CA  . GLY A 1 1   ? 15.456  -3.612  -8.395  1.00 41.54 ? 1   GLY A CA  1 
ATOM   3   C C   . GLY A 1 1   ? 14.480  -3.607  -9.547  1.00 45.54 ? 1   GLY A C   1 
ATOM   4   O O   . GLY A 1 1   ? 13.568  -2.784  -9.567  1.00 49.89 ? 1   GLY A O   1 
ATOM   5   N N   . SER A 1 2   ? 14.664  -4.542  -10.483 1.00 47.50 ? 2   SER A N   1 
ATOM   6   C CA  . SER A 1 2   ? 13.805  -4.695  -11.668 1.00 45.04 ? 2   SER A CA  1 
ATOM   7   C C   . SER A 1 2   ? 12.395  -5.178  -11.315 1.00 46.04 ? 2   SER A C   1 
ATOM   8   O O   . SER A 1 2   ? 11.934  -6.214  -11.813 1.00 45.54 ? 2   SER A O   1 
ATOM   9   C CB  . SER A 1 2   ? 14.443  -5.672  -12.666 1.00 48.03 ? 2   SER A CB  1 
ATOM   10  O OG  . SER A 1 2   ? 14.869  -6.872  -12.028 1.00 54.01 ? 2   SER A OG  1 
ATOM   11  N N   . GLN A 1 3   ? 11.704  -4.406  -10.479 1.00 44.00 ? 3   GLN A N   1 
ATOM   12  C CA  . GLN A 1 3   ? 10.365  -4.761  -10.064 1.00 39.40 ? 3   GLN A CA  1 
ATOM   13  C C   . GLN A 1 3   ? 9.870   -3.776  -9.031  1.00 35.05 ? 3   GLN A C   1 
ATOM   14  O O   . GLN A 1 3   ? 10.240  -2.602  -9.059  1.00 30.41 ? 3   GLN A O   1 
ATOM   15  N N   . LEU A 1 4   ? 9.057   -4.276  -8.104  1.00 32.40 ? 4   LEU A N   1 
ATOM   16  C CA  . LEU A 1 4   ? 8.472   -3.482  -7.028  1.00 31.51 ? 4   LEU A CA  1 
ATOM   17  C C   . LEU A 1 4   ? 9.442   -2.456  -6.448  1.00 31.26 ? 4   LEU A C   1 
ATOM   18  O O   . LEU A 1 4   ? 9.060   -1.318  -6.175  1.00 28.07 ? 4   LEU A O   1 
ATOM   19  C CB  . LEU A 1 4   ? 7.997   -4.404  -5.900  1.00 26.48 ? 4   LEU A CB  1 
ATOM   20  C CG  . LEU A 1 4   ? 7.454   -3.707  -4.651  1.00 20.39 ? 4   LEU A CG  1 
ATOM   21  C CD1 . LEU A 1 4   ? 6.209   -2.950  -5.041  1.00 16.79 ? 4   LEU A CD1 1 
ATOM   22  C CD2 . LEU A 1 4   ? 7.145   -4.705  -3.544  1.00 19.56 ? 4   LEU A CD2 1 
ATOM   23  N N   . ARG A 1 5   ? 10.691  -2.869  -6.253  1.00 25.44 ? 5   ARG A N   1 
ATOM   24  C CA  . ARG A 1 5   ? 11.709  -2.001  -5.688  1.00 25.93 ? 5   ARG A CA  1 
ATOM   25  C C   . ARG A 1 5   ? 12.227  -1.002  -6.714  1.00 32.60 ? 5   ARG A C   1 
ATOM   26  O O   . ARG A 1 5   ? 13.417  -0.951  -7.014  1.00 44.30 ? 5   ARG A O   1 
ATOM   27  C CB  . ARG A 1 5   ? 12.848  -2.840  -5.115  1.00 34.40 ? 5   ARG A CB  1 
ATOM   28  N N   . GLY A 1 6   ? 11.317  -0.187  -7.222  1.00 38.27 ? 6   GLY A N   1 
ATOM   29  C CA  . GLY A 1 6   ? 11.660  0.822   -8.203  1.00 36.74 ? 6   GLY A CA  1 
ATOM   30  C C   . GLY A 1 6   ? 10.516  1.816   -8.225  1.00 35.81 ? 6   GLY A C   1 
ATOM   31  O O   . GLY A 1 6   ? 10.716  3.025   -8.409  1.00 29.19 ? 6   GLY A O   1 
ATOM   32  N N   . GLU A 1 7   ? 9.323   1.279   -7.972  1.00 30.19 ? 7   GLU A N   1 
ATOM   33  C CA  . GLU A 1 7   ? 8.062   2.015   -7.939  1.00 21.09 ? 7   GLU A CA  1 
ATOM   34  C C   . GLU A 1 7   ? 8.119   3.282   -7.118  1.00 18.36 ? 7   GLU A C   1 
ATOM   35  O O   . GLU A 1 7   ? 8.292   3.241   -5.916  1.00 19.51 ? 7   GLU A O   1 
ATOM   36  C CB  . GLU A 1 7   ? 6.987   1.114   -7.377  1.00 26.36 ? 7   GLU A CB  1 
ATOM   37  C CG  . GLU A 1 7   ? 6.799   -0.129  -8.184  1.00 22.24 ? 7   GLU A CG  1 
ATOM   38  C CD  . GLU A 1 7   ? 6.216   0.197   -9.499  1.00 23.58 ? 7   GLU A CD  1 
ATOM   39  O OE1 . GLU A 1 7   ? 5.321   1.073   -9.527  1.00 35.24 ? 7   GLU A OE1 1 
ATOM   40  O OE2 . GLU A 1 7   ? 6.643   -0.408  -10.502 1.00 26.09 ? 7   GLU A OE2 1 
ATOM   41  N N   . PRO A 1 8   ? 7.824   4.417   -7.750  1.00 17.92 ? 8   PRO A N   1 
ATOM   42  C CA  . PRO A 1 8   ? 7.840   5.746   -7.125  1.00 16.11 ? 8   PRO A CA  1 
ATOM   43  C C   . PRO A 1 8   ? 7.172   5.856   -5.771  1.00 13.01 ? 8   PRO A C   1 
ATOM   44  O O   . PRO A 1 8   ? 7.574   6.675   -4.962  1.00 13.22 ? 8   PRO A O   1 
ATOM   45  C CB  . PRO A 1 8   ? 7.162   6.620   -8.179  1.00 8.97  ? 8   PRO A CB  1 
ATOM   46  C CG  . PRO A 1 8   ? 6.309   5.664   -8.929  1.00 11.71 ? 8   PRO A CG  1 
ATOM   47  C CD  . PRO A 1 8   ? 7.208   4.475   -9.082  1.00 8.09  ? 8   PRO A CD  1 
ATOM   48  N N   . TRP A 1 9   ? 6.124   5.061   -5.564  1.00 22.81 ? 9   TRP A N   1 
ATOM   49  C CA  . TRP A 1 9   ? 5.343   5.018   -4.311  1.00 22.69 ? 9   TRP A CA  1 
ATOM   50  C C   . TRP A 1 9   ? 5.884   4.018   -3.277  1.00 17.20 ? 9   TRP A C   1 
ATOM   51  O O   . TRP A 1 9   ? 5.381   3.947   -2.156  1.00 9.29  ? 9   TRP A O   1 
ATOM   52  C CB  . TRP A 1 9   ? 3.835   4.705   -4.587  1.00 16.69 ? 9   TRP A CB  1 
ATOM   53  C CG  . TRP A 1 9   ? 3.576   3.667   -5.675  1.00 13.37 ? 9   TRP A CG  1 
ATOM   54  C CD1 . TRP A 1 9   ? 3.231   3.918   -6.971  1.00 10.54 ? 9   TRP A CD1 1 
ATOM   55  C CD2 . TRP A 1 9   ? 3.740   2.235   -5.576  1.00 13.37 ? 9   TRP A CD2 1 
ATOM   56  N NE1 . TRP A 1 9   ? 3.190   2.746   -7.687  1.00 12.91 ? 9   TRP A NE1 1 
ATOM   57  C CE2 . TRP A 1 9   ? 3.491   1.697   -6.860  1.00 5.70  ? 9   TRP A CE2 1 
ATOM   58  C CE3 . TRP A 1 9   ? 4.085   1.359   -4.535  1.00 14.96 ? 9   TRP A CE3 1 
ATOM   59  C CZ2 . TRP A 1 9   ? 3.573   0.331   -7.131  1.00 5.66  ? 9   TRP A CZ2 1 
ATOM   60  C CZ3 . TRP A 1 9   ? 4.171   -0.002  -4.808  1.00 8.31  ? 9   TRP A CZ3 1 
ATOM   61  C CH2 . TRP A 1 9   ? 3.913   -0.501  -6.099  1.00 8.51  ? 9   TRP A CH2 1 
ATOM   62  N N   . PHE A 1 10  ? 6.865   3.213   -3.662  1.00 9.27  ? 10  PHE A N   1 
ATOM   63  C CA  . PHE A 1 10  ? 7.406   2.241   -2.738  1.00 13.48 ? 10  PHE A CA  1 
ATOM   64  C C   . PHE A 1 10  ? 8.656   2.813   -2.063  1.00 14.73 ? 10  PHE A C   1 
ATOM   65  O O   . PHE A 1 10  ? 9.683   2.974   -2.721  1.00 16.93 ? 10  PHE A O   1 
ATOM   66  C CB  . PHE A 1 10  ? 7.697   0.918   -3.440  1.00 5.57  ? 10  PHE A CB  1 
ATOM   67  C CG  . PHE A 1 10  ? 8.453   -0.044  -2.580  1.00 10.84 ? 10  PHE A CG  1 
ATOM   68  C CD1 . PHE A 1 10  ? 9.843   0.003   -2.516  1.00 11.42 ? 10  PHE A CD1 1 
ATOM   69  C CD2 . PHE A 1 10  ? 7.787   -0.934  -1.770  1.00 15.43 ? 10  PHE A CD2 1 
ATOM   70  C CE1 . PHE A 1 10  ? 10.552  -0.808  -1.659  1.00 5.40  ? 10  PHE A CE1 1 
ATOM   71  C CE2 . PHE A 1 10  ? 8.497   -1.757  -0.898  1.00 24.90 ? 10  PHE A CE2 1 
ATOM   72  C CZ  . PHE A 1 10  ? 9.882   -1.685  -0.845  1.00 11.18 ? 10  PHE A CZ  1 
ATOM   73  N N   . HIS A 1 11  ? 8.577   3.048   -0.745  1.00 7.56  ? 11  HIS A N   1 
ATOM   74  C CA  . HIS A 1 11  ? 9.659   3.647   0.032   1.00 2.70  ? 11  HIS A CA  1 
ATOM   75  C C   . HIS A 1 11  ? 10.577  2.696   0.762   1.00 14.50 ? 11  HIS A C   1 
ATOM   76  O O   . HIS A 1 11  ? 11.145  3.067   1.796   1.00 19.81 ? 11  HIS A O   1 
ATOM   77  C CB  . HIS A 1 11  ? 9.108   4.639   1.058   1.00 4.94  ? 11  HIS A CB  1 
ATOM   78  C CG  . HIS A 1 11  ? 8.268   5.725   0.468   1.00 5.40  ? 11  HIS A CG  1 
ATOM   79  N ND1 . HIS A 1 11  ? 8.383   7.044   0.849   1.00 11.27 ? 11  HIS A ND1 1 
ATOM   80  C CD2 . HIS A 1 11  ? 7.242   5.680   -0.415  1.00 13.04 ? 11  HIS A CD2 1 
ATOM   81  C CE1 . HIS A 1 11  ? 7.455   7.762   0.235   1.00 6.07  ? 11  HIS A CE1 1 
ATOM   82  N NE2 . HIS A 1 11  ? 6.749   6.958   -0.537  1.00 2.76  ? 11  HIS A NE2 1 
ATOM   83  N N   . GLY A 1 12  ? 10.763  1.487   0.248   1.00 20.25 ? 12  GLY A N   1 
ATOM   84  C CA  . GLY A 1 12  ? 11.654  0.560   0.931   1.00 26.68 ? 12  GLY A CA  1 
ATOM   85  C C   . GLY A 1 12  ? 11.182  0.325   2.351   1.00 27.79 ? 12  GLY A C   1 
ATOM   86  O O   . GLY A 1 12  ? 9.992   0.457   2.627   1.00 36.83 ? 12  GLY A O   1 
ATOM   87  N N   . LYS A 1 13  ? 12.099  0.004   3.260   1.00 27.96 ? 13  LYS A N   1 
ATOM   88  C CA  . LYS A 1 13  ? 11.741  -0.245  4.658   1.00 17.10 ? 13  LYS A CA  1 
ATOM   89  C C   . LYS A 1 13  ? 11.386  1.032   5.441   1.00 19.63 ? 13  LYS A C   1 
ATOM   90  O O   . LYS A 1 13  ? 12.153  1.510   6.272   1.00 19.33 ? 13  LYS A O   1 
ATOM   91  C CB  . LYS A 1 13  ? 12.883  -0.994  5.352   1.00 13.85 ? 13  LYS A CB  1 
ATOM   92  C CG  . LYS A 1 13  ? 12.521  -2.392  5.796   1.00 16.26 ? 13  LYS A CG  1 
ATOM   93  C CD  . LYS A 1 13  ? 13.720  -3.326  5.788   1.00 18.50 ? 13  LYS A CD  1 
ATOM   94  C CE  . LYS A 1 13  ? 14.172  -3.634  4.362   1.00 23.91 ? 13  LYS A CE  1 
ATOM   95  N NZ  . LYS A 1 13  ? 14.961  -4.899  4.289   1.00 38.42 ? 13  LYS A NZ  1 
ATOM   96  N N   . LEU A 1 14  ? 10.217  1.594   5.188   1.00 29.77 ? 14  LEU A N   1 
ATOM   97  C CA  . LEU A 1 14  ? 9.832   2.790   5.923   1.00 29.97 ? 14  LEU A CA  1 
ATOM   98  C C   . LEU A 1 14  ? 9.125   2.403   7.234   1.00 29.60 ? 14  LEU A C   1 
ATOM   99  O O   . LEU A 1 14  ? 8.305   1.483   7.273   1.00 21.57 ? 14  LEU A O   1 
ATOM   100 C CB  . LEU A 1 14  ? 8.965   3.733   5.066   1.00 14.81 ? 14  LEU A CB  1 
ATOM   101 C CG  . LEU A 1 14  ? 8.942   5.154   5.623   1.00 9.70  ? 14  LEU A CG  1 
ATOM   102 C CD1 . LEU A 1 14  ? 10.353  5.715   5.605   1.00 6.00  ? 14  LEU A CD1 1 
ATOM   103 C CD2 . LEU A 1 14  ? 7.956   6.037   4.852   1.00 8.16  ? 14  LEU A CD2 1 
ATOM   104 N N   . SER A 1 15  ? 9.506   3.079   8.314   1.00 26.51 ? 15  SER A N   1 
ATOM   105 C CA  . SER A 1 15  ? 8.942   2.838   9.630   1.00 26.23 ? 15  SER A CA  1 
ATOM   106 C C   . SER A 1 15  ? 7.458   3.219   9.659   1.00 30.84 ? 15  SER A C   1 
ATOM   107 O O   . SER A 1 15  ? 7.025   4.085   8.892   1.00 38.27 ? 15  SER A O   1 
ATOM   108 C CB  . SER A 1 15  ? 9.747   3.631   10.654  1.00 17.92 ? 15  SER A CB  1 
ATOM   109 O OG  . SER A 1 15  ? 9.025   3.853   11.840  1.00 15.41 ? 15  SER A OG  1 
ATOM   110 N N   . ARG A 1 16  ? 6.688   2.590   10.546  1.00 22.99 ? 16  ARG A N   1 
ATOM   111 C CA  . ARG A 1 16  ? 5.256   2.859   10.673  1.00 14.79 ? 16  ARG A CA  1 
ATOM   112 C C   . ARG A 1 16  ? 4.847   4.315   10.948  1.00 16.47 ? 16  ARG A C   1 
ATOM   113 O O   . ARG A 1 16  ? 3.950   4.854   10.289  1.00 20.10 ? 16  ARG A O   1 
ATOM   114 C CB  A ARG A 1 16  ? 4.777   1.977   11.799  0.49 16.17 ? 16  ARG A CB  1 
ATOM   115 C CB  B ARG A 1 16  ? 4.578   1.971   11.718  0.51 18.33 ? 16  ARG A CB  1 
ATOM   116 C CG  A ARG A 1 16  ? 3.320   2.011   12.173  0.49 23.36 ? 16  ARG A CG  1 
ATOM   117 C CG  B ARG A 1 16  ? 3.097   2.392   11.956  0.51 22.83 ? 16  ARG A CG  1 
ATOM   118 C CD  A ARG A 1 16  ? 3.134   0.951   13.240  0.49 13.62 ? 16  ARG A CD  1 
ATOM   119 C CD  B ARG A 1 16  ? 2.469   1.812   13.212  0.51 18.04 ? 16  ARG A CD  1 
ATOM   120 N NE  A ARG A 1 16  ? 3.914   -0.248  12.915  0.49 20.80 ? 16  ARG A NE  1 
ATOM   121 N NE  B ARG A 1 16  ? 1.710   0.581   12.972  0.51 27.86 ? 16  ARG A NE  1 
ATOM   122 C CZ  A ARG A 1 16  ? 5.057   -0.596  13.513  0.49 19.75 ? 16  ARG A CZ  1 
ATOM   123 C CZ  B ARG A 1 16  ? 0.389   0.523   12.783  0.51 23.63 ? 16  ARG A CZ  1 
ATOM   124 N NH1 A ARG A 1 16  ? 5.570   0.149   14.477  0.49 10.64 ? 16  ARG A NH1 1 
ATOM   125 N NH1 B ARG A 1 16  ? -0.350  1.629   12.784  0.51 19.07 ? 16  ARG A NH1 1 
ATOM   126 N NH2 A ARG A 1 16  ? 5.714   -1.673  13.115  0.49 22.52 ? 16  ARG A NH2 1 
ATOM   127 N NH2 B ARG A 1 16  ? -0.206  -0.658  12.648  0.51 19.03 ? 16  ARG A NH2 1 
ATOM   128 N N   . ARG A 1 17  ? 5.447   4.914   11.974  1.00 15.30 ? 17  ARG A N   1 
ATOM   129 C CA  . ARG A 1 17  ? 5.141   6.284   12.389  1.00 15.90 ? 17  ARG A CA  1 
ATOM   130 C C   . ARG A 1 17  ? 5.547   7.327   11.360  1.00 16.59 ? 17  ARG A C   1 
ATOM   131 O O   . ARG A 1 17  ? 4.855   8.325   11.171  1.00 22.31 ? 17  ARG A O   1 
ATOM   132 C CB  . ARG A 1 17  ? 5.816   6.587   13.731  1.00 26.26 ? 17  ARG A CB  1 
ATOM   133 C CG  . ARG A 1 17  ? 5.590   5.499   14.791  1.00 35.74 ? 17  ARG A CG  1 
ATOM   134 C CD  . ARG A 1 17  ? 6.516   5.651   16.002  1.00 37.88 ? 17  ARG A CD  1 
ATOM   135 N NE  . ARG A 1 17  ? 6.017   6.620   16.980  1.00 31.89 ? 17  ARG A NE  1 
ATOM   136 C CZ  . ARG A 1 17  ? 6.620   6.908   18.131  1.00 33.07 ? 17  ARG A CZ  1 
ATOM   137 N NH1 . ARG A 1 17  ? 7.760   6.314   18.471  1.00 42.00 ? 17  ARG A NH1 1 
ATOM   138 N NH2 . ARG A 1 17  ? 6.070   7.779   18.960  1.00 34.74 ? 17  ARG A NH2 1 
ATOM   139 N N   . GLU A 1 18  ? 6.682   7.110   10.708  1.00 16.12 ? 18  GLU A N   1 
ATOM   140 C CA  . GLU A 1 18  ? 7.156   8.033   9.684   1.00 9.56  ? 18  GLU A CA  1 
ATOM   141 C C   . GLU A 1 18  ? 6.108   8.048   8.585   1.00 12.24 ? 18  GLU A C   1 
ATOM   142 O O   . GLU A 1 18  ? 5.540   9.084   8.257   1.00 14.31 ? 18  GLU A O   1 
ATOM   143 C CB  . GLU A 1 18  ? 8.486   7.550   9.128   1.00 7.11  ? 18  GLU A CB  1 
ATOM   144 C CG  . GLU A 1 18  ? 9.411   6.973   10.188  1.00 20.10 ? 18  GLU A CG  1 
ATOM   145 C CD  . GLU A 1 18  ? 10.857  6.925   9.761   1.00 17.64 ? 18  GLU A CD  1 
ATOM   146 O OE1 . GLU A 1 18  ? 11.306  5.953   9.112   1.00 12.71 ? 18  GLU A OE1 1 
ATOM   147 O OE2 . GLU A 1 18  ? 11.555  7.894   10.087  1.00 27.81 ? 18  GLU A OE2 1 
ATOM   148 N N   . ALA A 1 19  ? 5.811   6.866   8.062   1.00 10.73 ? 19  ALA A N   1 
ATOM   149 C CA  . ALA A 1 19  ? 4.824   6.698   7.014   1.00 12.05 ? 19  ALA A CA  1 
ATOM   150 C C   . ALA A 1 19  ? 3.527   7.498   7.233   1.00 12.63 ? 19  ALA A C   1 
ATOM   151 O O   . ALA A 1 19  ? 2.886   7.933   6.269   1.00 21.12 ? 19  ALA A O   1 
ATOM   152 C CB  . ALA A 1 19  ? 4.517   5.220   6.840   1.00 11.77 ? 19  ALA A CB  1 
ATOM   153 N N   . GLU A 1 20  ? 3.133   7.669   8.492   1.00 13.62 ? 20  GLU A N   1 
ATOM   154 C CA  . GLU A 1 20  ? 1.901   8.408   8.824   1.00 16.77 ? 20  GLU A CA  1 
ATOM   155 C C   . GLU A 1 20  ? 2.152   9.920   8.752   1.00 17.26 ? 20  GLU A C   1 
ATOM   156 O O   . GLU A 1 20  ? 1.227   10.719  8.607   1.00 14.17 ? 20  GLU A O   1 
ATOM   157 C CB  . GLU A 1 20  ? 1.369   8.008   10.216  1.00 6.35  ? 20  GLU A CB  1 
ATOM   158 C CG  . GLU A 1 20  ? 0.973   6.528   10.364  1.00 8.75  ? 20  GLU A CG  1 
ATOM   159 C CD  . GLU A 1 20  ? 0.454   6.170   11.775  1.00 25.64 ? 20  GLU A CD  1 
ATOM   160 O OE1 . GLU A 1 20  ? 0.277   7.101   12.606  1.00 26.82 ? 20  GLU A OE1 1 
ATOM   161 O OE2 . GLU A 1 20  ? 0.216   4.958   12.057  1.00 22.67 ? 20  GLU A OE2 1 
ATOM   162 N N   . ALA A 1 21  ? 3.422   10.293  8.856   1.00 25.78 ? 21  ALA A N   1 
ATOM   163 C CA  . ALA A 1 21  ? 3.857   11.680  8.775   1.00 14.90 ? 21  ALA A CA  1 
ATOM   164 C C   . ALA A 1 21  ? 4.130   12.065  7.323   1.00 21.17 ? 21  ALA A C   1 
ATOM   165 O O   . ALA A 1 21  ? 4.863   13.023  7.065   1.00 30.05 ? 21  ALA A O   1 
ATOM   166 C CB  . ALA A 1 21  ? 5.101   11.858  9.575   1.00 9.12  ? 21  ALA A CB  1 
ATOM   167 N N   . LEU A 1 22  ? 3.634   11.275  6.375   1.00 11.10 ? 22  LEU A N   1 
ATOM   168 C CA  . LEU A 1 22  ? 3.837   11.581  4.974   1.00 8.70  ? 22  LEU A CA  1 
ATOM   169 C C   . LEU A 1 22  ? 2.488   11.690  4.274   1.00 13.53 ? 22  LEU A C   1 
ATOM   170 O O   . LEU A 1 22  ? 2.419   11.965  3.071   1.00 15.20 ? 22  LEU A O   1 
ATOM   171 C CB  . LEU A 1 22  ? 4.706   10.510  4.309   1.00 10.71 ? 22  LEU A CB  1 
ATOM   172 C CG  . LEU A 1 22  ? 6.219   10.684  4.211   1.00 2.00  ? 22  LEU A CG  1 
ATOM   173 C CD1 . LEU A 1 22  ? 6.798   11.283  5.457   1.00 2.30  ? 22  LEU A CD1 1 
ATOM   174 C CD2 . LEU A 1 22  ? 6.850   9.323   3.885   1.00 2.00  ? 22  LEU A CD2 1 
ATOM   175 N N   . LEU A 1 23  ? 1.422   11.422  5.020   1.00 7.39  ? 23  LEU A N   1 
ATOM   176 C CA  . LEU A 1 23  ? 0.062   11.501  4.491   1.00 11.53 ? 23  LEU A CA  1 
ATOM   177 C C   . LEU A 1 23  ? -0.467  12.893  4.852   1.00 12.88 ? 23  LEU A C   1 
ATOM   178 O O   . LEU A 1 23  ? -0.347  13.305  6.000   1.00 9.07  ? 23  LEU A O   1 
ATOM   179 C CB  . LEU A 1 23  ? -0.838  10.416  5.129   1.00 17.47 ? 23  LEU A CB  1 
ATOM   180 C CG  . LEU A 1 23  ? -0.328  8.962   5.212   1.00 20.39 ? 23  LEU A CG  1 
ATOM   181 C CD1 . LEU A 1 23  ? -1.099  8.161   6.251   1.00 18.19 ? 23  LEU A CD1 1 
ATOM   182 C CD2 . LEU A 1 23  ? -0.402  8.292   3.860   1.00 24.57 ? 23  LEU A CD2 1 
ATOM   183 N N   . GLN A 1 24  ? -0.999  13.624  3.871   1.00 15.01 ? 24  GLN A N   1 
ATOM   184 C CA  . GLN A 1 24  ? -1.533  14.966  4.100   1.00 19.40 ? 24  GLN A CA  1 
ATOM   185 C C   . GLN A 1 24  ? -3.033  14.999  3.876   1.00 20.98 ? 24  GLN A C   1 
ATOM   186 O O   . GLN A 1 24  ? -3.763  15.547  4.693   1.00 28.07 ? 24  GLN A O   1 
ATOM   187 C CB  . GLN A 1 24  ? -0.832  15.992  3.192   1.00 24.65 ? 24  GLN A CB  1 
ATOM   188 C CG  . GLN A 1 24  ? -1.256  17.465  3.410   1.00 40.41 ? 24  GLN A CG  1 
ATOM   189 C CD  . GLN A 1 24  ? -0.324  18.499  2.717   1.00 52.60 ? 24  GLN A CD  1 
ATOM   190 O OE1 . GLN A 1 24  ? 0.870   18.586  3.033   1.00 55.07 ? 24  GLN A OE1 1 
ATOM   191 N NE2 . GLN A 1 24  ? -0.886  19.307  1.803   1.00 46.17 ? 24  GLN A NE2 1 
ATOM   192 N N   . LEU A 1 25  ? -3.472  14.391  2.771   1.00 26.35 ? 25  LEU A N   1 
ATOM   193 C CA  . LEU A 1 25  ? -4.888  14.320  2.368   1.00 18.55 ? 25  LEU A CA  1 
ATOM   194 C C   . LEU A 1 25  ? -5.342  12.867  2.331   1.00 15.97 ? 25  LEU A C   1 
ATOM   195 O O   . LEU A 1 25  ? -4.586  11.979  1.957   1.00 10.21 ? 25  LEU A O   1 
ATOM   196 C CB  . LEU A 1 25  ? -5.099  14.852  0.939   1.00 14.42 ? 25  LEU A CB  1 
ATOM   197 C CG  . LEU A 1 25  ? -4.398  16.093  0.373   1.00 15.46 ? 25  LEU A CG  1 
ATOM   198 C CD1 . LEU A 1 25  ? -4.747  16.146  -1.091  1.00 7.68  ? 25  LEU A CD1 1 
ATOM   199 C CD2 . LEU A 1 25  ? -4.818  17.392  1.079   1.00 5.48  ? 25  LEU A CD2 1 
ATOM   200 N N   . ASN A 1 26  ? -6.621  12.658  2.601   1.00 18.15 ? 26  ASN A N   1 
ATOM   201 C CA  . ASN A 1 26  ? -7.214  11.332  2.583   1.00 18.48 ? 26  ASN A CA  1 
ATOM   202 C C   . ASN A 1 26  ? -6.892  10.756  1.224   1.00 8.99  ? 26  ASN A C   1 
ATOM   203 O O   . ASN A 1 26  ? -6.635  11.496  0.297   1.00 22.81 ? 26  ASN A O   1 
ATOM   204 C CB  . ASN A 1 26  ? -8.731  11.428  2.823   1.00 20.73 ? 26  ASN A CB  1 
ATOM   205 C CG  . ASN A 1 26  ? -9.071  11.888  4.237   1.00 21.70 ? 26  ASN A CG  1 
ATOM   206 O OD1 . ASN A 1 26  ? -8.708  11.231  5.206   1.00 26.49 ? 26  ASN A OD1 1 
ATOM   207 N ND2 . ASN A 1 26  ? -9.745  13.024  4.360   1.00 20.29 ? 26  ASN A ND2 1 
ATOM   208 N N   . GLY A 1 27  ? -6.823  9.440   1.126   1.00 15.08 ? 27  GLY A N   1 
ATOM   209 C CA  . GLY A 1 27  ? -6.492  8.808   -0.133  1.00 8.94  ? 27  GLY A CA  1 
ATOM   210 C C   . GLY A 1 27  ? -5.004  8.780   -0.418  1.00 7.06  ? 27  GLY A C   1 
ATOM   211 O O   . GLY A 1 27  ? -4.589  8.317   -1.473  1.00 16.02 ? 27  GLY A O   1 
ATOM   212 N N   . ASP A 1 28  ? -4.208  9.303   0.502   1.00 6.02  ? 28  ASP A N   1 
ATOM   213 C CA  . ASP A 1 28  ? -2.749  9.317   0.378   1.00 15.36 ? 28  ASP A CA  1 
ATOM   214 C C   . ASP A 1 28  ? -2.187  7.928   0.694   1.00 13.65 ? 28  ASP A C   1 
ATOM   215 O O   . ASP A 1 28  ? -2.428  7.411   1.773   1.00 26.55 ? 28  ASP A O   1 
ATOM   216 C CB  . ASP A 1 28  ? -2.115  10.340  1.363   1.00 12.42 ? 28  ASP A CB  1 
ATOM   217 C CG  . ASP A 1 28  ? -1.584  11.603  0.669   1.00 17.91 ? 28  ASP A CG  1 
ATOM   218 O OD1 . ASP A 1 28  ? -1.662  11.704  -0.568  1.00 25.66 ? 28  ASP A OD1 1 
ATOM   219 O OD2 . ASP A 1 28  ? -1.070  12.512  1.352   1.00 20.29 ? 28  ASP A OD2 1 
ATOM   220 N N   . PHE A 1 29  ? -1.435  7.324   -0.222  1.00 17.37 ? 29  PHE A N   1 
ATOM   221 C CA  . PHE A 1 29  ? -0.844  6.011   0.048   1.00 12.37 ? 29  PHE A CA  1 
ATOM   222 C C   . PHE A 1 29  ? 0.626   5.888   -0.310  1.00 9.39  ? 29  PHE A C   1 
ATOM   223 O O   . PHE A 1 29  ? 1.170   6.674   -1.074  1.00 2.00  ? 29  PHE A O   1 
ATOM   224 C CB  . PHE A 1 29  ? -1.619  4.885   -0.627  1.00 3.32  ? 29  PHE A CB  1 
ATOM   225 C CG  . PHE A 1 29  ? -1.583  4.921   -2.123  1.00 7.74  ? 29  PHE A CG  1 
ATOM   226 C CD1 . PHE A 1 29  ? -2.446  5.748   -2.833  1.00 9.74  ? 29  PHE A CD1 1 
ATOM   227 C CD2 . PHE A 1 29  ? -0.785  4.031   -2.828  1.00 11.64 ? 29  PHE A CD2 1 
ATOM   228 C CE1 . PHE A 1 29  ? -2.528  5.675   -4.233  1.00 2.00  ? 29  PHE A CE1 1 
ATOM   229 C CE2 . PHE A 1 29  ? -0.861  3.945   -4.234  1.00 15.08 ? 29  PHE A CE2 1 
ATOM   230 C CZ  . PHE A 1 29  ? -1.734  4.766   -4.933  1.00 5.82  ? 29  PHE A CZ  1 
ATOM   231 N N   . LEU A 1 30  ? 1.256   4.885   0.274   1.00 9.09  ? 30  LEU A N   1 
ATOM   232 C CA  . LEU A 1 30  ? 2.658   4.610   0.056   1.00 10.22 ? 30  LEU A CA  1 
ATOM   233 C C   . LEU A 1 30  ? 2.903   3.216   0.667   1.00 13.60 ? 30  LEU A C   1 
ATOM   234 O O   . LEU A 1 30  ? 2.274   2.873   1.686   1.00 20.12 ? 30  LEU A O   1 
ATOM   235 C CB  . LEU A 1 30  ? 3.498   5.688   0.732   1.00 11.06 ? 30  LEU A CB  1 
ATOM   236 C CG  . LEU A 1 30  ? 3.337   5.727   2.242   1.00 7.43  ? 30  LEU A CG  1 
ATOM   237 C CD1 . LEU A 1 30  ? 4.670   5.310   2.780   1.00 9.68  ? 30  LEU A CD1 1 
ATOM   238 C CD2 . LEU A 1 30  ? 2.941   7.112   2.784   1.00 11.36 ? 30  LEU A CD2 1 
ATOM   239 N N   . VAL A 1 31  ? 3.739   2.402   0.005   1.00 2.90  ? 31  VAL A N   1 
ATOM   240 C CA  . VAL A 1 31  ? 4.035   1.045   0.442   1.00 2.00  ? 31  VAL A CA  1 
ATOM   241 C C   . VAL A 1 31  ? 5.442   0.946   0.996   1.00 5.34  ? 31  VAL A C   1 
ATOM   242 O O   . VAL A 1 31  ? 6.347   1.635   0.548   1.00 2.58  ? 31  VAL A O   1 
ATOM   243 C CB  . VAL A 1 31  ? 3.872   0.024   -0.721  1.00 5.74  ? 31  VAL A CB  1 
ATOM   244 C CG1 . VAL A 1 31  ? 4.275   -1.379  -0.268  1.00 2.00  ? 31  VAL A CG1 1 
ATOM   245 C CG2 . VAL A 1 31  ? 2.431   0.011   -1.246  1.00 2.00  ? 31  VAL A CG2 1 
ATOM   246 N N   . ARG A 1 32  ? 5.604   0.108   2.008   1.00 9.80  ? 32  ARG A N   1 
ATOM   247 C CA  . ARG A 1 32  ? 6.893   -0.113  2.661   1.00 11.62 ? 32  ARG A CA  1 
ATOM   248 C C   . ARG A 1 32  ? 6.926   -1.571  3.138   1.00 13.63 ? 32  ARG A C   1 
ATOM   249 O O   . ARG A 1 32  ? 5.903   -2.257  3.164   1.00 20.73 ? 32  ARG A O   1 
ATOM   250 C CB  . ARG A 1 32  ? 7.077   0.864   3.835   1.00 8.08  ? 32  ARG A CB  1 
ATOM   251 C CG  . ARG A 1 32  ? 5.754   1.191   4.509   1.00 20.52 ? 32  ARG A CG  1 
ATOM   252 C CD  . ARG A 1 32  ? 5.811   1.332   6.022   1.00 18.41 ? 32  ARG A CD  1 
ATOM   253 N NE  . ARG A 1 32  ? 4.484   1.143   6.594   1.00 19.88 ? 32  ARG A NE  1 
ATOM   254 C CZ  . ARG A 1 32  ? 4.227   0.534   7.749   1.00 21.60 ? 32  ARG A CZ  1 
ATOM   255 N NH1 . ARG A 1 32  ? 5.213   0.047   8.490   1.00 8.95  ? 32  ARG A NH1 1 
ATOM   256 N NH2 . ARG A 1 32  ? 2.962   0.381   8.140   1.00 14.04 ? 32  ARG A NH2 1 
ATOM   257 N N   . GLU A 1 33  ? 8.103   -2.048  3.495   1.00 13.35 ? 33  GLU A N   1 
ATOM   258 C CA  . GLU A 1 33  ? 8.267   -3.413  3.929   1.00 13.83 ? 33  GLU A CA  1 
ATOM   259 C C   . GLU A 1 33  ? 8.314   -3.526  5.427   1.00 22.83 ? 33  GLU A C   1 
ATOM   260 O O   . GLU A 1 33  ? 9.069   -2.798  6.064   1.00 21.01 ? 33  GLU A O   1 
ATOM   261 C CB  . GLU A 1 33  ? 9.561   -3.950  3.350   1.00 16.38 ? 33  GLU A CB  1 
ATOM   262 C CG  . GLU A 1 33  ? 10.160  -5.121  4.087   1.00 21.48 ? 33  GLU A CG  1 
ATOM   263 C CD  . GLU A 1 33  ? 11.094  -5.916  3.218   1.00 17.02 ? 33  GLU A CD  1 
ATOM   264 O OE1 . GLU A 1 33  ? 11.786  -5.297  2.375   1.00 23.96 ? 33  GLU A OE1 1 
ATOM   265 O OE2 . GLU A 1 33  ? 11.122  -7.158  3.363   1.00 18.74 ? 33  GLU A OE2 1 
ATOM   266 N N   . SER A 1 34  ? 7.552   -4.494  5.948   1.00 29.02 ? 34  SER A N   1 
ATOM   267 C CA  . SER A 1 34  ? 7.428   -4.830  7.375   1.00 34.91 ? 34  SER A CA  1 
ATOM   268 C C   . SER A 1 34  ? 8.543   -4.268  8.236   1.00 38.02 ? 34  SER A C   1 
ATOM   269 O O   . SER A 1 34  ? 9.698   -4.638  8.027   1.00 44.77 ? 34  SER A O   1 
ATOM   270 C CB  . SER A 1 34  ? 7.409   -6.354  7.518   1.00 37.46 ? 34  SER A CB  1 
ATOM   271 O OG  . SER A 1 34  ? 7.839   -6.779  8.801   1.00 27.00 ? 34  SER A OG  1 
ATOM   272 N N   . THR A 1 35  ? 8.211   -3.471  9.255   1.00 41.07 ? 35  THR A N   1 
ATOM   273 C CA  . THR A 1 35  ? 9.257   -2.874  10.096  1.00 43.28 ? 35  THR A CA  1 
ATOM   274 C C   . THR A 1 35  ? 9.567   -3.401  11.510  1.00 49.25 ? 35  THR A C   1 
ATOM   275 O O   . THR A 1 35  ? 10.756  -3.515  11.852  1.00 52.15 ? 35  THR A O   1 
ATOM   276 C CB  . THR A 1 35  ? 9.170   -1.334  10.085  1.00 35.69 ? 35  THR A CB  1 
ATOM   277 O OG1 . THR A 1 35  ? 9.532   -0.867  8.780   1.00 33.31 ? 35  THR A OG1 1 
ATOM   278 C CG2 . THR A 1 35  ? 10.124  -0.711  11.098  1.00 31.25 ? 35  THR A CG2 1 
ATOM   279 N N   . THR A 1 36  ? 8.552   -3.713  12.331  1.00 45.83 ? 36  THR A N   1 
ATOM   280 C CA  . THR A 1 36  ? 8.822   -4.232  13.685  1.00 40.12 ? 36  THR A CA  1 
ATOM   281 C C   . THR A 1 36  ? 9.852   -5.388  13.576  1.00 41.58 ? 36  THR A C   1 
ATOM   282 O O   . THR A 1 36  ? 10.883  -5.404  14.278  1.00 32.08 ? 36  THR A O   1 
ATOM   283 C CB  . THR A 1 36  ? 7.481   -4.568  14.479  1.00 32.74 ? 36  THR A CB  1 
ATOM   284 O OG1 . THR A 1 36  ? 7.075   -3.412  15.232  1.00 30.19 ? 36  THR A OG1 1 
ATOM   285 C CG2 . THR A 1 36  ? 7.641   -5.728  15.459  1.00 27.91 ? 36  THR A CG2 1 
ATOM   286 N N   . THR A 1 37  ? 9.623   -6.285  12.617  1.00 33.52 ? 37  THR A N   1 
ATOM   287 C CA  . THR A 1 37  ? 10.550  -7.374  12.360  1.00 35.46 ? 37  THR A CA  1 
ATOM   288 C C   . THR A 1 37  ? 10.296  -7.978  10.986  1.00 39.57 ? 37  THR A C   1 
ATOM   289 O O   . THR A 1 37  ? 9.712   -9.057  10.839  1.00 31.01 ? 37  THR A O   1 
ATOM   290 C CB  . THR A 1 37  ? 10.596  -8.406  13.497  1.00 43.30 ? 37  THR A CB  1 
ATOM   291 O OG1 . THR A 1 37  ? 9.384   -8.346  14.268  1.00 51.35 ? 37  THR A OG1 1 
ATOM   292 C CG2 . THR A 1 37  ? 11.810  -8.119  14.406  1.00 36.61 ? 37  THR A CG2 1 
ATOM   293 N N   . PRO A 1 38  ? 10.787  -7.273  9.954   1.00 47.78 ? 38  PRO A N   1 
ATOM   294 C CA  . PRO A 1 38  ? 10.760  -7.485  8.505   1.00 51.58 ? 38  PRO A CA  1 
ATOM   295 C C   . PRO A 1 38  ? 10.405  -8.845  7.919   1.00 53.21 ? 38  PRO A C   1 
ATOM   296 O O   . PRO A 1 38  ? 10.991  -9.878  8.267   1.00 51.46 ? 38  PRO A O   1 
ATOM   297 C CB  . PRO A 1 38  ? 12.133  -7.000  8.081   1.00 57.45 ? 38  PRO A CB  1 
ATOM   298 C CG  . PRO A 1 38  ? 12.270  -5.757  8.919   1.00 55.05 ? 38  PRO A CG  1 
ATOM   299 C CD  . PRO A 1 38  ? 11.759  -6.204  10.282  1.00 50.83 ? 38  PRO A CD  1 
ATOM   300 N N   . GLY A 1 39  ? 9.469   -8.783  6.970   1.00 55.89 ? 39  GLY A N   1 
ATOM   301 C CA  . GLY A 1 39  ? 8.965   -9.942  6.254   1.00 51.12 ? 39  GLY A CA  1 
ATOM   302 C C   . GLY A 1 39  ? 8.256   -9.530  4.961   1.00 48.07 ? 39  GLY A C   1 
ATOM   303 O O   . GLY A 1 39  ? 8.879   -9.474  3.885   1.00 39.80 ? 39  GLY A O   1 
ATOM   304 N N   . GLN A 1 40  ? 6.954   -9.254  5.054   1.00 40.27 ? 40  GLN A N   1 
ATOM   305 C CA  . GLN A 1 40  ? 6.195   -8.849  3.878   1.00 33.18 ? 40  GLN A CA  1 
ATOM   306 C C   . GLN A 1 40  ? 5.955   -7.333  3.821   1.00 31.72 ? 40  GLN A C   1 
ATOM   307 O O   . GLN A 1 40  ? 6.637   -6.562  4.515   1.00 26.87 ? 40  GLN A O   1 
ATOM   308 C CB  . GLN A 1 40  ? 4.884   -9.645  3.730   1.00 38.10 ? 40  GLN A CB  1 
ATOM   309 C CG  . GLN A 1 40  ? 3.653   -9.085  4.453   1.00 26.98 ? 40  GLN A CG  1 
ATOM   310 C CD  . GLN A 1 40  ? 3.550   -9.573  5.865   1.00 31.40 ? 40  GLN A CD  1 
ATOM   311 O OE1 . GLN A 1 40  ? 3.883   -10.728 6.163   1.00 38.70 ? 40  GLN A OE1 1 
ATOM   312 N NE2 . GLN A 1 40  ? 3.104   -8.698  6.760   1.00 24.54 ? 40  GLN A NE2 1 
ATOM   313 N N   . TYR A 1 41  ? 4.945   -6.922  3.056   1.00 18.98 ? 41  TYR A N   1 
ATOM   314 C CA  . TYR A 1 41  ? 4.671   -5.522  2.832   1.00 13.24 ? 41  TYR A CA  1 
ATOM   315 C C   . TYR A 1 41  ? 3.384   -4.974  3.341   1.00 14.24 ? 41  TYR A C   1 
ATOM   316 O O   . TYR A 1 41  ? 2.379   -5.666  3.384   1.00 24.13 ? 41  TYR A O   1 
ATOM   317 C CB  . TYR A 1 41  ? 4.763   -5.252  1.343   1.00 15.88 ? 41  TYR A CB  1 
ATOM   318 C CG  . TYR A 1 41  ? 6.025   -5.801  0.772   1.00 18.57 ? 41  TYR A CG  1 
ATOM   319 C CD1 . TYR A 1 41  ? 7.252   -5.543  1.386   1.00 19.90 ? 41  TYR A CD1 1 
ATOM   320 C CD2 . TYR A 1 41  ? 6.004   -6.577  -0.371  1.00 22.33 ? 41  TYR A CD2 1 
ATOM   321 C CE1 . TYR A 1 41  ? 8.429   -6.040  0.871   1.00 19.17 ? 41  TYR A CE1 1 
ATOM   322 C CE2 . TYR A 1 41  ? 7.184   -7.086  -0.906  1.00 35.07 ? 41  TYR A CE2 1 
ATOM   323 C CZ  . TYR A 1 41  ? 8.396   -6.809  -0.277  1.00 28.58 ? 41  TYR A CZ  1 
ATOM   324 O OH  . TYR A 1 41  ? 9.570   -7.276  -0.824  1.00 37.50 ? 41  TYR A OH  1 
ATOM   325 N N   . VAL A 1 42  ? 3.383   -3.662  3.543   1.00 14.60 ? 42  VAL A N   1 
ATOM   326 C CA  . VAL A 1 42  ? 2.236   -2.969  4.075   1.00 5.68  ? 42  VAL A CA  1 
ATOM   327 C C   . VAL A 1 42  ? 1.803   -1.791  3.199   1.00 13.53 ? 42  VAL A C   1 
ATOM   328 O O   . VAL A 1 42  ? 2.619   -1.154  2.524   1.00 16.67 ? 42  VAL A O   1 
ATOM   329 C CB  . VAL A 1 42  ? 2.573   -2.478  5.496   1.00 5.48  ? 42  VAL A CB  1 
ATOM   330 C CG1 . VAL A 1 42  ? 1.393   -1.756  6.119   1.00 25.93 ? 42  VAL A CG1 1 
ATOM   331 C CG2 . VAL A 1 42  ? 2.994   -3.655  6.374   1.00 2.00  ? 42  VAL A CG2 1 
ATOM   332 N N   . LEU A 1 43  ? 0.502   -1.529  3.201   1.00 17.03 ? 43  LEU A N   1 
ATOM   333 C CA  . LEU A 1 43  ? -0.096  -0.432  2.473   1.00 12.87 ? 43  LEU A CA  1 
ATOM   334 C C   . LEU A 1 43  ? -0.535  0.539   3.572   1.00 18.10 ? 43  LEU A C   1 
ATOM   335 O O   . LEU A 1 43  ? -1.300  0.175   4.469   1.00 19.06 ? 43  LEU A O   1 
ATOM   336 C CB  . LEU A 1 43  ? -1.323  -0.921  1.725   1.00 11.53 ? 43  LEU A CB  1 
ATOM   337 C CG  . LEU A 1 43  ? -1.960  -0.052  0.649   1.00 24.74 ? 43  LEU A CG  1 
ATOM   338 C CD1 . LEU A 1 43  ? -2.403  1.287   1.189   1.00 19.81 ? 43  LEU A CD1 1 
ATOM   339 C CD2 . LEU A 1 43  ? -0.958  0.122   -0.476  1.00 30.51 ? 43  LEU A CD2 1 
ATOM   340 N N   . THR A 1 44  ? -0.013  1.754   3.540   1.00 14.18 ? 44  THR A N   1 
ATOM   341 C CA  . THR A 1 44  ? -0.394  2.729   4.531   1.00 6.40  ? 44  THR A CA  1 
ATOM   342 C C   . THR A 1 44  ? -1.115  3.819   3.797   1.00 2.52  ? 44  THR A C   1 
ATOM   343 O O   . THR A 1 44  ? -0.662  4.274   2.754   1.00 14.08 ? 44  THR A O   1 
ATOM   344 C CB  . THR A 1 44  ? 0.833   3.314   5.255   1.00 13.80 ? 44  THR A CB  1 
ATOM   345 O OG1 . THR A 1 44  ? 1.520   2.261   5.952   1.00 15.91 ? 44  THR A OG1 1 
ATOM   346 C CG2 . THR A 1 44  ? 0.404   4.405   6.248   1.00 2.00  ? 44  THR A CG2 1 
ATOM   347 N N   . GLY A 1 45  ? -2.265  4.210   4.314   1.00 6.30  ? 45  GLY A N   1 
ATOM   348 C CA  . GLY A 1 45  ? -3.016  5.267   3.676   1.00 10.13 ? 45  GLY A CA  1 
ATOM   349 C C   . GLY A 1 45  ? -3.849  6.043   4.672   1.00 8.40  ? 45  GLY A C   1 
ATOM   350 O O   . GLY A 1 45  ? -4.040  5.598   5.812   1.00 2.00  ? 45  GLY A O   1 
ATOM   351 N N   . LEU A 1 46  ? -4.302  7.222   4.260   1.00 6.38  ? 46  LEU A N   1 
ATOM   352 C CA  . LEU A 1 46  ? -5.131  8.055   5.107   1.00 14.75 ? 46  LEU A CA  1 
ATOM   353 C C   . LEU A 1 46  ? -6.574  8.032   4.610   1.00 15.64 ? 46  LEU A C   1 
ATOM   354 O O   . LEU A 1 46  ? -6.834  7.993   3.419   1.00 17.12 ? 46  LEU A O   1 
ATOM   355 C CB  . LEU A 1 46  ? -4.630  9.499   5.148   1.00 9.26  ? 46  LEU A CB  1 
ATOM   356 C CG  . LEU A 1 46  ? -5.171  10.214  6.391   1.00 12.46 ? 46  LEU A CG  1 
ATOM   357 C CD1 . LEU A 1 46  ? -4.362  9.754   7.624   1.00 8.65  ? 46  LEU A CD1 1 
ATOM   358 C CD2 . LEU A 1 46  ? -5.101  11.722  6.233   1.00 2.96  ? 46  LEU A CD2 1 
ATOM   359 N N   . GLN A 1 47  ? -7.503  7.975   5.549   1.00 24.74 ? 47  GLN A N   1 
ATOM   360 C CA  . GLN A 1 47  ? -8.917  7.973   5.258   1.00 23.87 ? 47  GLN A CA  1 
ATOM   361 C C   . GLN A 1 47  ? -9.589  8.475   6.512   1.00 21.63 ? 47  GLN A C   1 
ATOM   362 O O   . GLN A 1 47  ? -9.417  7.890   7.578   1.00 31.78 ? 47  GLN A O   1 
ATOM   363 C CB  . GLN A 1 47  ? -9.415  6.567   4.971   1.00 28.57 ? 47  GLN A CB  1 
ATOM   364 C CG  . GLN A 1 47  ? -10.917 6.530   4.728   1.00 38.79 ? 47  GLN A CG  1 
ATOM   365 C CD  . GLN A 1 47  ? -11.338 7.397   3.547   1.00 44.20 ? 47  GLN A CD  1 
ATOM   366 O OE1 . GLN A 1 47  ? -11.596 8.593   3.689   1.00 39.87 ? 47  GLN A OE1 1 
ATOM   367 N NE2 . GLN A 1 47  ? -11.408 6.790   2.373   1.00 53.57 ? 47  GLN A NE2 1 
ATOM   368 N N   . SER A 1 48  ? -10.277 9.602   6.404   1.00 9.83  ? 48  SER A N   1 
ATOM   369 C CA  . SER A 1 48  ? -10.997 10.180  7.518   1.00 7.79  ? 48  SER A CA  1 
ATOM   370 C C   . SER A 1 48  ? -10.050 10.807  8.524   1.00 13.83 ? 48  SER A C   1 
ATOM   371 O O   . SER A 1 48  ? -10.438 11.138  9.653   1.00 27.00 ? 48  SER A O   1 
ATOM   372 C CB  . SER A 1 48  ? -11.871 9.107   8.169   1.00 20.12 ? 48  SER A CB  1 
ATOM   373 O OG  . SER A 1 48  ? -13.091 9.640   8.624   1.00 29.02 ? 48  SER A OG  1 
ATOM   374 N N   . GLY A 1 49  ? -8.811  11.026  8.105   1.00 21.62 ? 49  GLY A N   1 
ATOM   375 C CA  . GLY A 1 49  ? -7.840  11.643  8.999   1.00 23.03 ? 49  GLY A CA  1 
ATOM   376 C C   . GLY A 1 49  ? -7.200  10.668  9.961   1.00 19.17 ? 49  GLY A C   1 
ATOM   377 O O   . GLY A 1 49  ? -6.803  11.027  11.073  1.00 17.68 ? 49  GLY A O   1 
ATOM   378 N N   . GLN A 1 50  ? -7.092  9.424   9.523   1.00 11.38 ? 50  GLN A N   1 
ATOM   379 C CA  . GLN A 1 50  ? -6.495  8.395   10.337  1.00 16.49 ? 50  GLN A CA  1 
ATOM   380 C C   . GLN A 1 50  ? -6.026  7.287   9.424   1.00 13.38 ? 50  GLN A C   1 
ATOM   381 O O   . GLN A 1 50  ? -6.801  6.699   8.672   1.00 15.76 ? 50  GLN A O   1 
ATOM   382 C CB  . GLN A 1 50  ? -7.506  7.888   11.351  1.00 29.44 ? 50  GLN A CB  1 
ATOM   383 C CG  . GLN A 1 50  ? -8.828  7.575   10.750  1.00 31.00 ? 50  GLN A CG  1 
ATOM   384 C CD  . GLN A 1 50  ? -9.843  7.292   11.797  1.00 33.32 ? 50  GLN A CD  1 
ATOM   385 O OE1 . GLN A 1 50  ? -10.112 6.136   12.105  1.00 40.24 ? 50  GLN A OE1 1 
ATOM   386 N NE2 . GLN A 1 50  ? -10.424 8.343   12.363  1.00 33.82 ? 50  GLN A NE2 1 
ATOM   387 N N   . PRO A 1 51  ? -4.738  6.968   9.508   1.00 13.27 ? 51  PRO A N   1 
ATOM   388 C CA  . PRO A 1 51  ? -4.140  5.931   8.677   1.00 9.94  ? 51  PRO A CA  1 
ATOM   389 C C   . PRO A 1 51  ? -4.716  4.578   8.981   1.00 6.29  ? 51  PRO A C   1 
ATOM   390 O O   . PRO A 1 51  ? -5.198  4.345   10.077  1.00 10.00 ? 51  PRO A O   1 
ATOM   391 C CB  . PRO A 1 51  ? -2.654  5.991   9.067   1.00 4.35  ? 51  PRO A CB  1 
ATOM   392 C CG  . PRO A 1 51  ? -2.493  7.353   9.725   1.00 6.08  ? 51  PRO A CG  1 
ATOM   393 C CD  . PRO A 1 51  ? -3.775  7.466   10.500  1.00 6.78  ? 51  PRO A CD  1 
ATOM   394 N N   . LYS A 1 52  ? -4.599  3.686   8.005   1.00 9.27  ? 52  LYS A N   1 
ATOM   395 C CA  . LYS A 1 52  ? -5.041  2.294   8.075   1.00 7.46  ? 52  LYS A CA  1 
ATOM   396 C C   . LYS A 1 52  ? -3.753  1.545   7.687   1.00 8.85  ? 52  LYS A C   1 
ATOM   397 O O   . LYS A 1 52  ? -2.881  2.128   7.044   1.00 12.58 ? 52  LYS A O   1 
ATOM   398 C CB  . LYS A 1 52  ? -6.117  2.055   7.012   1.00 11.24 ? 52  LYS A CB  1 
ATOM   399 C CG  . LYS A 1 52  ? -7.112  3.231   6.824   1.00 23.95 ? 52  LYS A CG  1 
ATOM   400 C CD  . LYS A 1 52  ? -8.092  3.392   7.998   1.00 36.60 ? 52  LYS A CD  1 
ATOM   401 C CE  . LYS A 1 52  ? -9.237  4.378   7.680   1.00 44.44 ? 52  LYS A CE  1 
ATOM   402 N NZ  . LYS A 1 52  ? -10.184 4.641   8.836   1.00 33.89 ? 52  LYS A NZ  1 
ATOM   403 N N   . HIS A 1 53  ? -3.577  0.288   8.056   1.00 4.41  ? 53  HIS A N   1 
ATOM   404 C CA  . HIS A 1 53  ? -2.324  -0.344  7.665   1.00 2.00  ? 53  HIS A CA  1 
ATOM   405 C C   . HIS A 1 53  ? -2.561  -1.749  7.176   1.00 5.63  ? 53  HIS A C   1 
ATOM   406 O O   . HIS A 1 53  ? -2.549  -2.685  7.962   1.00 14.26 ? 53  HIS A O   1 
ATOM   407 C CB  . HIS A 1 53  ? -1.296  -0.326  8.822   1.00 5.58  ? 53  HIS A CB  1 
ATOM   408 C CG  . HIS A 1 53  ? -0.702  1.031   9.110   1.00 12.54 ? 53  HIS A CG  1 
ATOM   409 N ND1 . HIS A 1 53  ? 0.361   1.557   8.402   1.00 15.60 ? 53  HIS A ND1 1 
ATOM   410 C CD2 . HIS A 1 53  ? -1.022  1.963   10.042  1.00 12.93 ? 53  HIS A CD2 1 
ATOM   411 C CE1 . HIS A 1 53  ? 0.666   2.751   8.883   1.00 6.59  ? 53  HIS A CE1 1 
ATOM   412 N NE2 . HIS A 1 53  ? -0.159  3.020   9.878   1.00 14.84 ? 53  HIS A NE2 1 
ATOM   413 N N   . LEU A 1 54  ? -2.742  -1.879  5.862   1.00 7.80  ? 54  LEU A N   1 
ATOM   414 C CA  . LEU A 1 54  ? -3.036  -3.154  5.193   1.00 11.23 ? 54  LEU A CA  1 
ATOM   415 C C   . LEU A 1 54  ? -1.853  -4.036  4.867   1.00 9.87  ? 54  LEU A C   1 
ATOM   416 O O   . LEU A 1 54  ? -0.801  -3.554  4.491   1.00 18.58 ? 54  LEU A O   1 
ATOM   417 C CB  . LEU A 1 54  ? -3.827  -2.915  3.896   1.00 21.21 ? 54  LEU A CB  1 
ATOM   418 C CG  . LEU A 1 54  ? -5.337  -2.623  3.856   1.00 21.00 ? 54  LEU A CG  1 
ATOM   419 C CD1 . LEU A 1 54  ? -6.099  -3.892  3.483   1.00 28.54 ? 54  LEU A CD1 1 
ATOM   420 C CD2 . LEU A 1 54  ? -5.851  -2.027  5.158   1.00 15.29 ? 54  LEU A CD2 1 
ATOM   421 N N   . LEU A 1 55  ? -2.052  -5.344  4.957   1.00 15.38 ? 55  LEU A N   1 
ATOM   422 C CA  . LEU A 1 55  ? -0.987  -6.291  4.664   1.00 18.52 ? 55  LEU A CA  1 
ATOM   423 C C   . LEU A 1 55  ? -1.117  -6.770  3.223   1.00 23.17 ? 55  LEU A C   1 
ATOM   424 O O   . LEU A 1 55  ? -2.213  -6.746  2.661   1.00 28.16 ? 55  LEU A O   1 
ATOM   425 C CB  . LEU A 1 55  ? -1.080  -7.477  5.611   1.00 21.22 ? 55  LEU A CB  1 
ATOM   426 C CG  . LEU A 1 55  ? 0.235   -7.822  6.273   1.00 16.01 ? 55  LEU A CG  1 
ATOM   427 C CD1 . LEU A 1 55  ? 0.771   -6.608  7.024   1.00 24.09 ? 55  LEU A CD1 1 
ATOM   428 C CD2 . LEU A 1 55  ? 0.002   -8.972  7.201   1.00 20.42 ? 55  LEU A CD2 1 
ATOM   429 N N   . LEU A 1 56  ? -0.005  -7.222  2.645   1.00 17.83 ? 56  LEU A N   1 
ATOM   430 C CA  . LEU A 1 56  ? 0.036   -7.700  1.267   1.00 19.01 ? 56  LEU A CA  1 
ATOM   431 C C   . LEU A 1 56  ? 0.822   -9.029  1.199   1.00 25.50 ? 56  LEU A C   1 
ATOM   432 O O   . LEU A 1 56  ? 2.051   -9.060  1.330   1.00 26.06 ? 56  LEU A O   1 
ATOM   433 C CB  . LEU A 1 56  ? 0.681   -6.615  0.372   1.00 14.35 ? 56  LEU A CB  1 
ATOM   434 C CG  . LEU A 1 56  ? 0.089   -5.204  0.573   1.00 21.24 ? 56  LEU A CG  1 
ATOM   435 C CD1 . LEU A 1 56  ? 0.772   -4.132  -0.243  1.00 3.63  ? 56  LEU A CD1 1 
ATOM   436 C CD2 . LEU A 1 56  ? -1.401  -5.227  0.256   1.00 18.60 ? 56  LEU A CD2 1 
ATOM   437 N N   . VAL A 1 57  ? 0.112   -10.137 1.030   1.00 35.26 ? 57  VAL A N   1 
ATOM   438 C CA  . VAL A 1 57  ? 0.765   -11.451 0.972   1.00 38.04 ? 57  VAL A CA  1 
ATOM   439 C C   . VAL A 1 57  ? 0.493   -12.282 -0.335  1.00 46.02 ? 57  VAL A C   1 
ATOM   440 O O   . VAL A 1 57  ? -0.607  -12.266 -0.927  1.00 26.72 ? 57  VAL A O   1 
ATOM   441 C CB  . VAL A 1 57  ? 0.457   -12.262 2.272   1.00 18.42 ? 57  VAL A CB  1 
ATOM   442 C CG1 . VAL A 1 57  ? 1.397   -13.448 2.425   1.00 16.45 ? 57  VAL A CG1 1 
ATOM   443 C CG2 . VAL A 1 57  ? 0.586   -11.361 3.471   1.00 10.34 ? 57  VAL A CG2 1 
ATOM   444 N N   . ASP A 1 58  ? 1.551   -12.933 -0.819  1.00 51.76 ? 58  ASP A N   1 
ATOM   445 C CA  . ASP A 1 58  ? 1.505   -13.753 -2.024  1.00 52.69 ? 58  ASP A CA  1 
ATOM   446 C C   . ASP A 1 58  ? 0.596   -14.952 -1.816  1.00 56.73 ? 58  ASP A C   1 
ATOM   447 O O   . ASP A 1 58  ? 0.967   -15.921 -1.166  1.00 61.48 ? 58  ASP A O   1 
ATOM   448 C CB  . ASP A 1 58  ? 2.911   -14.226 -2.375  1.00 44.71 ? 58  ASP A CB  1 
ATOM   449 C CG  . ASP A 1 58  ? 3.484   -15.164 -1.334  1.00 46.85 ? 58  ASP A CG  1 
ATOM   450 O OD1 . ASP A 1 58  ? 3.070   -15.086 -0.157  1.00 45.66 ? 58  ASP A OD1 1 
ATOM   451 O OD2 . ASP A 1 58  ? 4.327   -16.008 -1.694  1.00 55.46 ? 58  ASP A OD2 1 
ATOM   452 N N   . PRO A 1 59  ? -0.609  -14.908 -2.375  1.00 58.52 ? 59  PRO A N   1 
ATOM   453 C CA  . PRO A 1 59  ? -1.546  -16.019 -2.222  1.00 59.45 ? 59  PRO A CA  1 
ATOM   454 C C   . PRO A 1 59  ? -0.957  -17.245 -2.888  1.00 64.73 ? 59  PRO A C   1 
ATOM   455 O O   . PRO A 1 59  ? -1.112  -18.367 -2.408  1.00 68.34 ? 59  PRO A O   1 
ATOM   456 C CB  . PRO A 1 59  ? -2.764  -15.518 -2.975  1.00 67.01 ? 59  PRO A CB  1 
ATOM   457 C CG  . PRO A 1 59  ? -2.155  -14.692 -4.064  1.00 70.41 ? 59  PRO A CG  1 
ATOM   458 C CD  . PRO A 1 59  ? -1.122  -13.912 -3.322  1.00 62.16 ? 59  PRO A CD  1 
ATOM   459 N N   . GLU A 1 60  ? -0.287  -16.996 -4.008  1.00 66.49 ? 60  GLU A N   1 
ATOM   460 C CA  . GLU A 1 60  ? 0.368   -18.027 -4.789  1.00 66.61 ? 60  GLU A CA  1 
ATOM   461 C C   . GLU A 1 60  ? 1.459   -17.280 -5.530  1.00 66.02 ? 60  GLU A C   1 
ATOM   462 O O   . GLU A 1 60  ? 1.356   -17.052 -6.741  1.00 61.73 ? 60  GLU A O   1 
ATOM   463 N N   . GLY A 1 61  ? 2.449   -16.808 -4.769  1.00 61.38 ? 61  GLY A N   1 
ATOM   464 C CA  . GLY A 1 61  ? 3.551   -16.050 -5.330  1.00 55.49 ? 61  GLY A CA  1 
ATOM   465 C C   . GLY A 1 61  ? 3.153   -14.674 -5.851  1.00 55.91 ? 61  GLY A C   1 
ATOM   466 O O   . GLY A 1 61  ? 3.997   -13.976 -6.421  1.00 59.17 ? 61  GLY A O   1 
ATOM   467 N N   . VAL A 1 62  ? 1.888   -14.281 -5.651  1.00 46.70 ? 62  VAL A N   1 
ATOM   468 C CA  . VAL A 1 62  ? 1.405   -12.991 -6.129  1.00 24.78 ? 62  VAL A CA  1 
ATOM   469 C C   . VAL A 1 62  ? 1.353   -11.948 -5.040  1.00 29.69 ? 62  VAL A C   1 
ATOM   470 O O   . VAL A 1 62  ? 2.392   -11.433 -4.630  1.00 38.02 ? 62  VAL A O   1 
ATOM   471 N N   . VAL A 1 63  ? 0.140   -11.646 -4.577  1.00 23.80 ? 63  VAL A N   1 
ATOM   472 C CA  . VAL A 1 63  ? -0.139  -10.687 -3.503  1.00 20.44 ? 63  VAL A CA  1 
ATOM   473 C C   . VAL A 1 63  ? -1.652  -10.553 -3.520  1.00 21.58 ? 63  VAL A C   1 
ATOM   474 O O   . VAL A 1 63  ? -2.211  -10.143 -4.531  1.00 24.42 ? 63  VAL A O   1 
ATOM   475 C CB  . VAL A 1 63  ? 0.509   -9.341  -3.760  1.00 14.98 ? 63  VAL A CB  1 
ATOM   476 C CG1 . VAL A 1 63  ? -0.363  -8.223  -3.200  1.00 32.52 ? 63  VAL A CG1 1 
ATOM   477 C CG2 . VAL A 1 63  ? 1.855   -9.297  -3.083  1.00 20.72 ? 63  VAL A CG2 1 
ATOM   478 N N   . ARG A 1 64  ? -2.314  -10.873 -2.411  1.00 27.54 ? 64  ARG A N   1 
ATOM   479 C CA  . ARG A 1 64  ? -3.783  -10.865 -2.360  1.00 22.67 ? 64  ARG A CA  1 
ATOM   480 C C   . ARG A 1 64  ? -4.519  -9.896  -1.433  1.00 24.82 ? 64  ARG A C   1 
ATOM   481 O O   . ARG A 1 64  ? -3.915  -9.179  -0.624  1.00 28.21 ? 64  ARG A O   1 
ATOM   482 C CB  . ARG A 1 64  ? -4.271  -12.266 -2.036  1.00 29.24 ? 64  ARG A CB  1 
ATOM   483 C CG  . ARG A 1 64  ? -3.778  -12.823 -0.680  1.00 23.28 ? 64  ARG A CG  1 
ATOM   484 C CD  . ARG A 1 64  ? -4.752  -13.871 -0.123  1.00 22.39 ? 64  ARG A CD  1 
ATOM   485 N NE  . ARG A 1 64  ? -5.551  -14.451 -1.201  1.00 23.47 ? 64  ARG A NE  1 
ATOM   486 C CZ  . ARG A 1 64  ? -5.625  -15.744 -1.495  1.00 22.35 ? 64  ARG A CZ  1 
ATOM   487 N NH1 . ARG A 1 64  ? -4.961  -16.644 -0.778  1.00 25.02 ? 64  ARG A NH1 1 
ATOM   488 N NH2 . ARG A 1 64  ? -6.305  -16.130 -2.572  1.00 32.34 ? 64  ARG A NH2 1 
ATOM   489 N N   . THR A 1 65  ? -5.846  -9.960  -1.515  1.00 19.16 ? 65  THR A N   1 
ATOM   490 C CA  . THR A 1 65  ? -6.760  -9.130  -0.726  1.00 24.52 ? 65  THR A CA  1 
ATOM   491 C C   . THR A 1 65  ? -7.886  -9.962  -0.103  1.00 29.02 ? 65  THR A C   1 
ATOM   492 O O   . THR A 1 65  ? -7.833  -11.198 -0.075  1.00 33.02 ? 65  THR A O   1 
ATOM   493 C CB  . THR A 1 65  ? -7.461  -8.067  -1.611  1.00 29.65 ? 65  THR A CB  1 
ATOM   494 O OG1 . THR A 1 65  ? -7.372  -8.459  -2.995  1.00 29.97 ? 65  THR A OG1 1 
ATOM   495 C CG2 . THR A 1 65  ? -6.901  -6.638  -1.348  1.00 17.48 ? 65  THR A CG2 1 
ATOM   496 N N   . LYS A 1 66  ? -8.940  -9.265  0.315   1.00 33.09 ? 66  LYS A N   1 
ATOM   497 C CA  . LYS A 1 66  ? -10.111 -9.881  0.921   1.00 35.98 ? 66  LYS A CA  1 
ATOM   498 C C   . LYS A 1 66  ? -11.012 -10.585 -0.106  1.00 38.45 ? 66  LYS A C   1 
ATOM   499 O O   . LYS A 1 66  ? -12.069 -11.107 0.259   1.00 34.46 ? 66  LYS A O   1 
ATOM   500 C CB  . LYS A 1 66  ? -10.920 -8.803  1.651   1.00 38.31 ? 66  LYS A CB  1 
ATOM   501 C CG  . LYS A 1 66  ? -11.643 -9.297  2.899   1.00 46.65 ? 66  LYS A CG  1 
ATOM   502 C CD  . LYS A 1 66  ? -12.565 -8.239  3.494   1.00 49.13 ? 66  LYS A CD  1 
ATOM   503 C CE  . LYS A 1 66  ? -13.091 -8.684  4.853   1.00 52.71 ? 66  LYS A CE  1 
ATOM   504 N NZ  . LYS A 1 66  ? -14.000 -7.672  5.449   1.00 57.10 ? 66  LYS A NZ  1 
ATOM   505 N N   . ASP A 1 67  ? -10.601 -10.590 -1.378  1.00 43.57 ? 67  ASP A N   1 
ATOM   506 C CA  . ASP A 1 67  ? -11.382 -11.212 -2.460  1.00 42.63 ? 67  ASP A CA  1 
ATOM   507 C C   . ASP A 1 67  ? -10.626 -11.390 -3.804  1.00 43.94 ? 67  ASP A C   1 
ATOM   508 O O   . ASP A 1 67  ? -11.241 -11.790 -4.818  1.00 31.79 ? 67  ASP A O   1 
ATOM   509 C CB  . ASP A 1 67  ? -12.654 -10.392 -2.701  1.00 31.32 ? 67  ASP A CB  1 
ATOM   510 N N   . HIS A 1 68  ? -9.300  -11.187 -3.800  1.00 39.72 ? 68  HIS A N   1 
ATOM   511 C CA  . HIS A 1 68  ? -8.530  -11.262 -5.037  1.00 29.74 ? 68  HIS A CA  1 
ATOM   512 C C   . HIS A 1 68  ? -7.067  -11.538 -4.876  1.00 26.54 ? 68  HIS A C   1 
ATOM   513 O O   . HIS A 1 68  ? -6.450  -11.079 -3.923  1.00 31.11 ? 68  HIS A O   1 
ATOM   514 C CB  . HIS A 1 68  ? -8.637  -9.927  -5.758  1.00 36.74 ? 68  HIS A CB  1 
ATOM   515 C CG  . HIS A 1 68  ? -9.026  -10.050 -7.190  1.00 41.12 ? 68  HIS A CG  1 
ATOM   516 N ND1 . HIS A 1 68  ? -10.301 -9.781  -7.637  1.00 40.48 ? 68  HIS A ND1 1 
ATOM   517 C CD2 . HIS A 1 68  ? -8.312  -10.428 -8.278  1.00 47.50 ? 68  HIS A CD2 1 
ATOM   518 C CE1 . HIS A 1 68  ? -10.357 -9.988  -8.941  1.00 54.06 ? 68  HIS A CE1 1 
ATOM   519 N NE2 . HIS A 1 68  ? -9.164  -10.381 -9.355  1.00 52.32 ? 68  HIS A NE2 1 
ATOM   520 N N   . ARG A 1 69  ? -6.509  -12.258 -5.844  1.00 33.96 ? 69  ARG A N   1 
ATOM   521 C CA  . ARG A 1 69  ? -5.070  -12.557 -5.870  1.00 41.24 ? 69  ARG A CA  1 
ATOM   522 C C   . ARG A 1 69  ? -4.427  -11.986 -7.147  1.00 41.46 ? 69  ARG A C   1 
ATOM   523 O O   . ARG A 1 69  ? -4.901  -12.223 -8.270  1.00 41.04 ? 69  ARG A O   1 
ATOM   524 C CB  . ARG A 1 69  ? -4.778  -14.051 -5.732  1.00 34.43 ? 69  ARG A CB  1 
ATOM   525 C CG  . ARG A 1 69  ? -5.899  -14.973 -6.135  1.00 36.92 ? 69  ARG A CG  1 
ATOM   526 C CD  . ARG A 1 69  ? -5.608  -16.362 -5.627  1.00 30.83 ? 69  ARG A CD  1 
ATOM   527 N NE  . ARG A 1 69  ? -4.303  -16.812 -6.085  1.00 16.49 ? 69  ARG A NE  1 
ATOM   528 C CZ  . ARG A 1 69  ? -3.669  -17.854 -5.576  1.00 21.66 ? 69  ARG A CZ  1 
ATOM   529 N NH1 . ARG A 1 69  ? -4.220  -18.541 -4.581  1.00 10.29 ? 69  ARG A NH1 1 
ATOM   530 N NH2 . ARG A 1 69  ? -2.512  -18.234 -6.101  1.00 21.26 ? 69  ARG A NH2 1 
ATOM   531 N N   . PHE A 1 70  ? -3.380  -11.192 -6.941  1.00 36.02 ? 70  PHE A N   1 
ATOM   532 C CA  . PHE A 1 70  ? -2.651  -10.504 -8.003  1.00 35.81 ? 70  PHE A CA  1 
ATOM   533 C C   . PHE A 1 70  ? -1.298  -11.166 -8.289  1.00 32.08 ? 70  PHE A C   1 
ATOM   534 O O   . PHE A 1 70  ? -1.037  -12.253 -7.778  1.00 29.53 ? 70  PHE A O   1 
ATOM   535 C CB  . PHE A 1 70  ? -2.511  -9.013  -7.605  1.00 31.17 ? 70  PHE A CB  1 
ATOM   536 C CG  . PHE A 1 70  ? -3.845  -8.342  -7.345  1.00 19.08 ? 70  PHE A CG  1 
ATOM   537 C CD1 . PHE A 1 70  ? -4.696  -8.028  -8.397  1.00 16.29 ? 70  PHE A CD1 1 
ATOM   538 C CD2 . PHE A 1 70  ? -4.303  -8.151  -6.059  1.00 15.75 ? 70  PHE A CD2 1 
ATOM   539 C CE1 . PHE A 1 70  ? -5.975  -7.554  -8.171  1.00 8.92  ? 70  PHE A CE1 1 
ATOM   540 C CE2 . PHE A 1 70  ? -5.593  -7.674  -5.834  1.00 16.35 ? 70  PHE A CE2 1 
ATOM   541 C CZ  . PHE A 1 70  ? -6.423  -7.381  -6.892  1.00 6.05  ? 70  PHE A CZ  1 
ATOM   542 N N   . GLU A 1 71  ? -0.493  -10.572 -9.172  1.00 25.64 ? 71  GLU A N   1 
ATOM   543 C CA  . GLU A 1 71  ? 0.824   -11.122 -9.486  1.00 26.75 ? 71  GLU A CA  1 
ATOM   544 C C   . GLU A 1 71  ? 1.849   -10.511 -8.534  1.00 31.24 ? 71  GLU A C   1 
ATOM   545 O O   . GLU A 1 71  ? 2.815   -11.166 -8.141  1.00 29.72 ? 71  GLU A O   1 
ATOM   546 C CB  . GLU A 1 71  ? 1.244   -10.791 -10.914 1.00 33.80 ? 71  GLU A CB  1 
ATOM   547 C CG  . GLU A 1 71  ? 0.194   -11.016 -11.973 1.00 39.85 ? 71  GLU A CG  1 
ATOM   548 C CD  . GLU A 1 71  ? 0.085   -9.833  -12.919 1.00 41.30 ? 71  GLU A CD  1 
ATOM   549 O OE1 . GLU A 1 71  ? 0.673   -8.769  -12.618 1.00 41.20 ? 71  GLU A OE1 1 
ATOM   550 O OE2 . GLU A 1 71  ? -0.616  -9.947  -13.946 1.00 40.85 ? 71  GLU A OE2 1 
ATOM   551 N N   . SER A 1 72  ? 1.649   -9.235  -8.200  1.00 31.00 ? 72  SER A N   1 
ATOM   552 C CA  . SER A 1 72  ? 2.537   -8.517  -7.289  1.00 22.50 ? 72  SER A CA  1 
ATOM   553 C C   . SER A 1 72  ? 1.833   -7.315  -6.688  1.00 21.79 ? 72  SER A C   1 
ATOM   554 O O   . SER A 1 72  ? 0.615   -7.120  -6.872  1.00 21.88 ? 72  SER A O   1 
ATOM   555 C CB  . SER A 1 72  ? 3.818   -8.073  -7.999  1.00 28.71 ? 72  SER A CB  1 
ATOM   556 O OG  . SER A 1 72  ? 4.694   -7.375  -7.121  1.00 26.17 ? 72  SER A OG  1 
ATOM   557 N N   . VAL A 1 73  ? 2.604   -6.543  -5.926  1.00 15.97 ? 73  VAL A N   1 
ATOM   558 C CA  . VAL A 1 73  ? 2.132   -5.337  -5.262  1.00 14.12 ? 73  VAL A CA  1 
ATOM   559 C C   . VAL A 1 73  ? 1.771   -4.331  -6.355  1.00 19.17 ? 73  VAL A C   1 
ATOM   560 O O   . VAL A 1 73  ? 0.745   -3.642  -6.279  1.00 17.24 ? 73  VAL A O   1 
ATOM   561 C CB  . VAL A 1 73  ? 3.241   -4.745  -4.351  1.00 6.81  ? 73  VAL A CB  1 
ATOM   562 C CG1 . VAL A 1 73  ? 2.771   -3.496  -3.695  1.00 2.89  ? 73  VAL A CG1 1 
ATOM   563 C CG2 . VAL A 1 73  ? 3.672   -5.745  -3.295  1.00 2.00  ? 73  VAL A CG2 1 
ATOM   564 N N   . SER A 1 74  ? 2.606   -4.285  -7.391  1.00 21.61 ? 74  SER A N   1 
ATOM   565 C CA  . SER A 1 74  ? 2.389   -3.373  -8.508  1.00 21.90 ? 74  SER A CA  1 
ATOM   566 C C   . SER A 1 74  ? 1.036   -3.633  -9.154  1.00 16.25 ? 74  SER A C   1 
ATOM   567 O O   . SER A 1 74  ? 0.283   -2.677  -9.382  1.00 17.12 ? 74  SER A O   1 
ATOM   568 C CB  . SER A 1 74  ? 3.532   -3.479  -9.527  1.00 30.59 ? 74  SER A CB  1 
ATOM   569 O OG  . SER A 1 74  ? 4.791   -3.216  -8.911  1.00 35.37 ? 74  SER A OG  1 
ATOM   570 N N   . HIS A 1 75  ? 0.710   -4.910  -9.400  1.00 5.40  ? 75  HIS A N   1 
ATOM   571 C CA  . HIS A 1 75  ? -0.582  -5.271  -9.982  1.00 5.28  ? 75  HIS A CA  1 
ATOM   572 C C   . HIS A 1 75  ? -1.737  -4.893  -9.051  1.00 7.37  ? 75  HIS A C   1 
ATOM   573 O O   . HIS A 1 75  ? -2.814  -4.467  -9.509  1.00 15.37 ? 75  HIS A O   1 
ATOM   574 C CB  . HIS A 1 75  ? -0.662  -6.767  -10.298 1.00 17.40 ? 75  HIS A CB  1 
ATOM   575 C CG  . HIS A 1 75  ? -1.934  -7.181  -10.994 1.00 32.54 ? 75  HIS A CG  1 
ATOM   576 N ND1 . HIS A 1 75  ? -3.034  -6.354  -11.128 1.00 33.95 ? 75  HIS A ND1 1 
ATOM   577 C CD2 . HIS A 1 75  ? -2.255  -8.328  -11.642 1.00 35.36 ? 75  HIS A CD2 1 
ATOM   578 C CE1 . HIS A 1 75  ? -3.969  -6.968  -11.832 1.00 36.09 ? 75  HIS A CE1 1 
ATOM   579 N NE2 . HIS A 1 75  ? -3.521  -8.168  -12.157 1.00 36.55 ? 75  HIS A NE2 1 
ATOM   580 N N   . LEU A 1 76  ? -1.533  -5.066  -7.752  1.00 7.90  ? 76  LEU A N   1 
ATOM   581 C CA  . LEU A 1 76  ? -2.584  -4.729  -6.791  1.00 14.22 ? 76  LEU A CA  1 
ATOM   582 C C   . LEU A 1 76  ? -2.899  -3.233  -6.874  1.00 21.24 ? 76  LEU A C   1 
ATOM   583 O O   . LEU A 1 76  ? -4.065  -2.842  -7.006  1.00 25.67 ? 76  LEU A O   1 
ATOM   584 C CB  . LEU A 1 76  ? -2.189  -5.150  -5.357  1.00 12.84 ? 76  LEU A CB  1 
ATOM   585 C CG  . LEU A 1 76  ? -3.043  -4.669  -4.176  1.00 8.95  ? 76  LEU A CG  1 
ATOM   586 C CD1 . LEU A 1 76  ? -4.423  -5.236  -4.236  1.00 17.85 ? 76  LEU A CD1 1 
ATOM   587 C CD2 . LEU A 1 76  ? -2.414  -5.080  -2.899  1.00 20.61 ? 76  LEU A CD2 1 
ATOM   588 N N   . ILE A 1 77  ? -1.861  -2.400  -6.857  1.00 27.84 ? 77  ILE A N   1 
ATOM   589 C CA  . ILE A 1 77  ? -2.053  -0.957  -6.922  1.00 18.78 ? 77  ILE A CA  1 
ATOM   590 C C   . ILE A 1 77  ? -2.879  -0.477  -8.123  1.00 21.88 ? 77  ILE A C   1 
ATOM   591 O O   . ILE A 1 77  ? -3.861  0.231   -7.925  1.00 32.84 ? 77  ILE A O   1 
ATOM   592 C CB  . ILE A 1 77  ? -0.724  -0.190  -6.885  1.00 9.96  ? 77  ILE A CB  1 
ATOM   593 C CG1 . ILE A 1 77  ? 0.059   -0.537  -5.618  1.00 6.41  ? 77  ILE A CG1 1 
ATOM   594 C CG2 . ILE A 1 77  ? -1.005  1.302   -6.879  1.00 11.74 ? 77  ILE A CG2 1 
ATOM   595 C CD1 . ILE A 1 77  ? -0.387  0.259   -4.397  1.00 3.26  ? 77  ILE A CD1 1 
ATOM   596 N N   . SER A 1 78  ? -2.527  -0.864  -9.352  1.00 20.65 ? 78  SER A N   1 
ATOM   597 C CA  . SER A 1 78  ? -3.290  -0.388  -10.518 1.00 17.39 ? 78  SER A CA  1 
ATOM   598 C C   . SER A 1 78  ? -4.736  -0.872  -10.544 1.00 20.28 ? 78  SER A C   1 
ATOM   599 O O   . SER A 1 78  ? -5.628  -0.108  -10.879 1.00 17.12 ? 78  SER A O   1 
ATOM   600 C CB  . SER A 1 78  ? -2.589  -0.727  -11.838 1.00 20.39 ? 78  SER A CB  1 
ATOM   601 O OG  . SER A 1 78  ? -2.483  -2.124  -12.049 1.00 23.99 ? 78  SER A OG  1 
ATOM   602 N N   . TYR A 1 79  ? -4.984  -2.113  -10.137 1.00 16.00 ? 79  TYR A N   1 
ATOM   603 C CA  . TYR A 1 79  ? -6.351  -2.617  -10.132 1.00 11.84 ? 79  TYR A CA  1 
ATOM   604 C C   . TYR A 1 79  ? -7.259  -1.680  -9.353  1.00 14.27 ? 79  TYR A C   1 
ATOM   605 O O   . TYR A 1 79  ? -8.327  -1.300  -9.829  1.00 9.48  ? 79  TYR A O   1 
ATOM   606 C CB  . TYR A 1 79  ? -6.407  -4.002  -9.505  1.00 9.42  ? 79  TYR A CB  1 
ATOM   607 C CG  . TYR A 1 79  ? -7.786  -4.635  -9.486  1.00 7.52  ? 79  TYR A CG  1 
ATOM   608 C CD1 . TYR A 1 79  ? -8.696  -4.358  -8.469  1.00 8.48  ? 79  TYR A CD1 1 
ATOM   609 C CD2 . TYR A 1 79  ? -8.143  -5.599  -10.432 1.00 9.66  ? 79  TYR A CD2 1 
ATOM   610 C CE1 . TYR A 1 79  ? -9.929  -5.031  -8.381  1.00 2.00  ? 79  TYR A CE1 1 
ATOM   611 C CE2 . TYR A 1 79  ? -9.350  -6.274  -10.354 1.00 9.23  ? 79  TYR A CE2 1 
ATOM   612 C CZ  . TYR A 1 79  ? -10.245 -5.990  -9.325  1.00 12.67 ? 79  TYR A CZ  1 
ATOM   613 O OH  . TYR A 1 79  ? -11.451 -6.686  -9.250  1.00 19.25 ? 79  TYR A OH  1 
ATOM   614 N N   . HIS A 1 80  ? -6.814  -1.282  -8.167  1.00 17.51 ? 80  HIS A N   1 
ATOM   615 C CA  . HIS A 1 80  ? -7.610  -0.406  -7.311  1.00 21.74 ? 80  HIS A CA  1 
ATOM   616 C C   . HIS A 1 80  ? -7.507  1.045   -7.717  1.00 24.61 ? 80  HIS A C   1 
ATOM   617 O O   . HIS A 1 80  ? -8.512  1.739   -7.869  1.00 27.26 ? 80  HIS A O   1 
ATOM   618 C CB  . HIS A 1 80  ? -7.202  -0.568  -5.843  1.00 23.32 ? 80  HIS A CB  1 
ATOM   619 C CG  . HIS A 1 80  ? -7.624  -1.874  -5.246  1.00 14.75 ? 80  HIS A CG  1 
ATOM   620 N ND1 . HIS A 1 80  ? -6.814  -2.987  -5.248  1.00 14.76 ? 80  HIS A ND1 1 
ATOM   621 C CD2 . HIS A 1 80  ? -8.794  -2.263  -4.694  1.00 18.76 ? 80  HIS A CD2 1 
ATOM   622 C CE1 . HIS A 1 80  ? -7.471  -4.010  -4.732  1.00 14.99 ? 80  HIS A CE1 1 
ATOM   623 N NE2 . HIS A 1 80  ? -8.674  -3.597  -4.389  1.00 16.83 ? 80  HIS A NE2 1 
ATOM   624 N N   . MET A 1 81  ? -6.280  1.500   -7.902  1.00 25.79 ? 81  MET A N   1 
ATOM   625 C CA  . MET A 1 81  ? -6.036  2.872   -8.287  1.00 20.81 ? 81  MET A CA  1 
ATOM   626 C C   . MET A 1 81  ? -6.684  3.225   -9.610  1.00 17.08 ? 81  MET A C   1 
ATOM   627 O O   . MET A 1 81  ? -7.680  3.933   -9.635  1.00 18.67 ? 81  MET A O   1 
ATOM   628 C CB  . MET A 1 81  ? -4.541  3.130   -8.344  1.00 17.33 ? 81  MET A CB  1 
ATOM   629 C CG  . MET A 1 81  ? -4.178  4.454   -8.943  1.00 21.51 ? 81  MET A CG  1 
ATOM   630 S SD  . MET A 1 81  ? -2.653  5.120   -8.259  1.00 26.56 ? 81  MET A SD  1 
ATOM   631 C CE  . MET A 1 81  ? -3.235  6.876   -8.117  1.00 19.82 ? 81  MET A CE  1 
ATOM   632 N N   . ASP A 1 82  ? -6.165  2.669   -10.698 1.00 22.85 ? 82  ASP A N   1 
ATOM   633 C CA  . ASP A 1 82  ? -6.670  2.972   -12.037 1.00 16.61 ? 82  ASP A CA  1 
ATOM   634 C C   . ASP A 1 82  ? -8.150  2.809   -12.080 1.00 14.80 ? 82  ASP A C   1 
ATOM   635 O O   . ASP A 1 82  ? -8.879  3.757   -12.378 1.00 24.44 ? 82  ASP A O   1 
ATOM   636 C CB  . ASP A 1 82  ? -6.073  2.052   -13.122 1.00 19.35 ? 82  ASP A CB  1 
ATOM   637 C CG  . ASP A 1 82  ? -4.543  2.109   -13.209 1.00 20.28 ? 82  ASP A CG  1 
ATOM   638 O OD1 . ASP A 1 82  ? -3.887  2.778   -12.377 1.00 22.79 ? 82  ASP A OD1 1 
ATOM   639 O OD2 . ASP A 1 82  ? -4.000  1.442   -14.120 1.00 23.31 ? 82  ASP A OD2 1 
ATOM   640 N N   . ASN A 1 83  ? -8.583  1.605   -11.735 1.00 15.34 ? 83  ASN A N   1 
ATOM   641 C CA  . ASN A 1 83  ? -9.989  1.248   -11.769 1.00 12.16 ? 83  ASN A CA  1 
ATOM   642 C C   . ASN A 1 83  ? -10.847 1.964   -10.786 1.00 10.37 ? 83  ASN A C   1 
ATOM   643 O O   . ASN A 1 83  ? -12.060 2.001   -10.969 1.00 23.52 ? 83  ASN A O   1 
ATOM   644 C CB  . ASN A 1 83  ? -10.162 -0.231  -11.560 1.00 13.40 ? 83  ASN A CB  1 
ATOM   645 C CG  . ASN A 1 83  ? -9.678  -1.015  -12.698 1.00 3.96  ? 83  ASN A CG  1 
ATOM   646 O OD1 . ASN A 1 83  ? -10.352 -1.120  -13.706 1.00 18.88 ? 83  ASN A OD1 1 
ATOM   647 N ND2 . ASN A 1 83  ? -8.495  -1.572  -12.568 1.00 14.98 ? 83  ASN A ND2 1 
ATOM   648 N N   . HIS A 1 84  ? -10.232 2.442   -9.708  1.00 12.89 ? 84  HIS A N   1 
ATOM   649 C CA  . HIS A 1 84  ? -10.905 3.203   -8.635  1.00 23.10 ? 84  HIS A CA  1 
ATOM   650 C C   . HIS A 1 84  ? -11.824 2.450   -7.660  1.00 16.56 ? 84  HIS A C   1 
ATOM   651 O O   . HIS A 1 84  ? -12.819 3.019   -7.209  1.00 10.16 ? 84  HIS A O   1 
ATOM   652 C CB  . HIS A 1 84  ? -11.665 4.422   -9.193  1.00 30.07 ? 84  HIS A CB  1 
ATOM   653 C CG  . HIS A 1 84  ? -10.800 5.398   -9.934  1.00 43.83 ? 84  HIS A CG  1 
ATOM   654 N ND1 . HIS A 1 84  ? -10.655 5.374   -11.306 1.00 47.85 ? 84  HIS A ND1 1 
ATOM   655 C CD2 . HIS A 1 84  ? -10.040 6.426   -9.494  1.00 43.49 ? 84  HIS A CD2 1 
ATOM   656 C CE1 . HIS A 1 84  ? -9.845  6.346   -11.679 1.00 42.61 ? 84  HIS A CE1 1 
ATOM   657 N NE2 . HIS A 1 84  ? -9.456  6.999   -10.598 1.00 53.99 ? 84  HIS A NE2 1 
ATOM   658 N N   . LEU A 1 85  ? -11.496 1.194   -7.343  1.00 13.59 ? 85  LEU A N   1 
ATOM   659 C CA  . LEU A 1 85  ? -12.273 0.386   -6.396  1.00 4.42  ? 85  LEU A CA  1 
ATOM   660 C C   . LEU A 1 85  ? -11.551 0.487   -5.062  1.00 10.07 ? 85  LEU A C   1 
ATOM   661 O O   . LEU A 1 85  ? -10.362 0.181   -4.980  1.00 10.79 ? 85  LEU A O   1 
ATOM   662 C CB  . LEU A 1 85  ? -12.270 -1.065  -6.811  1.00 2.00  ? 85  LEU A CB  1 
ATOM   663 C CG  . LEU A 1 85  ? -12.798 -1.321  -8.207  1.00 11.85 ? 85  LEU A CG  1 
ATOM   664 C CD1 . LEU A 1 85  ? -12.270 -2.666  -8.729  1.00 10.31 ? 85  LEU A CD1 1 
ATOM   665 C CD2 . LEU A 1 85  ? -14.299 -1.270  -8.167  1.00 2.17  ? 85  LEU A CD2 1 
ATOM   666 N N   . PRO A 1 86  ? -12.266 0.865   -3.990  1.00 12.40 ? 86  PRO A N   1 
ATOM   667 C CA  . PRO A 1 86  ? -11.661 0.995   -2.663  1.00 12.51 ? 86  PRO A CA  1 
ATOM   668 C C   . PRO A 1 86  ? -11.375 -0.349  -2.053  1.00 11.97 ? 86  PRO A C   1 
ATOM   669 O O   . PRO A 1 86  ? -12.197 -1.245  -2.128  1.00 27.17 ? 86  PRO A O   1 
ATOM   670 C CB  . PRO A 1 86  ? -12.754 1.693   -1.867  1.00 20.45 ? 86  PRO A CB  1 
ATOM   671 C CG  . PRO A 1 86  ? -13.999 1.112   -2.422  1.00 17.87 ? 86  PRO A CG  1 
ATOM   672 C CD  . PRO A 1 86  ? -13.723 1.102   -3.928  1.00 19.21 ? 86  PRO A CD  1 
ATOM   673 N N   . ILE A 1 87  ? -10.196 -0.522  -1.479  1.00 24.33 ? 87  ILE A N   1 
ATOM   674 C CA  . ILE A 1 87  ? -9.879  -1.783  -0.818  1.00 19.56 ? 87  ILE A CA  1 
ATOM   675 C C   . ILE A 1 87  ? -10.791 -1.763  0.420   1.00 22.37 ? 87  ILE A C   1 
ATOM   676 O O   . ILE A 1 87  ? -10.818 -0.780  1.173   1.00 17.25 ? 87  ILE A O   1 
ATOM   677 C CB  . ILE A 1 87  ? -8.381  -1.832  -0.368  1.00 19.63 ? 87  ILE A CB  1 
ATOM   678 C CG1 . ILE A 1 87  ? -7.466  -1.658  -1.584  1.00 10.66 ? 87  ILE A CG1 1 
ATOM   679 C CG2 . ILE A 1 87  ? -8.045  -3.161  0.373   1.00 14.05 ? 87  ILE A CG2 1 
ATOM   680 C CD1 . ILE A 1 87  ? -6.017  -1.602  -1.220  1.00 2.00  ? 87  ILE A CD1 1 
ATOM   681 N N   . ILE A 1 88  ? -11.660 -2.757  0.530   1.00 20.42 ? 88  ILE A N   1 
ATOM   682 C CA  . ILE A 1 88  ? -12.517 -2.841  1.694   1.00 24.10 ? 88  ILE A CA  1 
ATOM   683 C C   . ILE A 1 88  ? -12.027 -3.992  2.575   1.00 29.28 ? 88  ILE A C   1 
ATOM   684 O O   . ILE A 1 88  ? -11.820 -5.103  2.093   1.00 27.55 ? 88  ILE A O   1 
ATOM   685 C CB  . ILE A 1 88  ? -13.990 -3.006  1.305   1.00 26.53 ? 88  ILE A CB  1 
ATOM   686 C CG1 . ILE A 1 88  ? -14.454 -1.742  0.574   1.00 20.80 ? 88  ILE A CG1 1 
ATOM   687 C CG2 . ILE A 1 88  ? -14.839 -3.208  2.548   1.00 13.76 ? 88  ILE A CG2 1 
ATOM   688 C CD1 . ILE A 1 88  ? -15.531 -1.997  -0.438  1.00 30.87 ? 88  ILE A CD1 1 
ATOM   689 N N   . SER A 1 89  ? -11.702 -3.664  3.823   1.00 35.21 ? 89  SER A N   1 
ATOM   690 C CA  . SER A 1 89  ? -11.243 -4.633  4.808   1.00 37.46 ? 89  SER A CA  1 
ATOM   691 C C   . SER A 1 89  ? -11.951 -4.340  6.133   1.00 41.20 ? 89  SER A C   1 
ATOM   692 O O   . SER A 1 89  ? -11.810 -3.241  6.682   1.00 40.80 ? 89  SER A O   1 
ATOM   693 C CB  . SER A 1 89  ? -9.722  -4.561  4.984   1.00 39.97 ? 89  SER A CB  1 
ATOM   694 O OG  . SER A 1 89  ? -9.042  -5.518  4.172   1.00 31.74 ? 89  SER A OG  1 
ATOM   695 N N   . ALA A 1 90  ? -12.747 -5.310  6.598   1.00 39.37 ? 90  ALA A N   1 
ATOM   696 C CA  . ALA A 1 90  ? -13.512 -5.226  7.853   1.00 36.84 ? 90  ALA A CA  1 
ATOM   697 C C   . ALA A 1 90  ? -14.587 -4.101  7.925   1.00 38.67 ? 90  ALA A C   1 
ATOM   698 O O   . ALA A 1 90  ? -14.828 -3.501  8.997   1.00 35.41 ? 90  ALA A O   1 
ATOM   699 C CB  . ALA A 1 90  ? -12.556 -5.156  9.050   1.00 22.35 ? 90  ALA A CB  1 
ATOM   700 N N   . GLY A 1 91  ? -15.253 -3.851  6.795   1.00 28.62 ? 91  GLY A N   1 
ATOM   701 C CA  . GLY A 1 91  ? -16.282 -2.825  6.731   1.00 24.18 ? 91  GLY A CA  1 
ATOM   702 C C   . GLY A 1 91  ? -15.694 -1.452  6.472   1.00 29.28 ? 91  GLY A C   1 
ATOM   703 O O   . GLY A 1 91  ? -16.416 -0.492  6.193   1.00 25.85 ? 91  GLY A O   1 
ATOM   704 N N   . SER A 1 92  ? -14.378 -1.359  6.645   1.00 30.95 ? 92  SER A N   1 
ATOM   705 C CA  . SER A 1 92  ? -13.617 -0.139  6.428   1.00 33.06 ? 92  SER A CA  1 
ATOM   706 C C   . SER A 1 92  ? -13.098 -0.226  4.996   1.00 29.49 ? 92  SER A C   1 
ATOM   707 O O   . SER A 1 92  ? -12.837 -1.319  4.500   1.00 31.48 ? 92  SER A O   1 
ATOM   708 C CB  . SER A 1 92  ? -12.436 -0.071  7.416   1.00 36.30 ? 92  SER A CB  1 
ATOM   709 O OG  . SER A 1 92  ? -11.790 1.200   7.397   1.00 30.43 ? 92  SER A OG  1 
ATOM   710 N N   . GLU A 1 93  ? -12.950 0.917   4.337   1.00 32.44 ? 93  GLU A N   1 
ATOM   711 C CA  . GLU A 1 93  ? -12.471 0.958   2.956   1.00 34.40 ? 93  GLU A CA  1 
ATOM   712 C C   . GLU A 1 93  ? -11.446 2.067   2.747   1.00 31.20 ? 93  GLU A C   1 
ATOM   713 O O   . GLU A 1 93  ? -11.647 3.212   3.173   1.00 21.72 ? 93  GLU A O   1 
ATOM   714 C CB  . GLU A 1 93  ? -13.639 1.121   1.986   1.00 34.49 ? 93  GLU A CB  1 
ATOM   715 C CG  . GLU A 1 93  ? -14.719 2.070   2.476   1.00 43.28 ? 93  GLU A CG  1 
ATOM   716 C CD  . GLU A 1 93  ? -14.952 3.217   1.530   1.00 48.10 ? 93  GLU A CD  1 
ATOM   717 O OE1 . GLU A 1 93  ? -15.668 3.025   0.513   1.00 39.97 ? 93  GLU A OE1 1 
ATOM   718 O OE2 . GLU A 1 93  ? -14.413 4.314   1.814   1.00 55.39 ? 93  GLU A OE2 1 
ATOM   719 N N   . LEU A 1 94  ? -10.343 1.711   2.100   1.00 22.99 ? 94  LEU A N   1 
ATOM   720 C CA  . LEU A 1 94  ? -9.273  2.645   1.844   1.00 19.75 ? 94  LEU A CA  1 
ATOM   721 C C   . LEU A 1 94  ? -9.074  2.888   0.354   1.00 18.69 ? 94  LEU A C   1 
ATOM   722 O O   . LEU A 1 94  ? -8.698  1.994   -0.407  1.00 13.70 ? 94  LEU A O   1 
ATOM   723 C CB  . LEU A 1 94  ? -8.007  2.169   2.571   1.00 16.09 ? 94  LEU A CB  1 
ATOM   724 C CG  . LEU A 1 94  ? -6.549  2.236   2.105   1.00 14.41 ? 94  LEU A CG  1 
ATOM   725 C CD1 . LEU A 1 94  ? -6.171  3.632   1.730   1.00 29.32 ? 94  LEU A CD1 1 
ATOM   726 C CD2 . LEU A 1 94  ? -5.651  1.773   3.232   1.00 8.12  ? 94  LEU A CD2 1 
ATOM   727 N N   . CYS A 1 95  ? -9.395  4.118   -0.045  1.00 30.07 ? 95  CYS A N   1 
ATOM   728 C CA  . CYS A 1 95  ? -9.286  4.594   -1.429  1.00 34.70 ? 95  CYS A CA  1 
ATOM   729 C C   . CYS A 1 95  ? -7.872  4.999   -1.865  1.00 27.61 ? 95  CYS A C   1 
ATOM   730 O O   . CYS A 1 95  ? -7.319  5.978   -1.378  1.00 28.45 ? 95  CYS A O   1 
ATOM   731 C CB  . CYS A 1 95  ? -10.219 5.797   -1.663  1.00 35.48 ? 95  CYS A CB  1 
ATOM   732 S SG  . CYS A 1 95  ? -11.960 5.430   -2.066  1.00 39.13 ? 95  CYS A SG  1 
ATOM   733 N N   . LEU A 1 96  ? -7.285  4.229   -2.769  1.00 22.67 ? 96  LEU A N   1 
ATOM   734 C CA  . LEU A 1 96  ? -5.982  4.568   -3.290  1.00 24.05 ? 96  LEU A CA  1 
ATOM   735 C C   . LEU A 1 96  ? -6.249  5.656   -4.315  1.00 19.47 ? 96  LEU A C   1 
ATOM   736 O O   . LEU A 1 96  ? -6.893  5.405   -5.322  1.00 25.20 ? 96  LEU A O   1 
ATOM   737 C CB  . LEU A 1 96  ? -5.358  3.364   -3.964  1.00 22.12 ? 96  LEU A CB  1 
ATOM   738 C CG  . LEU A 1 96  ? -5.052  2.243   -2.998  1.00 20.04 ? 96  LEU A CG  1 
ATOM   739 C CD1 . LEU A 1 96  ? -4.060  1.293   -3.652  1.00 18.22 ? 96  LEU A CD1 1 
ATOM   740 C CD2 . LEU A 1 96  ? -4.457  2.847   -1.736  1.00 22.66 ? 96  LEU A CD2 1 
ATOM   741 N N   . GLN A 1 97  ? -5.815  6.877   -4.037  1.00 21.01 ? 97  GLN A N   1 
ATOM   742 C CA  . GLN A 1 97  ? -6.066  7.978   -4.961  1.00 21.54 ? 97  GLN A CA  1 
ATOM   743 C C   . GLN A 1 97  ? -4.821  8.733   -5.403  1.00 18.94 ? 97  GLN A C   1 
ATOM   744 O O   . GLN A 1 97  ? -4.702  9.061   -6.579  1.00 17.83 ? 97  GLN A O   1 
ATOM   745 C CB  . GLN A 1 97  ? -7.114  8.945   -4.375  1.00 21.98 ? 97  GLN A CB  1 
ATOM   746 C CG  . GLN A 1 97  ? -8.335  8.222   -3.814  1.00 18.44 ? 97  GLN A CG  1 
ATOM   747 C CD  . GLN A 1 97  ? -9.520  9.115   -3.615  1.00 22.83 ? 97  GLN A CD  1 
ATOM   748 O OE1 . GLN A 1 97  ? -9.464  10.054  -2.827  1.00 28.05 ? 97  GLN A OE1 1 
ATOM   749 N NE2 . GLN A 1 97  ? -10.620 8.827   -4.323  1.00 14.39 ? 97  GLN A NE2 1 
ATOM   750 N N   . GLN A 1 98  ? -3.878  8.962   -4.486  1.00 17.36 ? 98  GLN A N   1 
ATOM   751 C CA  . GLN A 1 98  ? -2.654  9.686   -4.818  1.00 19.30 ? 98  GLN A CA  1 
ATOM   752 C C   . GLN A 1 98  ? -1.421  9.072   -4.167  1.00 13.31 ? 98  GLN A C   1 
ATOM   753 O O   . GLN A 1 98  ? -1.330  9.028   -2.957  1.00 20.61 ? 98  GLN A O   1 
ATOM   754 C CB  . GLN A 1 98  ? -2.808  11.153  -4.397  1.00 22.21 ? 98  GLN A CB  1 
ATOM   755 C CG  . GLN A 1 98  ? -3.443  11.338  -3.025  1.00 16.69 ? 98  GLN A CG  1 
ATOM   756 C CD  . GLN A 1 98  ? -4.626  12.295  -3.046  1.00 27.53 ? 98  GLN A CD  1 
ATOM   757 O OE1 . GLN A 1 98  ? -5.306  12.468  -4.078  1.00 24.73 ? 98  GLN A OE1 1 
ATOM   758 N NE2 . GLN A 1 98  ? -4.901  12.906  -1.895  1.00 23.42 ? 98  GLN A NE2 1 
ATOM   759 N N   . PRO A 1 99  ? -0.460  8.576   -4.961  1.00 10.41 ? 99  PRO A N   1 
ATOM   760 C CA  . PRO A 1 99  ? 0.734   7.978   -4.348  1.00 6.64  ? 99  PRO A CA  1 
ATOM   761 C C   . PRO A 1 99  ? 1.621   9.023   -3.751  1.00 8.34  ? 99  PRO A C   1 
ATOM   762 O O   . PRO A 1 99  ? 1.878   10.039  -4.387  1.00 25.75 ? 99  PRO A O   1 
ATOM   763 C CB  . PRO A 1 99  ? 1.472   7.345   -5.523  1.00 3.90  ? 99  PRO A CB  1 
ATOM   764 C CG  . PRO A 1 99  ? 0.409   7.172   -6.566  1.00 25.16 ? 99  PRO A CG  1 
ATOM   765 C CD  . PRO A 1 99  ? -0.442  8.408   -6.420  1.00 17.86 ? 99  PRO A CD  1 
ATOM   766 N N   . VAL A 1 100 ? 2.076   8.797   -2.530  1.00 7.01  ? 100 VAL A N   1 
ATOM   767 C CA  . VAL A 1 100 ? 2.998   9.709   -1.899  1.00 3.12  ? 100 VAL A CA  1 
ATOM   768 C C   . VAL A 1 100 ? 4.363   9.227   -2.372  1.00 6.94  ? 100 VAL A C   1 
ATOM   769 O O   . VAL A 1 100 ? 4.981   8.336   -1.784  1.00 11.33 ? 100 VAL A O   1 
ATOM   770 C CB  . VAL A 1 100 ? 2.863   9.665   -0.389  1.00 14.78 ? 100 VAL A CB  1 
ATOM   771 C CG1 . VAL A 1 100 ? 3.939   10.554  0.283   1.00 8.31  ? 100 VAL A CG1 1 
ATOM   772 C CG2 . VAL A 1 100 ? 1.430   10.120  -0.013  1.00 13.77 ? 100 VAL A CG2 1 
ATOM   773 N N   . GLU A 1 101 ? 4.779   9.806   -3.492  1.00 14.83 ? 101 GLU A N   1 
ATOM   774 C CA  . GLU A 1 101 ? 6.023   9.499   -4.181  1.00 11.54 ? 101 GLU A CA  1 
ATOM   775 C C   . GLU A 1 101 ? 7.258   9.791   -3.354  1.00 12.01 ? 101 GLU A C   1 
ATOM   776 O O   . GLU A 1 101 ? 7.337   10.808  -2.662  1.00 8.07  ? 101 GLU A O   1 
ATOM   777 C CB  . GLU A 1 101 ? 6.152   10.352  -5.455  1.00 20.72 ? 101 GLU A CB  1 
ATOM   778 C CG  . GLU A 1 101 ? 4.894   10.588  -6.280  1.00 14.69 ? 101 GLU A CG  1 
ATOM   779 C CD  . GLU A 1 101 ? 4.534   9.406   -7.154  1.00 18.52 ? 101 GLU A CD  1 
ATOM   780 O OE1 . GLU A 1 101 ? 5.194   8.357   -7.065  1.00 21.68 ? 101 GLU A OE1 1 
ATOM   781 O OE2 . GLU A 1 101 ? 3.579   9.526   -7.940  1.00 30.97 ? 101 GLU A OE2 1 
ATOM   782 N N   . ARG A 1 102 ? 8.257   8.943   -3.547  1.00 4.89  ? 102 ARG A N   1 
ATOM   783 C CA  . ARG A 1 102 ? 9.560   9.054   -2.923  1.00 8.64  ? 102 ARG A CA  1 
ATOM   784 C C   . ARG A 1 102 ? 10.164  10.394  -3.415  1.00 17.14 ? 102 ARG A C   1 
ATOM   785 O O   . ARG A 1 102 ? 9.969   10.778  -4.575  1.00 25.47 ? 102 ARG A O   1 
ATOM   786 C CB  . ARG A 1 102 ? 10.382  7.869   -3.422  1.00 10.54 ? 102 ARG A CB  1 
ATOM   787 C CG  . ARG A 1 102 ? 11.456  7.369   -2.492  1.00 21.06 ? 102 ARG A CG  1 
ATOM   788 C CD  . ARG A 1 102 ? 11.899  5.989   -2.940  1.00 11.98 ? 102 ARG A CD  1 
ATOM   789 N NE  . ARG A 1 102 ? 12.088  5.920   -4.386  1.00 27.55 ? 102 ARG A NE  1 
ATOM   790 C CZ  . ARG A 1 102 ? 12.216  4.784   -5.072  1.00 38.80 ? 102 ARG A CZ  1 
ATOM   791 N NH1 . ARG A 1 102 ? 12.194  3.606   -4.443  1.00 37.97 ? 102 ARG A NH1 1 
ATOM   792 N NH2 . ARG A 1 102 ? 12.307  4.815   -6.397  1.00 36.12 ? 102 ARG A NH2 1 
ATOM   793 N N   . LYS A 1 103 ? 10.883  11.117  -2.559  1.00 22.52 ? 103 LYS A N   1 
ATOM   794 C CA  . LYS A 1 103 ? 11.453  12.407  -2.962  1.00 21.05 ? 103 LYS A CA  1 
ATOM   795 C C   . LYS A 1 103 ? 12.742  12.303  -3.764  1.00 19.87 ? 103 LYS A C   1 
ATOM   796 O O   . LYS A 1 103 ? 13.762  11.931  -3.217  1.00 27.18 ? 103 LYS A O   1 
ATOM   797 C CB  . LYS A 1 103 ? 11.656  13.286  -1.736  1.00 13.19 ? 103 LYS A CB  1 
ATOM   798 C CG  . LYS A 1 103 ? 10.555  14.338  -1.531  1.00 28.40 ? 103 LYS A CG  1 
ATOM   799 C CD  . LYS A 1 103 ? 10.769  15.092  -0.211  1.00 32.92 ? 103 LYS A CD  1 
ATOM   800 C CE  . LYS A 1 103 ? 10.544  16.611  -0.326  1.00 31.62 ? 103 LYS A CE  1 
ATOM   801 N NZ  . LYS A 1 103 ? 10.888  17.330  0.956   1.00 32.00 ? 103 LYS A NZ  1 
ATOM   802 N N   . LEU A 1 104 ? 12.693  12.599  -5.061  1.00 23.61 ? 104 LEU A N   1 
ATOM   803 C CA  . LEU A 1 104 ? 13.888  12.522  -5.909  1.00 27.67 ? 104 LEU A CA  1 
ATOM   804 C C   . LEU A 1 104 ? 13.776  13.293  -7.237  1.00 30.03 ? 104 LEU A C   1 
ATOM   805 O O   . LEU A 1 104 ? 14.828  13.680  -7.796  1.00 30.02 ? 104 LEU A O   1 
ATOM   806 C CB  . LEU A 1 104 ? 14.279  11.058  -6.183  1.00 28.54 ? 104 LEU A CB  1 
ATOM   807 C CG  . LEU A 1 104 ? 13.649  10.276  -7.342  1.00 38.12 ? 104 LEU A CG  1 
ATOM   808 C CD1 . LEU A 1 104 ? 14.338  8.911   -7.496  1.00 40.30 ? 104 LEU A CD1 1 
ATOM   809 C CD2 . LEU A 1 104 ? 12.150  10.105  -7.131  1.00 38.69 ? 104 LEU A CD2 1 
ATOM   810 O OXT . LEU A 1 104 ? 12.638  13.514  -7.699  1.00 29.45 ? 104 LEU A OXT 1 
HETATM 811 O O   . HOH B 2 .   ? -4.462  -6.672  6.941   1.00 28.92 ? 105 HOH A O   1 
HETATM 812 O O   . HOH B 2 .   ? -6.862  12.896  -6.507  1.00 26.99 ? 106 HOH A O   1 
HETATM 813 O O   . HOH B 2 .   ? -10.834 -7.161  7.587   1.00 26.38 ? 107 HOH A O   1 
HETATM 814 O O   . HOH B 2 .   ? -4.519  12.424  10.972  1.00 25.25 ? 108 HOH A O   1 
HETATM 815 O O   . HOH B 2 .   ? 9.461   9.225   -8.185  1.00 17.73 ? 109 HOH A O   1 
HETATM 816 O O   . HOH B 2 .   ? -5.713  19.974  3.027   1.00 22.75 ? 110 HOH A O   1 
HETATM 817 O O   . HOH B 2 .   ? -1.904  -2.921  11.965  1.00 20.99 ? 111 HOH A O   1 
HETATM 818 O O   . HOH B 2 .   ? 9.674   -6.119  -12.921 1.00 19.18 ? 112 HOH A O   1 
HETATM 819 O O   . HOH B 2 .   ? 16.912  -2.376  -3.786  1.00 19.48 ? 113 HOH A O   1 
HETATM 820 O O   . HOH B 2 .   ? -2.787  14.371  13.816  1.00 63.61 ? 114 HOH A O   1 
HETATM 821 O O   . HOH B 2 .   ? 3.535   -12.353 -11.694 1.00 34.68 ? 115 HOH A O   1 
HETATM 822 O O   . HOH B 2 .   ? 2.910   8.775   14.724  1.00 8.41  ? 116 HOH A O   1 
HETATM 823 O O   . HOH B 2 .   ? 0.736   2.815   -11.617 1.00 25.32 ? 117 HOH A O   1 
HETATM 824 O O   . HOH B 2 .   ? -12.677 13.376  6.478   1.00 46.21 ? 118 HOH A O   1 
HETATM 825 O O   . HOH B 2 .   ? -6.891  15.930  4.889   1.00 28.00 ? 119 HOH A O   1 
HETATM 826 O O   . HOH B 2 .   ? -0.115  -6.981  -15.471 1.00 32.61 ? 120 HOH A O   1 
HETATM 827 O O   . HOH B 2 .   ? -13.574 9.798   -2.842  1.00 22.32 ? 121 HOH A O   1 
HETATM 828 O O   . HOH B 2 .   ? 3.216   2.655   -10.848 1.00 30.28 ? 122 HOH A O   1 
HETATM 829 O O   . HOH B 2 .   ? 3.425   -10.691 -0.188  1.00 30.58 ? 123 HOH A O   1 
HETATM 830 O O   . HOH B 2 .   ? -6.789  -9.835  2.843   1.00 48.64 ? 124 HOH A O   1 
HETATM 831 O O   . HOH B 2 .   ? -11.800 5.224   -5.893  1.00 20.58 ? 125 HOH A O   1 
HETATM 832 O O   . HOH B 2 .   ? 13.106  -6.583  -6.720  1.00 10.74 ? 126 HOH A O   1 
HETATM 833 O O   . HOH B 2 .   ? -5.600  5.981   0.450   1.00 21.79 ? 127 HOH A O   1 
HETATM 834 O O   . HOH B 2 .   ? 0.310   4.849   -9.188  1.00 13.05 ? 128 HOH A O   1 
HETATM 835 O O   . HOH B 2 .   ? 1.195   -5.032  -13.795 1.00 34.53 ? 129 HOH A O   1 
HETATM 836 O O   . HOH B 2 .   ? -5.939  -1.631  11.049  1.00 37.64 ? 130 HOH A O   1 
HETATM 837 O O   . HOH B 2 .   ? -3.404  -11.378 -11.262 1.00 48.83 ? 131 HOH A O   1 
HETATM 838 O O   . HOH B 2 .   ? -15.622 -5.703  -1.373  1.00 51.21 ? 132 HOH A O   1 
HETATM 839 O O   . HOH B 2 .   ? 7.254   15.259  4.410   1.00 13.81 ? 133 HOH A O   1 
HETATM 840 O O   . HOH B 2 .   ? -16.646 0.806   -3.891  1.00 43.85 ? 134 HOH A O   1 
HETATM 841 O O   . HOH B 2 .   ? -18.390 -5.594  2.869   1.00 22.67 ? 135 HOH A O   1 
HETATM 842 O O   . HOH B 2 .   ? 7.772   1.958   14.597  1.00 36.28 ? 136 HOH A O   1 
HETATM 843 O O   . HOH B 2 .   ? 3.264   -16.711 4.364   1.00 27.05 ? 137 HOH A O   1 
HETATM 844 O O   . HOH B 2 .   ? 18.048  -3.991  -13.393 1.00 30.15 ? 138 HOH A O   1 
HETATM 845 O O   . HOH B 2 .   ? 7.042   10.278  17.048  1.00 16.71 ? 139 HOH A O   1 
HETATM 846 O O   . HOH B 2 .   ? 7.212   -8.293  12.564  1.00 43.94 ? 140 HOH A O   1 
HETATM 847 O O   . HOH B 2 .   ? 6.775   -11.771 -2.205  1.00 28.46 ? 141 HOH A O   1 
HETATM 848 O O   . HOH B 2 .   ? 5.543   13.846  -1.381  1.00 22.37 ? 142 HOH A O   1 
HETATM 849 O O   . HOH B 2 .   ? 14.364  -9.136  -7.855  1.00 38.66 ? 143 HOH A O   1 
HETATM 850 O O   . HOH B 2 .   ? 0.746   10.245  16.896  1.00 30.02 ? 144 HOH A O   1 
HETATM 851 O O   . HOH B 2 .   ? -8.463  6.015   -7.373  1.00 41.71 ? 145 HOH A O   1 
HETATM 852 O O   . HOH B 2 .   ? 3.120   11.111  12.791  1.00 25.67 ? 146 HOH A O   1 
HETATM 853 O O   . HOH B 2 .   ? 10.040  -9.568  -2.350  1.00 26.16 ? 147 HOH A O   1 
HETATM 854 O O   . HOH B 2 .   ? 7.544   -12.082 13.398  1.00 40.29 ? 148 HOH A O   1 
HETATM 855 O O   . HOH B 2 .   ? -4.377  1.011   11.564  1.00 20.14 ? 149 HOH A O   1 
HETATM 856 O O   . HOH B 2 .   ? 1.440   10.809  -9.538  1.00 16.95 ? 150 HOH A O   1 
HETATM 857 O O   . HOH B 2 .   ? 15.745  1.863   -7.981  1.00 42.15 ? 151 HOH A O   1 
HETATM 858 O O   . HOH B 2 .   ? -13.531 7.627   11.262  1.00 20.71 ? 152 HOH A O   1 
HETATM 859 O O   . HOH B 2 .   ? 2.878   -19.274 -3.391  1.00 27.54 ? 153 HOH A O   1 
HETATM 860 O O   . HOH B 2 .   ? -7.923  15.123  12.058  1.00 21.84 ? 154 HOH A O   1 
HETATM 861 O O   . HOH B 2 .   ? 11.415  7.109   -8.123  1.00 26.71 ? 155 HOH A O   1 
HETATM 862 O O   . HOH B 2 .   ? -9.952  -13.906 -0.457  1.00 24.62 ? 156 HOH A O   1 
HETATM 863 O O   . HOH B 2 .   ? -12.681 -2.364  10.275  1.00 21.82 ? 157 HOH A O   1 
HETATM 864 O O   . HOH B 2 .   ? 1.827   -18.618 0.864   1.00 31.04 ? 158 HOH A O   1 
HETATM 865 O O   . HOH B 2 .   ? 15.344  -12.669 -8.279  1.00 23.18 ? 159 HOH A O   1 
HETATM 866 O O   . HOH B 2 .   ? -15.171 3.715   -7.589  1.00 30.05 ? 160 HOH A O   1 
HETATM 867 O O   . HOH B 2 .   ? -5.516  -2.291  -14.562 1.00 25.97 ? 161 HOH A O   1 
HETATM 868 O O   . HOH B 2 .   ? 18.241  -3.759  2.300   1.00 11.80 ? 162 HOH A O   1 
HETATM 869 O O   . HOH B 2 .   ? -7.672  -7.254  6.449   1.00 31.66 ? 163 HOH A O   1 
HETATM 870 O O   . HOH B 2 .   ? 0.745   -17.082 5.095   1.00 26.26 ? 164 HOH A O   1 
HETATM 871 O O   . HOH B 2 .   ? 12.462  -10.935 15.205  1.00 22.37 ? 165 HOH A O   1 
HETATM 872 O O   . HOH B 2 .   ? -0.955  8.823   19.819  1.00 43.37 ? 166 HOH A O   1 
HETATM 873 O O   . HOH B 2 .   ? 6.409   -12.047 -7.826  1.00 23.49 ? 167 HOH A O   1 
HETATM 874 O O   . HOH B 2 .   ? -18.374 8.374   1.281   1.00 29.39 ? 168 HOH A O   1 
HETATM 875 O O   . HOH B 2 .   ? 4.492   -19.060 -5.429  1.00 69.07 ? 169 HOH A O   1 
HETATM 876 O O   . HOH B 2 .   ? -10.932 4.972   -14.913 1.00 37.34 ? 170 HOH A O   1 
HETATM 877 O O   . HOH B 2 .   ? 12.514  5.216   -9.769  1.00 30.36 ? 171 HOH A O   1 
HETATM 878 O O   . HOH B 2 .   ? 5.593   -6.028  -12.239 1.00 29.62 ? 172 HOH A O   1 
HETATM 879 O O   . HOH B 2 .   ? -12.464 -8.158  -6.412  1.00 34.71 ? 173 HOH A O   1 
HETATM 880 O O   . HOH B 2 .   ? 0.204   13.780  -1.993  1.00 48.13 ? 174 HOH A O   1 
HETATM 881 O O   . HOH B 2 .   ? -4.245  -8.489  2.018   1.00 47.63 ? 175 HOH A O   1 
HETATM 882 O O   . HOH B 2 .   ? 6.890   -8.709  -7.931  1.00 57.93 ? 176 HOH A O   1 
HETATM 883 O O   . HOH B 2 .   ? 2.261   -7.167  -10.310 1.00 38.97 ? 177 HOH A O   1 
HETATM 884 O O   . HOH B 2 .   ? -3.184  -10.579 -14.494 1.00 35.21 ? 178 HOH A O   1 
HETATM 885 O O   . HOH B 2 .   ? 3.519   7.116   -9.257  1.00 34.37 ? 179 HOH A O   1 
HETATM 886 O O   . HOH B 2 .   ? -8.711  12.955  -3.249  1.00 34.18 ? 180 HOH A O   1 
HETATM 887 O O   . HOH B 2 .   ? 9.100   6.080   13.353  1.00 34.18 ? 181 HOH A O   1 
HETATM 888 O O   . HOH B 2 .   ? 17.225  -5.491  -11.257 1.00 19.79 ? 182 HOH A O   1 
HETATM 889 O O   . HOH B 2 .   ? 1.150   11.383  -6.599  1.00 30.77 ? 183 HOH A O   1 
HETATM 890 O O   . HOH B 2 .   ? 11.578  9.679   -0.244  1.00 26.84 ? 184 HOH A O   1 
HETATM 891 O O   . HOH B 2 .   ? 2.323   4.559   14.298  1.00 34.77 ? 185 HOH A O   1 
HETATM 892 O O   . HOH B 2 .   ? -14.708 11.112  7.141   1.00 28.44 ? 186 HOH A O   1 
HETATM 893 O O   . HOH B 2 .   ? 7.454   -0.990  7.415   1.00 33.75 ? 187 HOH A O   1 
HETATM 894 O O   . HOH B 2 .   ? 4.738   12.508  -3.770  1.00 20.71 ? 188 HOH A O   1 
HETATM 895 O O   . HOH B 2 .   ? -15.530 -5.146  4.549   1.00 41.94 ? 189 HOH A O   1 
# 
